data_2GW5
# 
_entry.id   2GW5 
# 
_audit_conform.dict_name       mmcif_pdbx.dic 
_audit_conform.dict_version    5.397 
_audit_conform.dict_location   http://mmcif.pdb.org/dictionaries/ascii/mmcif_pdbx.dic 
# 
loop_
_database_2.database_id 
_database_2.database_code 
_database_2.pdbx_database_accession 
_database_2.pdbx_DOI 
PDB   2GW5         pdb_00002gw5 10.2210/pdb2gw5/pdb 
RCSB  RCSB037621   ?            ?                   
WWPDB D_1000037621 ?            ?                   
# 
loop_
_pdbx_audit_revision_history.ordinal 
_pdbx_audit_revision_history.data_content_type 
_pdbx_audit_revision_history.major_revision 
_pdbx_audit_revision_history.minor_revision 
_pdbx_audit_revision_history.revision_date 
1 'Structure model' 1 0 2006-06-20 
2 'Structure model' 1 1 2008-05-01 
3 'Structure model' 1 2 2011-07-13 
4 'Structure model' 1 3 2018-02-14 
5 'Structure model' 1 4 2023-08-30 
6 'Structure model' 1 5 2023-12-06 
7 'Structure model' 1 6 2024-10-16 
# 
_pdbx_audit_revision_details.ordinal             1 
_pdbx_audit_revision_details.revision_ordinal    1 
_pdbx_audit_revision_details.data_content_type   'Structure model' 
_pdbx_audit_revision_details.provider            repository 
_pdbx_audit_revision_details.type                'Initial release' 
_pdbx_audit_revision_details.description         ? 
_pdbx_audit_revision_details.details             ? 
# 
loop_
_pdbx_audit_revision_group.ordinal 
_pdbx_audit_revision_group.revision_ordinal 
_pdbx_audit_revision_group.data_content_type 
_pdbx_audit_revision_group.group 
1 2 'Structure model' 'Version format compliance' 
2 3 'Structure model' 'Version format compliance' 
3 4 'Structure model' 'Experimental preparation'  
4 5 'Structure model' 'Data collection'           
5 5 'Structure model' 'Database references'       
6 5 'Structure model' 'Derived calculations'      
7 5 'Structure model' 'Refinement description'    
8 6 'Structure model' 'Derived calculations'      
9 7 'Structure model' 'Structure summary'         
# 
loop_
_pdbx_audit_revision_category.ordinal 
_pdbx_audit_revision_category.revision_ordinal 
_pdbx_audit_revision_category.data_content_type 
_pdbx_audit_revision_category.category 
1  4 'Structure model' exptl_crystal_grow            
2  5 'Structure model' chem_comp_atom                
3  5 'Structure model' chem_comp_bond                
4  5 'Structure model' database_2                    
5  5 'Structure model' pdbx_initial_refinement_model 
6  5 'Structure model' struct_conn                   
7  5 'Structure model' struct_site                   
8  6 'Structure model' struct_conn                   
9  6 'Structure model' struct_conn_type              
10 7 'Structure model' pdbx_entry_details            
11 7 'Structure model' pdbx_modification_feature     
# 
loop_
_pdbx_audit_revision_item.ordinal 
_pdbx_audit_revision_item.revision_ordinal 
_pdbx_audit_revision_item.data_content_type 
_pdbx_audit_revision_item.item 
1 4 'Structure model' '_exptl_crystal_grow.pdbx_details'    
2 4 'Structure model' '_exptl_crystal_grow.temp'            
3 5 'Structure model' '_database_2.pdbx_DOI'                
4 5 'Structure model' '_database_2.pdbx_database_accession' 
5 5 'Structure model' '_struct_conn.pdbx_leaving_atom_flag' 
6 5 'Structure model' '_struct_site.pdbx_auth_asym_id'      
7 5 'Structure model' '_struct_site.pdbx_auth_comp_id'      
8 5 'Structure model' '_struct_site.pdbx_auth_seq_id'       
# 
_pdbx_database_status.status_code                     REL 
_pdbx_database_status.entry_id                        2GW5 
_pdbx_database_status.recvd_initial_deposition_date   2006-05-03 
_pdbx_database_status.deposit_site                    RCSB 
_pdbx_database_status.process_site                    RCSB 
_pdbx_database_status.status_code_sf                  REL 
_pdbx_database_status.status_code_mr                  ? 
_pdbx_database_status.SG_entry                        ? 
_pdbx_database_status.status_code_cs                  ? 
_pdbx_database_status.pdb_format_compatible           Y 
_pdbx_database_status.methods_development_category    ? 
_pdbx_database_status.status_code_nmr_data            ? 
# 
loop_
_audit_author.name 
_audit_author.pdbx_ordinal 
'Willcox, B.E.'  1 
'Thomas, L.M.'   2 
'Chapman, T.L.'  3 
'Heikema, A.P.'  4 
'West, A.P.'     5 
'Bjorkman, P.J.' 6 
# 
_citation.id                        primary 
_citation.title                     
;Crystal structure of LIR-2 (ILT4) at 1.8 A: differences from LIR-1 (ILT2) in regions implicated in the binding of the Human Cytomegalovirus class I MHC homolog UL18.
;
_citation.journal_abbrev            'Bmc Struct.Biol.' 
_citation.journal_volume            2 
_citation.page_first                6 
_citation.page_last                 6 
_citation.year                      2002 
_citation.journal_id_ASTM           ? 
_citation.country                   UK 
_citation.journal_id_ISSN           1472-6807 
_citation.journal_id_CSD            ? 
_citation.book_publisher            ? 
_citation.pdbx_database_id_PubMed   12390682 
_citation.pdbx_database_id_DOI      10.1186/1472-6807-2-6 
# 
loop_
_citation_author.citation_id 
_citation_author.name 
_citation_author.ordinal 
_citation_author.identifier_ORCID 
primary 'Willcox, B.E.'  1 ? 
primary 'Thomas, L.M.'   2 ? 
primary 'Chapman, T.L.'  3 ? 
primary 'Heikema, A.P.'  4 ? 
primary 'West, A.P.'     5 ? 
primary 'Bjorkman, P.J.' 6 ? 
# 
loop_
_entity.id 
_entity.type 
_entity.src_method 
_entity.pdbx_description 
_entity.formula_weight 
_entity.pdbx_number_of_molecules 
_entity.pdbx_ec 
_entity.pdbx_mutation 
_entity.pdbx_fragment 
_entity.details 
1 polymer     man 'Leukocyte immunoglobulin-like receptor subfamily B member 2 precursor' 21934.693 1   ? ? 
'N-terminal Domains 1 and 2' ? 
2 non-polymer syn 'ISOPROPYL ALCOHOL'                                                     60.095    1   ? ? ? ? 
3 water       nat water                                                                   18.015    145 ? ? ? ? 
# 
_entity_name_com.entity_id   1 
_entity_name_com.name        
;Leukocyte immunoglobulin-like receptor 2, LIR-2, Immunoglobulin- like transcript 4, ILT-4, Monocyte/macrophage immunoglobulin-like receptor 10, MIR-10, CD85d antigen
;
# 
_entity_poly.entity_id                      1 
_entity_poly.type                           'polypeptide(L)' 
_entity_poly.nstd_linkage                   no 
_entity_poly.nstd_monomer                   no 
_entity_poly.pdbx_seq_one_letter_code       
;GTIPKPTLWAEPDSVITQGSPVTLSCQGSLEAQEYRLYREKKSASWITRIRPELVKNGQFHIPSITWEHTGRYGCQYYSR
ARWSELSDPLVLVMTGAYPKPTLSAQPSPVVTSGGRVTLQCESQVAFGGFILCKEGEDEHPQCLNSQPHARGSSRAIFSV
GPVSPNRRWSHRCYGYDLNSPYVWSSPSDLLELLVPG
;
_entity_poly.pdbx_seq_one_letter_code_can   
;GTIPKPTLWAEPDSVITQGSPVTLSCQGSLEAQEYRLYREKKSASWITRIRPELVKNGQFHIPSITWEHTGRYGCQYYSR
ARWSELSDPLVLVMTGAYPKPTLSAQPSPVVTSGGRVTLQCESQVAFGGFILCKEGEDEHPQCLNSQPHARGSSRAIFSV
GPVSPNRRWSHRCYGYDLNSPYVWSSPSDLLELLVPG
;
_entity_poly.pdbx_strand_id                 A 
_entity_poly.pdbx_target_identifier         ? 
# 
loop_
_pdbx_entity_nonpoly.entity_id 
_pdbx_entity_nonpoly.name 
_pdbx_entity_nonpoly.comp_id 
2 'ISOPROPYL ALCOHOL' IPA 
3 water               HOH 
# 
loop_
_entity_poly_seq.entity_id 
_entity_poly_seq.num 
_entity_poly_seq.mon_id 
_entity_poly_seq.hetero 
1 1   GLY n 
1 2   THR n 
1 3   ILE n 
1 4   PRO n 
1 5   LYS n 
1 6   PRO n 
1 7   THR n 
1 8   LEU n 
1 9   TRP n 
1 10  ALA n 
1 11  GLU n 
1 12  PRO n 
1 13  ASP n 
1 14  SER n 
1 15  VAL n 
1 16  ILE n 
1 17  THR n 
1 18  GLN n 
1 19  GLY n 
1 20  SER n 
1 21  PRO n 
1 22  VAL n 
1 23  THR n 
1 24  LEU n 
1 25  SER n 
1 26  CYS n 
1 27  GLN n 
1 28  GLY n 
1 29  SER n 
1 30  LEU n 
1 31  GLU n 
1 32  ALA n 
1 33  GLN n 
1 34  GLU n 
1 35  TYR n 
1 36  ARG n 
1 37  LEU n 
1 38  TYR n 
1 39  ARG n 
1 40  GLU n 
1 41  LYS n 
1 42  LYS n 
1 43  SER n 
1 44  ALA n 
1 45  SER n 
1 46  TRP n 
1 47  ILE n 
1 48  THR n 
1 49  ARG n 
1 50  ILE n 
1 51  ARG n 
1 52  PRO n 
1 53  GLU n 
1 54  LEU n 
1 55  VAL n 
1 56  LYS n 
1 57  ASN n 
1 58  GLY n 
1 59  GLN n 
1 60  PHE n 
1 61  HIS n 
1 62  ILE n 
1 63  PRO n 
1 64  SER n 
1 65  ILE n 
1 66  THR n 
1 67  TRP n 
1 68  GLU n 
1 69  HIS n 
1 70  THR n 
1 71  GLY n 
1 72  ARG n 
1 73  TYR n 
1 74  GLY n 
1 75  CYS n 
1 76  GLN n 
1 77  TYR n 
1 78  TYR n 
1 79  SER n 
1 80  ARG n 
1 81  ALA n 
1 82  ARG n 
1 83  TRP n 
1 84  SER n 
1 85  GLU n 
1 86  LEU n 
1 87  SER n 
1 88  ASP n 
1 89  PRO n 
1 90  LEU n 
1 91  VAL n 
1 92  LEU n 
1 93  VAL n 
1 94  MET n 
1 95  THR n 
1 96  GLY n 
1 97  ALA n 
1 98  TYR n 
1 99  PRO n 
1 100 LYS n 
1 101 PRO n 
1 102 THR n 
1 103 LEU n 
1 104 SER n 
1 105 ALA n 
1 106 GLN n 
1 107 PRO n 
1 108 SER n 
1 109 PRO n 
1 110 VAL n 
1 111 VAL n 
1 112 THR n 
1 113 SER n 
1 114 GLY n 
1 115 GLY n 
1 116 ARG n 
1 117 VAL n 
1 118 THR n 
1 119 LEU n 
1 120 GLN n 
1 121 CYS n 
1 122 GLU n 
1 123 SER n 
1 124 GLN n 
1 125 VAL n 
1 126 ALA n 
1 127 PHE n 
1 128 GLY n 
1 129 GLY n 
1 130 PHE n 
1 131 ILE n 
1 132 LEU n 
1 133 CYS n 
1 134 LYS n 
1 135 GLU n 
1 136 GLY n 
1 137 GLU n 
1 138 ASP n 
1 139 GLU n 
1 140 HIS n 
1 141 PRO n 
1 142 GLN n 
1 143 CYS n 
1 144 LEU n 
1 145 ASN n 
1 146 SER n 
1 147 GLN n 
1 148 PRO n 
1 149 HIS n 
1 150 ALA n 
1 151 ARG n 
1 152 GLY n 
1 153 SER n 
1 154 SER n 
1 155 ARG n 
1 156 ALA n 
1 157 ILE n 
1 158 PHE n 
1 159 SER n 
1 160 VAL n 
1 161 GLY n 
1 162 PRO n 
1 163 VAL n 
1 164 SER n 
1 165 PRO n 
1 166 ASN n 
1 167 ARG n 
1 168 ARG n 
1 169 TRP n 
1 170 SER n 
1 171 HIS n 
1 172 ARG n 
1 173 CYS n 
1 174 TYR n 
1 175 GLY n 
1 176 TYR n 
1 177 ASP n 
1 178 LEU n 
1 179 ASN n 
1 180 SER n 
1 181 PRO n 
1 182 TYR n 
1 183 VAL n 
1 184 TRP n 
1 185 SER n 
1 186 SER n 
1 187 PRO n 
1 188 SER n 
1 189 ASP n 
1 190 LEU n 
1 191 LEU n 
1 192 GLU n 
1 193 LEU n 
1 194 LEU n 
1 195 VAL n 
1 196 PRO n 
1 197 GLY n 
# 
_entity_src_gen.entity_id                          1 
_entity_src_gen.pdbx_src_id                        1 
_entity_src_gen.pdbx_alt_source_flag               sample 
_entity_src_gen.pdbx_seq_type                      ? 
_entity_src_gen.pdbx_beg_seq_num                   ? 
_entity_src_gen.pdbx_end_seq_num                   ? 
_entity_src_gen.gene_src_common_name               human 
_entity_src_gen.gene_src_genus                     Homo 
_entity_src_gen.pdbx_gene_src_gene                 LILRB2 
_entity_src_gen.gene_src_species                   ? 
_entity_src_gen.gene_src_strain                    ? 
_entity_src_gen.gene_src_tissue                    ? 
_entity_src_gen.gene_src_tissue_fraction           ? 
_entity_src_gen.gene_src_details                   ? 
_entity_src_gen.pdbx_gene_src_fragment             ? 
_entity_src_gen.pdbx_gene_src_scientific_name      'Homo sapiens' 
_entity_src_gen.pdbx_gene_src_ncbi_taxonomy_id     9606 
_entity_src_gen.pdbx_gene_src_variant              ? 
_entity_src_gen.pdbx_gene_src_cell_line            ? 
_entity_src_gen.pdbx_gene_src_atcc                 ? 
_entity_src_gen.pdbx_gene_src_organ                ? 
_entity_src_gen.pdbx_gene_src_organelle            ? 
_entity_src_gen.pdbx_gene_src_cell                 ? 
_entity_src_gen.pdbx_gene_src_cellular_location    ? 
_entity_src_gen.host_org_common_name               ? 
_entity_src_gen.pdbx_host_org_scientific_name      'Escherichia coli' 
_entity_src_gen.pdbx_host_org_ncbi_taxonomy_id     562 
_entity_src_gen.host_org_genus                     Escherichia 
_entity_src_gen.pdbx_host_org_gene                 ? 
_entity_src_gen.pdbx_host_org_organ                ? 
_entity_src_gen.host_org_species                   ? 
_entity_src_gen.pdbx_host_org_tissue               ? 
_entity_src_gen.pdbx_host_org_tissue_fraction      ? 
_entity_src_gen.pdbx_host_org_strain               ? 
_entity_src_gen.pdbx_host_org_variant              ? 
_entity_src_gen.pdbx_host_org_cell_line            ? 
_entity_src_gen.pdbx_host_org_atcc                 ? 
_entity_src_gen.pdbx_host_org_culture_collection   ? 
_entity_src_gen.pdbx_host_org_cell                 ? 
_entity_src_gen.pdbx_host_org_organelle            ? 
_entity_src_gen.pdbx_host_org_cellular_location    ? 
_entity_src_gen.pdbx_host_org_vector_type          ? 
_entity_src_gen.pdbx_host_org_vector               ? 
_entity_src_gen.host_org_details                   ? 
_entity_src_gen.expression_system_id               ? 
_entity_src_gen.plasmid_name                       ? 
_entity_src_gen.plasmid_details                    ? 
_entity_src_gen.pdbx_description                   ? 
# 
loop_
_chem_comp.id 
_chem_comp.type 
_chem_comp.mon_nstd_flag 
_chem_comp.name 
_chem_comp.pdbx_synonyms 
_chem_comp.formula 
_chem_comp.formula_weight 
ALA 'L-peptide linking' y ALANINE             ?          'C3 H7 N O2'     89.093  
ARG 'L-peptide linking' y ARGININE            ?          'C6 H15 N4 O2 1' 175.209 
ASN 'L-peptide linking' y ASPARAGINE          ?          'C4 H8 N2 O3'    132.118 
ASP 'L-peptide linking' y 'ASPARTIC ACID'     ?          'C4 H7 N O4'     133.103 
CYS 'L-peptide linking' y CYSTEINE            ?          'C3 H7 N O2 S'   121.158 
GLN 'L-peptide linking' y GLUTAMINE           ?          'C5 H10 N2 O3'   146.144 
GLU 'L-peptide linking' y 'GLUTAMIC ACID'     ?          'C5 H9 N O4'     147.129 
GLY 'peptide linking'   y GLYCINE             ?          'C2 H5 N O2'     75.067  
HIS 'L-peptide linking' y HISTIDINE           ?          'C6 H10 N3 O2 1' 156.162 
HOH non-polymer         . WATER               ?          'H2 O'           18.015  
ILE 'L-peptide linking' y ISOLEUCINE          ?          'C6 H13 N O2'    131.173 
IPA non-polymer         . 'ISOPROPYL ALCOHOL' 2-PROPANOL 'C3 H8 O'        60.095  
LEU 'L-peptide linking' y LEUCINE             ?          'C6 H13 N O2'    131.173 
LYS 'L-peptide linking' y LYSINE              ?          'C6 H15 N2 O2 1' 147.195 
MET 'L-peptide linking' y METHIONINE          ?          'C5 H11 N O2 S'  149.211 
PHE 'L-peptide linking' y PHENYLALANINE       ?          'C9 H11 N O2'    165.189 
PRO 'L-peptide linking' y PROLINE             ?          'C5 H9 N O2'     115.130 
SER 'L-peptide linking' y SERINE              ?          'C3 H7 N O3'     105.093 
THR 'L-peptide linking' y THREONINE           ?          'C4 H9 N O3'     119.119 
TRP 'L-peptide linking' y TRYPTOPHAN          ?          'C11 H12 N2 O2'  204.225 
TYR 'L-peptide linking' y TYROSINE            ?          'C9 H11 N O3'    181.189 
VAL 'L-peptide linking' y VALINE              ?          'C5 H11 N O2'    117.146 
# 
loop_
_pdbx_poly_seq_scheme.asym_id 
_pdbx_poly_seq_scheme.entity_id 
_pdbx_poly_seq_scheme.seq_id 
_pdbx_poly_seq_scheme.mon_id 
_pdbx_poly_seq_scheme.ndb_seq_num 
_pdbx_poly_seq_scheme.pdb_seq_num 
_pdbx_poly_seq_scheme.auth_seq_num 
_pdbx_poly_seq_scheme.pdb_mon_id 
_pdbx_poly_seq_scheme.auth_mon_id 
_pdbx_poly_seq_scheme.pdb_strand_id 
_pdbx_poly_seq_scheme.pdb_ins_code 
_pdbx_poly_seq_scheme.hetero 
A 1 1   GLY 1   1   ?   ?   ?   A . n 
A 1 2   THR 2   2   ?   ?   ?   A . n 
A 1 3   ILE 3   3   3   ILE ILE A . n 
A 1 4   PRO 4   4   4   PRO PRO A . n 
A 1 5   LYS 5   5   5   LYS LYS A . n 
A 1 6   PRO 6   6   6   PRO PRO A . n 
A 1 7   THR 7   7   7   THR THR A . n 
A 1 8   LEU 8   8   8   LEU LEU A . n 
A 1 9   TRP 9   9   9   TRP TRP A . n 
A 1 10  ALA 10  10  10  ALA ALA A . n 
A 1 11  GLU 11  11  11  GLU GLU A . n 
A 1 12  PRO 12  12  12  PRO PRO A . n 
A 1 13  ASP 13  13  13  ASP ASP A . n 
A 1 14  SER 14  14  14  SER SER A . n 
A 1 15  VAL 15  15  15  VAL VAL A . n 
A 1 16  ILE 16  16  16  ILE ILE A . n 
A 1 17  THR 17  17  17  THR THR A . n 
A 1 18  GLN 18  18  18  GLN GLN A . n 
A 1 19  GLY 19  19  19  GLY GLY A . n 
A 1 20  SER 20  20  20  SER SER A . n 
A 1 21  PRO 21  21  21  PRO PRO A . n 
A 1 22  VAL 22  22  22  VAL VAL A . n 
A 1 23  THR 23  23  23  THR THR A . n 
A 1 24  LEU 24  24  24  LEU LEU A . n 
A 1 25  SER 25  25  25  SER SER A . n 
A 1 26  CYS 26  26  26  CYS CYS A . n 
A 1 27  GLN 27  27  27  GLN GLN A . n 
A 1 28  GLY 28  28  28  GLY GLY A . n 
A 1 29  SER 29  29  29  SER SER A . n 
A 1 30  LEU 30  30  30  LEU LEU A . n 
A 1 31  GLU 31  31  31  GLU GLU A . n 
A 1 32  ALA 32  32  32  ALA ALA A . n 
A 1 33  GLN 33  33  33  GLN GLN A . n 
A 1 34  GLU 34  34  34  GLU GLU A . n 
A 1 35  TYR 35  35  35  TYR TYR A . n 
A 1 36  ARG 36  36  36  ARG ARG A . n 
A 1 37  LEU 37  37  37  LEU LEU A . n 
A 1 38  TYR 38  38  38  TYR TYR A . n 
A 1 39  ARG 39  39  39  ARG ARG A . n 
A 1 40  GLU 40  40  40  GLU GLU A . n 
A 1 41  LYS 41  41  41  LYS LYS A . n 
A 1 42  LYS 42  42  ?   ?   ?   A . n 
A 1 43  SER 43  43  ?   ?   ?   A . n 
A 1 44  ALA 44  44  ?   ?   ?   A . n 
A 1 45  SER 45  45  ?   ?   ?   A . n 
A 1 46  TRP 46  46  ?   ?   ?   A . n 
A 1 47  ILE 47  47  47  ILE ILE A . n 
A 1 48  THR 48  48  48  THR THR A . n 
A 1 49  ARG 49  49  49  ARG ARG A . n 
A 1 50  ILE 50  50  50  ILE ILE A . n 
A 1 51  ARG 51  51  51  ARG ARG A . n 
A 1 52  PRO 52  52  52  PRO PRO A . n 
A 1 53  GLU 53  53  53  GLU GLU A . n 
A 1 54  LEU 54  54  54  LEU LEU A . n 
A 1 55  VAL 55  55  55  VAL VAL A . n 
A 1 56  LYS 56  56  56  LYS LYS A . n 
A 1 57  ASN 57  57  57  ASN ASN A . n 
A 1 58  GLY 58  58  58  GLY GLY A . n 
A 1 59  GLN 59  59  59  GLN GLN A . n 
A 1 60  PHE 60  60  60  PHE PHE A . n 
A 1 61  HIS 61  61  61  HIS HIS A . n 
A 1 62  ILE 62  62  62  ILE ILE A . n 
A 1 63  PRO 63  63  63  PRO PRO A . n 
A 1 64  SER 64  64  64  SER SER A . n 
A 1 65  ILE 65  65  65  ILE ILE A . n 
A 1 66  THR 66  66  66  THR THR A . n 
A 1 67  TRP 67  67  67  TRP TRP A . n 
A 1 68  GLU 68  68  68  GLU GLU A . n 
A 1 69  HIS 69  69  69  HIS HIS A . n 
A 1 70  THR 70  70  70  THR THR A . n 
A 1 71  GLY 71  71  71  GLY GLY A . n 
A 1 72  ARG 72  72  72  ARG ARG A . n 
A 1 73  TYR 73  73  73  TYR TYR A . n 
A 1 74  GLY 74  74  74  GLY GLY A . n 
A 1 75  CYS 75  75  75  CYS CYS A . n 
A 1 76  GLN 76  76  76  GLN GLN A . n 
A 1 77  TYR 77  77  77  TYR TYR A . n 
A 1 78  TYR 78  78  78  TYR TYR A . n 
A 1 79  SER 79  79  79  SER SER A . n 
A 1 80  ARG 80  80  80  ARG ARG A . n 
A 1 81  ALA 81  81  81  ALA ALA A . n 
A 1 82  ARG 82  82  82  ARG ARG A . n 
A 1 83  TRP 83  84  84  TRP TRP A . n 
A 1 84  SER 84  85  85  SER SER A . n 
A 1 85  GLU 85  86  86  GLU GLU A . n 
A 1 86  LEU 86  87  87  LEU LEU A . n 
A 1 87  SER 87  88  88  SER SER A . n 
A 1 88  ASP 88  89  89  ASP ASP A . n 
A 1 89  PRO 89  90  90  PRO PRO A . n 
A 1 90  LEU 90  91  91  LEU LEU A . n 
A 1 91  VAL 91  92  92  VAL VAL A . n 
A 1 92  LEU 92  93  93  LEU LEU A . n 
A 1 93  VAL 93  94  94  VAL VAL A . n 
A 1 94  MET 94  95  95  MET MET A . n 
A 1 95  THR 95  96  96  THR THR A . n 
A 1 96  GLY 96  97  97  GLY GLY A . n 
A 1 97  ALA 97  98  98  ALA ALA A . n 
A 1 98  TYR 98  99  99  TYR TYR A . n 
A 1 99  PRO 99  100 100 PRO PRO A . n 
A 1 100 LYS 100 101 101 LYS LYS A . n 
A 1 101 PRO 101 102 102 PRO PRO A . n 
A 1 102 THR 102 103 103 THR THR A . n 
A 1 103 LEU 103 104 104 LEU LEU A . n 
A 1 104 SER 104 105 105 SER SER A . n 
A 1 105 ALA 105 106 106 ALA ALA A . n 
A 1 106 GLN 106 107 107 GLN GLN A . n 
A 1 107 PRO 107 108 108 PRO PRO A . n 
A 1 108 SER 108 109 109 SER SER A . n 
A 1 109 PRO 109 110 110 PRO PRO A . n 
A 1 110 VAL 110 111 111 VAL VAL A . n 
A 1 111 VAL 111 112 112 VAL VAL A . n 
A 1 112 THR 112 113 113 THR THR A . n 
A 1 113 SER 113 114 114 SER SER A . n 
A 1 114 GLY 114 115 115 GLY GLY A . n 
A 1 115 GLY 115 116 116 GLY GLY A . n 
A 1 116 ARG 116 117 117 ARG ARG A . n 
A 1 117 VAL 117 118 118 VAL VAL A . n 
A 1 118 THR 118 119 119 THR THR A . n 
A 1 119 LEU 119 120 120 LEU LEU A . n 
A 1 120 GLN 120 121 121 GLN GLN A . n 
A 1 121 CYS 121 122 122 CYS CYS A . n 
A 1 122 GLU 122 123 123 GLU GLU A . n 
A 1 123 SER 123 124 124 SER SER A . n 
A 1 124 GLN 124 125 125 GLN GLN A . n 
A 1 125 VAL 125 126 126 VAL VAL A . n 
A 1 126 ALA 126 127 127 ALA ALA A . n 
A 1 127 PHE 127 128 128 PHE PHE A . n 
A 1 128 GLY 128 129 129 GLY GLY A . n 
A 1 129 GLY 129 130 130 GLY GLY A . n 
A 1 130 PHE 130 131 131 PHE PHE A . n 
A 1 131 ILE 131 132 132 ILE ILE A . n 
A 1 132 LEU 132 133 133 LEU LEU A . n 
A 1 133 CYS 133 134 134 CYS CYS A . n 
A 1 134 LYS 134 135 135 LYS LYS A . n 
A 1 135 GLU 135 136 136 GLU GLU A . n 
A 1 136 GLY 136 137 ?   ?   ?   A . n 
A 1 137 GLU 137 138 ?   ?   ?   A . n 
A 1 138 ASP 138 139 ?   ?   ?   A . n 
A 1 139 GLU 139 140 ?   ?   ?   A . n 
A 1 140 HIS 140 141 ?   ?   ?   A . n 
A 1 141 PRO 141 142 ?   ?   ?   A . n 
A 1 142 GLN 142 143 143 GLN GLN A . n 
A 1 143 CYS 143 144 144 CYS CYS A . n 
A 1 144 LEU 144 145 145 LEU LEU A . n 
A 1 145 ASN 145 146 146 ASN ASN A . n 
A 1 146 SER 146 147 147 SER SER A . n 
A 1 147 GLN 147 148 148 GLN GLN A . n 
A 1 148 PRO 148 149 149 PRO PRO A . n 
A 1 149 HIS 149 150 150 HIS HIS A . n 
A 1 150 ALA 150 151 151 ALA ALA A . n 
A 1 151 ARG 151 152 152 ARG ARG A . n 
A 1 152 GLY 152 153 153 GLY GLY A . n 
A 1 153 SER 153 154 154 SER SER A . n 
A 1 154 SER 154 155 155 SER SER A . n 
A 1 155 ARG 155 156 156 ARG ARG A . n 
A 1 156 ALA 156 157 157 ALA ALA A . n 
A 1 157 ILE 157 158 158 ILE ILE A . n 
A 1 158 PHE 158 159 159 PHE PHE A . n 
A 1 159 SER 159 160 160 SER SER A . n 
A 1 160 VAL 160 161 161 VAL VAL A . n 
A 1 161 GLY 161 162 162 GLY GLY A . n 
A 1 162 PRO 162 163 163 PRO PRO A . n 
A 1 163 VAL 163 164 164 VAL VAL A . n 
A 1 164 SER 164 165 165 SER SER A . n 
A 1 165 PRO 165 166 166 PRO PRO A . n 
A 1 166 ASN 166 167 167 ASN ASN A . n 
A 1 167 ARG 167 168 168 ARG ARG A . n 
A 1 168 ARG 168 169 169 ARG ARG A . n 
A 1 169 TRP 169 170 170 TRP TRP A . n 
A 1 170 SER 170 171 171 SER SER A . n 
A 1 171 HIS 171 172 172 HIS HIS A . n 
A 1 172 ARG 172 173 173 ARG ARG A . n 
A 1 173 CYS 173 174 174 CYS CYS A . n 
A 1 174 TYR 174 175 175 TYR TYR A . n 
A 1 175 GLY 175 176 176 GLY GLY A . n 
A 1 176 TYR 176 177 177 TYR TYR A . n 
A 1 177 ASP 177 178 178 ASP ASP A . n 
A 1 178 LEU 178 179 179 LEU LEU A . n 
A 1 179 ASN 179 180 180 ASN ASN A . n 
A 1 180 SER 180 181 181 SER SER A . n 
A 1 181 PRO 181 182 182 PRO PRO A . n 
A 1 182 TYR 182 183 183 TYR TYR A . n 
A 1 183 VAL 183 184 184 VAL VAL A . n 
A 1 184 TRP 184 185 185 TRP TRP A . n 
A 1 185 SER 185 186 186 SER SER A . n 
A 1 186 SER 186 187 187 SER SER A . n 
A 1 187 PRO 187 188 188 PRO PRO A . n 
A 1 188 SER 188 189 189 SER SER A . n 
A 1 189 ASP 189 190 190 ASP ASP A . n 
A 1 190 LEU 190 191 191 LEU LEU A . n 
A 1 191 LEU 191 192 192 LEU LEU A . n 
A 1 192 GLU 192 193 193 GLU GLU A . n 
A 1 193 LEU 193 194 194 LEU LEU A . n 
A 1 194 LEU 194 195 195 LEU LEU A . n 
A 1 195 VAL 195 196 196 VAL VAL A . n 
A 1 196 PRO 196 197 197 PRO PRO A . n 
A 1 197 GLY 197 198 198 GLY GLY A . n 
# 
loop_
_pdbx_nonpoly_scheme.asym_id 
_pdbx_nonpoly_scheme.entity_id 
_pdbx_nonpoly_scheme.mon_id 
_pdbx_nonpoly_scheme.ndb_seq_num 
_pdbx_nonpoly_scheme.pdb_seq_num 
_pdbx_nonpoly_scheme.auth_seq_num 
_pdbx_nonpoly_scheme.pdb_mon_id 
_pdbx_nonpoly_scheme.auth_mon_id 
_pdbx_nonpoly_scheme.pdb_strand_id 
_pdbx_nonpoly_scheme.pdb_ins_code 
B 2 IPA 1   501 501 IPA IOH A . 
C 3 HOH 1   502 1   HOH HOH A . 
C 3 HOH 2   503 2   HOH HOH A . 
C 3 HOH 3   504 3   HOH HOH A . 
C 3 HOH 4   505 4   HOH HOH A . 
C 3 HOH 5   506 5   HOH HOH A . 
C 3 HOH 6   507 6   HOH HOH A . 
C 3 HOH 7   508 7   HOH HOH A . 
C 3 HOH 8   509 8   HOH HOH A . 
C 3 HOH 9   510 9   HOH HOH A . 
C 3 HOH 10  511 10  HOH HOH A . 
C 3 HOH 11  512 11  HOH HOH A . 
C 3 HOH 12  513 12  HOH HOH A . 
C 3 HOH 13  514 13  HOH HOH A . 
C 3 HOH 14  515 14  HOH HOH A . 
C 3 HOH 15  516 15  HOH HOH A . 
C 3 HOH 16  517 16  HOH HOH A . 
C 3 HOH 17  518 17  HOH HOH A . 
C 3 HOH 18  519 18  HOH HOH A . 
C 3 HOH 19  520 19  HOH HOH A . 
C 3 HOH 20  521 20  HOH HOH A . 
C 3 HOH 21  522 21  HOH HOH A . 
C 3 HOH 22  523 22  HOH HOH A . 
C 3 HOH 23  524 23  HOH HOH A . 
C 3 HOH 24  525 24  HOH HOH A . 
C 3 HOH 25  526 25  HOH HOH A . 
C 3 HOH 26  527 26  HOH HOH A . 
C 3 HOH 27  528 27  HOH HOH A . 
C 3 HOH 28  529 28  HOH HOH A . 
C 3 HOH 29  530 29  HOH HOH A . 
C 3 HOH 30  531 30  HOH HOH A . 
C 3 HOH 31  532 31  HOH HOH A . 
C 3 HOH 32  533 32  HOH HOH A . 
C 3 HOH 33  534 33  HOH HOH A . 
C 3 HOH 34  535 34  HOH HOH A . 
C 3 HOH 35  536 35  HOH HOH A . 
C 3 HOH 36  537 36  HOH HOH A . 
C 3 HOH 37  538 37  HOH HOH A . 
C 3 HOH 38  539 38  HOH HOH A . 
C 3 HOH 39  540 39  HOH HOH A . 
C 3 HOH 40  541 40  HOH HOH A . 
C 3 HOH 41  542 41  HOH HOH A . 
C 3 HOH 42  543 42  HOH HOH A . 
C 3 HOH 43  544 43  HOH HOH A . 
C 3 HOH 44  545 44  HOH HOH A . 
C 3 HOH 45  546 45  HOH HOH A . 
C 3 HOH 46  547 46  HOH HOH A . 
C 3 HOH 47  548 47  HOH HOH A . 
C 3 HOH 48  549 48  HOH HOH A . 
C 3 HOH 49  550 49  HOH HOH A . 
C 3 HOH 50  551 50  HOH HOH A . 
C 3 HOH 51  552 51  HOH HOH A . 
C 3 HOH 52  553 52  HOH HOH A . 
C 3 HOH 53  554 53  HOH HOH A . 
C 3 HOH 54  555 54  HOH HOH A . 
C 3 HOH 55  556 55  HOH HOH A . 
C 3 HOH 56  557 56  HOH HOH A . 
C 3 HOH 57  558 57  HOH HOH A . 
C 3 HOH 58  559 58  HOH HOH A . 
C 3 HOH 59  560 59  HOH HOH A . 
C 3 HOH 60  561 60  HOH HOH A . 
C 3 HOH 61  562 61  HOH HOH A . 
C 3 HOH 62  563 62  HOH HOH A . 
C 3 HOH 63  564 63  HOH HOH A . 
C 3 HOH 64  565 64  HOH HOH A . 
C 3 HOH 65  566 65  HOH HOH A . 
C 3 HOH 66  567 66  HOH HOH A . 
C 3 HOH 67  568 67  HOH HOH A . 
C 3 HOH 68  569 68  HOH HOH A . 
C 3 HOH 69  570 69  HOH HOH A . 
C 3 HOH 70  571 70  HOH HOH A . 
C 3 HOH 71  572 71  HOH HOH A . 
C 3 HOH 72  573 72  HOH HOH A . 
C 3 HOH 73  574 73  HOH HOH A . 
C 3 HOH 74  575 74  HOH HOH A . 
C 3 HOH 75  576 75  HOH HOH A . 
C 3 HOH 76  577 76  HOH HOH A . 
C 3 HOH 77  578 77  HOH HOH A . 
C 3 HOH 78  579 78  HOH HOH A . 
C 3 HOH 79  580 79  HOH HOH A . 
C 3 HOH 80  581 80  HOH HOH A . 
C 3 HOH 81  582 81  HOH HOH A . 
C 3 HOH 82  583 82  HOH HOH A . 
C 3 HOH 83  584 83  HOH HOH A . 
C 3 HOH 84  585 84  HOH HOH A . 
C 3 HOH 85  586 85  HOH HOH A . 
C 3 HOH 86  587 86  HOH HOH A . 
C 3 HOH 87  588 87  HOH HOH A . 
C 3 HOH 88  589 88  HOH HOH A . 
C 3 HOH 89  590 89  HOH HOH A . 
C 3 HOH 90  591 90  HOH HOH A . 
C 3 HOH 91  592 91  HOH HOH A . 
C 3 HOH 92  593 92  HOH HOH A . 
C 3 HOH 93  594 93  HOH HOH A . 
C 3 HOH 94  595 94  HOH HOH A . 
C 3 HOH 95  596 95  HOH HOH A . 
C 3 HOH 96  597 96  HOH HOH A . 
C 3 HOH 97  598 97  HOH HOH A . 
C 3 HOH 98  599 98  HOH HOH A . 
C 3 HOH 99  600 99  HOH HOH A . 
C 3 HOH 100 601 100 HOH HOH A . 
C 3 HOH 101 602 101 HOH HOH A . 
C 3 HOH 102 603 102 HOH HOH A . 
C 3 HOH 103 604 103 HOH HOH A . 
C 3 HOH 104 605 104 HOH HOH A . 
C 3 HOH 105 606 105 HOH HOH A . 
C 3 HOH 106 607 106 HOH HOH A . 
C 3 HOH 107 608 107 HOH HOH A . 
C 3 HOH 108 609 108 HOH HOH A . 
C 3 HOH 109 610 109 HOH HOH A . 
C 3 HOH 110 611 110 HOH HOH A . 
C 3 HOH 111 612 111 HOH HOH A . 
C 3 HOH 112 613 112 HOH HOH A . 
C 3 HOH 113 614 113 HOH HOH A . 
C 3 HOH 114 615 114 HOH HOH A . 
C 3 HOH 115 616 115 HOH HOH A . 
C 3 HOH 116 617 116 HOH HOH A . 
C 3 HOH 117 618 117 HOH HOH A . 
C 3 HOH 118 619 118 HOH HOH A . 
C 3 HOH 119 620 119 HOH HOH A . 
C 3 HOH 120 621 120 HOH HOH A . 
C 3 HOH 121 622 121 HOH HOH A . 
C 3 HOH 122 623 122 HOH HOH A . 
C 3 HOH 123 624 123 HOH HOH A . 
C 3 HOH 124 625 124 HOH HOH A . 
C 3 HOH 125 626 125 HOH HOH A . 
C 3 HOH 126 627 126 HOH HOH A . 
C 3 HOH 127 628 127 HOH HOH A . 
C 3 HOH 128 629 128 HOH HOH A . 
C 3 HOH 129 630 129 HOH HOH A . 
C 3 HOH 130 631 130 HOH HOH A . 
C 3 HOH 131 632 131 HOH HOH A . 
C 3 HOH 132 633 132 HOH HOH A . 
C 3 HOH 133 634 133 HOH HOH A . 
C 3 HOH 134 635 134 HOH HOH A . 
C 3 HOH 135 636 135 HOH HOH A . 
C 3 HOH 136 637 136 HOH HOH A . 
C 3 HOH 137 638 137 HOH HOH A . 
C 3 HOH 138 639 138 HOH HOH A . 
C 3 HOH 139 640 139 HOH HOH A . 
C 3 HOH 140 641 140 HOH HOH A . 
C 3 HOH 141 642 141 HOH HOH A . 
C 3 HOH 142 643 142 HOH HOH A . 
C 3 HOH 143 644 143 HOH HOH A . 
C 3 HOH 144 645 144 HOH HOH A . 
C 3 HOH 145 646 145 HOH HOH A . 
# 
loop_
_pdbx_unobs_or_zero_occ_atoms.id 
_pdbx_unobs_or_zero_occ_atoms.PDB_model_num 
_pdbx_unobs_or_zero_occ_atoms.polymer_flag 
_pdbx_unobs_or_zero_occ_atoms.occupancy_flag 
_pdbx_unobs_or_zero_occ_atoms.auth_asym_id 
_pdbx_unobs_or_zero_occ_atoms.auth_comp_id 
_pdbx_unobs_or_zero_occ_atoms.auth_seq_id 
_pdbx_unobs_or_zero_occ_atoms.PDB_ins_code 
_pdbx_unobs_or_zero_occ_atoms.auth_atom_id 
_pdbx_unobs_or_zero_occ_atoms.label_alt_id 
_pdbx_unobs_or_zero_occ_atoms.label_asym_id 
_pdbx_unobs_or_zero_occ_atoms.label_comp_id 
_pdbx_unobs_or_zero_occ_atoms.label_seq_id 
_pdbx_unobs_or_zero_occ_atoms.label_atom_id 
1  1 Y 1 A ILE 3   ? CG1 ? A ILE 3   CG1 
2  1 Y 1 A ILE 3   ? CG2 ? A ILE 3   CG2 
3  1 Y 1 A ILE 3   ? CD1 ? A ILE 3   CD1 
4  1 Y 1 A GLU 11  ? CG  ? A GLU 11  CG  
5  1 Y 1 A GLU 11  ? CD  ? A GLU 11  CD  
6  1 Y 1 A GLU 11  ? OE1 ? A GLU 11  OE1 
7  1 Y 1 A GLU 11  ? OE2 ? A GLU 11  OE2 
8  1 Y 1 A ILE 47  ? CG1 ? A ILE 47  CG1 
9  1 Y 1 A ILE 47  ? CG2 ? A ILE 47  CG2 
10 1 Y 1 A ILE 47  ? CD1 ? A ILE 47  CD1 
11 1 Y 1 A ARG 51  ? CG  ? A ARG 51  CG  
12 1 Y 1 A ARG 51  ? CD  ? A ARG 51  CD  
13 1 Y 1 A ARG 51  ? NE  ? A ARG 51  NE  
14 1 Y 1 A ARG 51  ? CZ  ? A ARG 51  CZ  
15 1 Y 1 A ARG 51  ? NH1 ? A ARG 51  NH1 
16 1 Y 1 A ARG 51  ? NH2 ? A ARG 51  NH2 
17 1 Y 1 A LYS 56  ? CG  ? A LYS 56  CG  
18 1 Y 1 A LYS 56  ? CD  ? A LYS 56  CD  
19 1 Y 1 A LYS 56  ? CE  ? A LYS 56  CE  
20 1 Y 1 A LYS 56  ? NZ  ? A LYS 56  NZ  
21 1 Y 1 A ASN 57  ? CG  ? A ASN 57  CG  
22 1 Y 1 A ASN 57  ? OD1 ? A ASN 57  OD1 
23 1 Y 1 A ASN 57  ? ND2 ? A ASN 57  ND2 
24 1 Y 1 A VAL 126 ? CG1 ? A VAL 125 CG1 
25 1 Y 1 A VAL 126 ? CG2 ? A VAL 125 CG2 
26 1 Y 1 A GLN 143 ? CG  ? A GLN 142 CG  
27 1 Y 1 A GLN 143 ? CD  ? A GLN 142 CD  
28 1 Y 1 A GLN 143 ? OE1 ? A GLN 142 OE1 
29 1 Y 1 A GLN 143 ? NE2 ? A GLN 142 NE2 
30 1 Y 1 A GLN 148 ? CG  ? A GLN 147 CG  
31 1 Y 1 A GLN 148 ? CD  ? A GLN 147 CD  
32 1 Y 1 A GLN 148 ? OE1 ? A GLN 147 OE1 
33 1 Y 1 A GLN 148 ? NE2 ? A GLN 147 NE2 
34 1 Y 1 A ARG 152 ? CG  ? A ARG 151 CG  
35 1 Y 1 A ARG 152 ? CD  ? A ARG 151 CD  
36 1 Y 1 A ARG 152 ? NE  ? A ARG 151 NE  
37 1 Y 1 A ARG 152 ? CZ  ? A ARG 151 CZ  
38 1 Y 1 A ARG 152 ? NH1 ? A ARG 151 NH1 
39 1 Y 1 A ARG 152 ? NH2 ? A ARG 151 NH2 
40 1 Y 1 A ASN 167 ? CG  ? A ASN 166 CG  
41 1 Y 1 A ASN 167 ? OD1 ? A ASN 166 OD1 
42 1 Y 1 A ASN 167 ? ND2 ? A ASN 166 ND2 
43 1 Y 1 A ARG 168 ? CG  ? A ARG 167 CG  
44 1 Y 1 A ARG 168 ? CD  ? A ARG 167 CD  
45 1 Y 1 A ARG 168 ? NE  ? A ARG 167 NE  
46 1 Y 1 A ARG 168 ? CZ  ? A ARG 167 CZ  
47 1 Y 1 A ARG 168 ? NH1 ? A ARG 167 NH1 
48 1 Y 1 A ARG 168 ? NH2 ? A ARG 167 NH2 
# 
loop_
_software.name 
_software.classification 
_software.version 
_software.citation_id 
_software.pdbx_ordinal 
_software.date 
_software.type 
_software.location 
_software.language 
REFMAC    refinement        5.1.19 ? 1 ? ? ? ? 
ADSC      'data collection' .      ? 2 ? ? ? ? 
SCALEPACK 'data scaling'    .      ? 3 ? ? ? ? 
AMoRE     phasing           .      ? 4 ? ? ? ? 
# 
_cell.entry_id           2GW5 
_cell.length_a           62.530 
_cell.length_b           62.530 
_cell.length_c           106.917 
_cell.angle_alpha        90.00 
_cell.angle_beta         90.00 
_cell.angle_gamma        90.00 
_cell.Z_PDB              8 
_cell.pdbx_unique_axis   ? 
_cell.length_a_esd       ? 
_cell.length_b_esd       ? 
_cell.length_c_esd       ? 
_cell.angle_alpha_esd    ? 
_cell.angle_beta_esd     ? 
_cell.angle_gamma_esd    ? 
# 
_symmetry.entry_id                         2GW5 
_symmetry.space_group_name_H-M             'P 41 21 2' 
_symmetry.pdbx_full_space_group_name_H-M   ? 
_symmetry.cell_setting                     ? 
_symmetry.Int_Tables_number                92 
_symmetry.space_group_name_Hall            ? 
# 
_exptl.entry_id          2GW5 
_exptl.method            'X-RAY DIFFRACTION' 
_exptl.crystals_number   1 
# 
_exptl_crystal.id                    1 
_exptl_crystal.density_meas          ? 
_exptl_crystal.density_Matthews      2.38 
_exptl_crystal.density_percent_sol   48.33 
_exptl_crystal.description           ? 
_exptl_crystal.F_000                 ? 
_exptl_crystal.preparation           ? 
# 
_exptl_crystal_grow.crystal_id      1 
_exptl_crystal_grow.method          'VAPOR DIFFUSION, HANGING DROP' 
_exptl_crystal_grow.temp            ? 
_exptl_crystal_grow.temp_details    ? 
_exptl_crystal_grow.pH              7.5 
_exptl_crystal_grow.pdbx_details    
;0.1M Hepes pH 7.5, 10% Isopropanol, 20% PEG 4000 
streak seeded., VAPOR DIFFUSION, HANGING DROP
;
_exptl_crystal_grow.pdbx_pH_range   . 
# 
_diffrn.id                     1 
_diffrn.ambient_temp           100 
_diffrn.ambient_temp_details   ? 
_diffrn.crystal_id             1 
# 
_diffrn_detector.diffrn_id              1 
_diffrn_detector.detector               CCD 
_diffrn_detector.type                   'ADSC QUANTUM 4' 
_diffrn_detector.pdbx_collection_date   2001-02-01 
_diffrn_detector.details                ? 
# 
_diffrn_radiation.diffrn_id                        1 
_diffrn_radiation.wavelength_id                    1 
_diffrn_radiation.pdbx_monochromatic_or_laue_m_l   M 
_diffrn_radiation.monochromator                    'Double crystal' 
_diffrn_radiation.pdbx_diffrn_protocol             'SINGLE WAVELENGTH' 
_diffrn_radiation.pdbx_scattering_type             x-ray 
# 
_diffrn_radiation_wavelength.id           1 
_diffrn_radiation_wavelength.wavelength   0.999 
_diffrn_radiation_wavelength.wt           1.0 
# 
_diffrn_source.diffrn_id                   1 
_diffrn_source.source                      SYNCHROTRON 
_diffrn_source.type                        'SSRL BEAMLINE BL9-2' 
_diffrn_source.pdbx_synchrotron_site       SSRL 
_diffrn_source.pdbx_synchrotron_beamline   BL9-2 
_diffrn_source.pdbx_wavelength             ? 
_diffrn_source.pdbx_wavelength_list        0.999 
# 
_reflns.entry_id                     2GW5 
_reflns.observed_criterion_sigma_I   1.0 
_reflns.observed_criterion_sigma_F   1.0 
_reflns.d_resolution_low             34.10 
_reflns.d_resolution_high            1.8 
_reflns.number_obs                   19241 
_reflns.number_all                   20290 
_reflns.percent_possible_obs         99.3 
_reflns.pdbx_Rmerge_I_obs            ? 
_reflns.pdbx_Rsym_value              ? 
_reflns.pdbx_netI_over_sigmaI        ? 
_reflns.B_iso_Wilson_estimate        ? 
_reflns.pdbx_redundancy              ? 
_reflns.R_free_details               ? 
_reflns.limit_h_max                  ? 
_reflns.limit_h_min                  ? 
_reflns.limit_k_max                  ? 
_reflns.limit_k_min                  ? 
_reflns.limit_l_max                  ? 
_reflns.limit_l_min                  ? 
_reflns.observed_criterion_F_max     ? 
_reflns.observed_criterion_F_min     ? 
_reflns.pdbx_chi_squared             ? 
_reflns.pdbx_scaling_rejects         ? 
_reflns.pdbx_ordinal                 1 
_reflns.pdbx_diffrn_id               1 
# 
_reflns_shell.d_res_high             1.8 
_reflns_shell.d_res_low              1.83 
_reflns_shell.percent_possible_all   100.00 
_reflns_shell.Rmerge_I_obs           ? 
_reflns_shell.pdbx_Rsym_value        ? 
_reflns_shell.meanI_over_sigI_obs    ? 
_reflns_shell.pdbx_redundancy        ? 
_reflns_shell.percent_possible_obs   ? 
_reflns_shell.number_unique_all      ? 
_reflns_shell.number_measured_all    ? 
_reflns_shell.number_measured_obs    ? 
_reflns_shell.number_unique_obs      ? 
_reflns_shell.pdbx_chi_squared       ? 
_reflns_shell.pdbx_ordinal           1 
_reflns_shell.pdbx_diffrn_id         1 
# 
_refine.entry_id                                 2GW5 
_refine.ls_number_reflns_obs                     19239 
_refine.ls_number_reflns_all                     ? 
_refine.pdbx_ls_sigma_I                          ? 
_refine.pdbx_ls_sigma_F                          ? 
_refine.pdbx_data_cutoff_high_absF               ? 
_refine.pdbx_data_cutoff_low_absF                ? 
_refine.pdbx_data_cutoff_high_rms_absF           ? 
_refine.ls_d_res_low                             34.08 
_refine.ls_d_res_high                            1.80 
_refine.ls_percent_reflns_obs                    99.38 
_refine.ls_R_factor_obs                          0.2423 
_refine.ls_R_factor_all                          ? 
_refine.ls_R_factor_R_work                       0.24041 
_refine.ls_R_factor_R_free                       0.27864 
_refine.ls_R_factor_R_free_error                 ? 
_refine.ls_R_factor_R_free_error_details         ? 
_refine.ls_percent_reflns_R_free                 4.9 
_refine.ls_number_reflns_R_free                  991 
_refine.ls_number_parameters                     ? 
_refine.ls_number_restraints                     ? 
_refine.occupancy_min                            ? 
_refine.occupancy_max                            ? 
_refine.correlation_coeff_Fo_to_Fc               0.931 
_refine.correlation_coeff_Fo_to_Fc_free          0.915 
_refine.B_iso_mean                               28.611 
_refine.aniso_B[1][1]                            0.00 
_refine.aniso_B[2][2]                            0.00 
_refine.aniso_B[3][3]                            -0.01 
_refine.aniso_B[1][2]                            0.00 
_refine.aniso_B[1][3]                            0.00 
_refine.aniso_B[2][3]                            0.00 
_refine.solvent_model_details                    MASK 
_refine.solvent_model_param_ksol                 ? 
_refine.solvent_model_param_bsol                 ? 
_refine.pdbx_solvent_vdw_probe_radii             1.40 
_refine.pdbx_solvent_ion_probe_radii             0.80 
_refine.pdbx_solvent_shrinkage_radii             0.80 
_refine.pdbx_ls_cross_valid_method               THROUGHOUT 
_refine.details                                  'HYDROGENS HAVE BEEN ADDED IN THE RIDING POSITIONS' 
_refine.pdbx_starting_model                      'PDB entry 1G0X' 
_refine.pdbx_method_to_determine_struct          'MOLECULAR REPLACEMENT' 
_refine.pdbx_isotropic_thermal_model             ? 
_refine.pdbx_stereochemistry_target_values       'MAXIMUM LIKELIHOOD' 
_refine.pdbx_stereochem_target_val_spec_case     ? 
_refine.pdbx_R_Free_selection_details            RANDOM 
_refine.pdbx_overall_ESU_R                       0.152 
_refine.pdbx_overall_ESU_R_Free                  0.145 
_refine.overall_SU_ML                            0.102 
_refine.overall_SU_B                             3.200 
_refine.ls_redundancy_reflns_obs                 ? 
_refine.B_iso_min                                ? 
_refine.B_iso_max                                ? 
_refine.overall_SU_R_Cruickshank_DPI             ? 
_refine.overall_SU_R_free                        ? 
_refine.ls_wR_factor_R_free                      ? 
_refine.ls_wR_factor_R_work                      ? 
_refine.overall_FOM_free_R_set                   ? 
_refine.overall_FOM_work_R_set                   ? 
_refine.pdbx_refine_id                           'X-RAY DIFFRACTION' 
_refine.pdbx_diffrn_id                           1 
_refine.pdbx_overall_phase_error                 ? 
_refine.pdbx_TLS_residual_ADP_flag               ? 
_refine.pdbx_overall_SU_R_free_Cruickshank_DPI   ? 
_refine.pdbx_overall_SU_R_Blow_DPI               ? 
_refine.pdbx_overall_SU_R_free_Blow_DPI          ? 
# 
_refine_hist.pdbx_refine_id                   'X-RAY DIFFRACTION' 
_refine_hist.cycle_id                         LAST 
_refine_hist.pdbx_number_atoms_protein        1398 
_refine_hist.pdbx_number_atoms_nucleic_acid   0 
_refine_hist.pdbx_number_atoms_ligand         4 
_refine_hist.number_atoms_solvent             145 
_refine_hist.number_atoms_total               1547 
_refine_hist.d_res_high                       1.80 
_refine_hist.d_res_low                        34.08 
# 
loop_
_refine_ls_restr.type 
_refine_ls_restr.dev_ideal 
_refine_ls_restr.dev_ideal_target 
_refine_ls_restr.weight 
_refine_ls_restr.number 
_refine_ls_restr.pdbx_refine_id 
_refine_ls_restr.pdbx_restraint_function 
r_bond_refined_d             0.026  0.022  ? 1453 'X-RAY DIFFRACTION' ? 
r_bond_other_d               ?      ?      ? ?    'X-RAY DIFFRACTION' ? 
r_angle_refined_deg          2.162  1.968  ? 1989 'X-RAY DIFFRACTION' ? 
r_angle_other_deg            ?      ?      ? ?    'X-RAY DIFFRACTION' ? 
r_dihedral_angle_1_deg       7.262  5.000  ? 184  'X-RAY DIFFRACTION' ? 
r_dihedral_angle_2_deg       33.960 22.364 ? 55   'X-RAY DIFFRACTION' ? 
r_dihedral_angle_3_deg       16.954 15.000 ? 209  'X-RAY DIFFRACTION' ? 
r_dihedral_angle_4_deg       20.317 15.000 ? 10   'X-RAY DIFFRACTION' ? 
r_chiral_restr               0.161  0.200  ? 218  'X-RAY DIFFRACTION' ? 
r_gen_planes_refined         0.010  0.020  ? 1112 'X-RAY DIFFRACTION' ? 
r_gen_planes_other           ?      ?      ? ?    'X-RAY DIFFRACTION' ? 
r_nbd_refined                0.314  0.200  ? 656  'X-RAY DIFFRACTION' ? 
r_nbd_other                  ?      ?      ? ?    'X-RAY DIFFRACTION' ? 
r_nbtor_refined              0.319  0.200  ? 945  'X-RAY DIFFRACTION' ? 
r_nbtor_other                ?      ?      ? ?    'X-RAY DIFFRACTION' ? 
r_xyhbond_nbd_refined        0.206  0.200  ? 128  'X-RAY DIFFRACTION' ? 
r_xyhbond_nbd_other          ?      ?      ? ?    'X-RAY DIFFRACTION' ? 
r_metal_ion_refined          ?      ?      ? ?    'X-RAY DIFFRACTION' ? 
r_metal_ion_other            ?      ?      ? ?    'X-RAY DIFFRACTION' ? 
r_symmetry_vdw_refined       0.300  0.200  ? 26   'X-RAY DIFFRACTION' ? 
r_symmetry_vdw_other         ?      ?      ? ?    'X-RAY DIFFRACTION' ? 
r_symmetry_hbond_refined     0.368  0.200  ? 9    'X-RAY DIFFRACTION' ? 
r_symmetry_hbond_other       ?      ?      ? ?    'X-RAY DIFFRACTION' ? 
r_symmetry_metal_ion_refined ?      ?      ? ?    'X-RAY DIFFRACTION' ? 
r_symmetry_metal_ion_other   ?      ?      ? ?    'X-RAY DIFFRACTION' ? 
r_mcbond_it                  1.623  1.500  ? 962  'X-RAY DIFFRACTION' ? 
r_mcbond_other               ?      ?      ? ?    'X-RAY DIFFRACTION' ? 
r_mcangle_it                 2.451  2.000  ? 1491 'X-RAY DIFFRACTION' ? 
r_scbond_it                  3.865  3.000  ? 595  'X-RAY DIFFRACTION' ? 
r_scangle_it                 5.362  4.500  ? 496  'X-RAY DIFFRACTION' ? 
r_rigid_bond_restr           ?      ?      ? ?    'X-RAY DIFFRACTION' ? 
r_sphericity_free            ?      ?      ? ?    'X-RAY DIFFRACTION' ? 
r_sphericity_bonded          ?      ?      ? ?    'X-RAY DIFFRACTION' ? 
# 
_refine_ls_shell.pdbx_total_number_of_bins_used   20 
_refine_ls_shell.d_res_high                       1.800 
_refine_ls_shell.d_res_low                        1.847 
_refine_ls_shell.number_reflns_R_work             1398 
_refine_ls_shell.R_factor_R_work                  0.294 
_refine_ls_shell.percent_reflns_obs               100.00 
_refine_ls_shell.R_factor_R_free                  0.373 
_refine_ls_shell.R_factor_R_free_error            ? 
_refine_ls_shell.percent_reflns_R_free            ? 
_refine_ls_shell.number_reflns_R_free             89 
_refine_ls_shell.number_reflns_all                ? 
_refine_ls_shell.R_factor_all                     ? 
_refine_ls_shell.redundancy_reflns_obs            ? 
_refine_ls_shell.number_reflns_obs                ? 
_refine_ls_shell.pdbx_refine_id                   'X-RAY DIFFRACTION' 
# 
_struct.entry_id                  2GW5 
_struct.title                     
;Crystal Structure of LIR-2 (ILT4) at 1.8 : differences from LIR-1 (ILT2) in regions implicated in the binding of the Cytomegalovirus class I MHC homolog UL18
;
_struct.pdbx_model_details        ? 
_struct.pdbx_CASP_flag            ? 
_struct.pdbx_model_type_details   ? 
# 
_struct_keywords.entry_id        2GW5 
_struct_keywords.pdbx_keywords   'IMMUNE SYSTEM' 
_struct_keywords.text            'Ig like domains, Immune system' 
# 
loop_
_struct_asym.id 
_struct_asym.pdbx_blank_PDB_chainid_flag 
_struct_asym.pdbx_modified 
_struct_asym.entity_id 
_struct_asym.details 
A N N 1 ? 
B N N 2 ? 
C N N 3 ? 
# 
_struct_ref.id                         1 
_struct_ref.db_name                    UNP 
_struct_ref.db_code                    LIRB2_HUMAN 
_struct_ref.pdbx_db_accession          Q8N423 
_struct_ref.entity_id                  1 
_struct_ref.pdbx_align_begin           24 
_struct_ref.pdbx_seq_one_letter_code   ? 
_struct_ref.pdbx_db_isoform            ? 
# 
_struct_ref_seq.align_id                      1 
_struct_ref_seq.ref_id                        1 
_struct_ref_seq.pdbx_PDB_id_code              2GW5 
_struct_ref_seq.pdbx_strand_id                A 
_struct_ref_seq.seq_align_beg                 1 
_struct_ref_seq.pdbx_seq_align_beg_ins_code   ? 
_struct_ref_seq.seq_align_end                 196 
_struct_ref_seq.pdbx_seq_align_end_ins_code   ? 
_struct_ref_seq.pdbx_db_accession             Q8N423 
_struct_ref_seq.db_align_beg                  24 
_struct_ref_seq.pdbx_db_align_beg_ins_code    ? 
_struct_ref_seq.db_align_end                  220 
_struct_ref_seq.pdbx_db_align_end_ins_code    ? 
_struct_ref_seq.pdbx_auth_seq_align_beg       1 
_struct_ref_seq.pdbx_auth_seq_align_end       197 
# 
_pdbx_struct_assembly.id                   1 
_pdbx_struct_assembly.details              author_defined_assembly 
_pdbx_struct_assembly.method_details       ? 
_pdbx_struct_assembly.oligomeric_details   monomeric 
_pdbx_struct_assembly.oligomeric_count     1 
# 
_pdbx_struct_assembly_gen.assembly_id       1 
_pdbx_struct_assembly_gen.oper_expression   1 
_pdbx_struct_assembly_gen.asym_id_list      A,B,C 
# 
_pdbx_struct_oper_list.id                   1 
_pdbx_struct_oper_list.type                 'identity operation' 
_pdbx_struct_oper_list.name                 1_555 
_pdbx_struct_oper_list.symmetry_operation   x,y,z 
_pdbx_struct_oper_list.matrix[1][1]         1.0000000000 
_pdbx_struct_oper_list.matrix[1][2]         0.0000000000 
_pdbx_struct_oper_list.matrix[1][3]         0.0000000000 
_pdbx_struct_oper_list.vector[1]            0.0000000000 
_pdbx_struct_oper_list.matrix[2][1]         0.0000000000 
_pdbx_struct_oper_list.matrix[2][2]         1.0000000000 
_pdbx_struct_oper_list.matrix[2][3]         0.0000000000 
_pdbx_struct_oper_list.vector[2]            0.0000000000 
_pdbx_struct_oper_list.matrix[3][1]         0.0000000000 
_pdbx_struct_oper_list.matrix[3][2]         0.0000000000 
_pdbx_struct_oper_list.matrix[3][3]         1.0000000000 
_pdbx_struct_oper_list.vector[3]            0.0000000000 
# 
_struct_conf.conf_type_id            HELX_P 
_struct_conf.id                      HELX_P1 
_struct_conf.pdbx_PDB_helix_id       1 
_struct_conf.beg_label_comp_id       ARG 
_struct_conf.beg_label_asym_id       A 
_struct_conf.beg_label_seq_id        51 
_struct_conf.pdbx_beg_PDB_ins_code   ? 
_struct_conf.end_label_comp_id       GLU 
_struct_conf.end_label_asym_id       A 
_struct_conf.end_label_seq_id        53 
_struct_conf.pdbx_end_PDB_ins_code   ? 
_struct_conf.beg_auth_comp_id        ARG 
_struct_conf.beg_auth_asym_id        A 
_struct_conf.beg_auth_seq_id         51 
_struct_conf.end_auth_comp_id        GLU 
_struct_conf.end_auth_asym_id        A 
_struct_conf.end_auth_seq_id         53 
_struct_conf.pdbx_PDB_helix_class    5 
_struct_conf.details                 ? 
_struct_conf.pdbx_PDB_helix_length   3 
# 
_struct_conf_type.id          HELX_P 
_struct_conf_type.criteria    ? 
_struct_conf_type.reference   ? 
# 
loop_
_struct_conn.id 
_struct_conn.conn_type_id 
_struct_conn.pdbx_leaving_atom_flag 
_struct_conn.pdbx_PDB_id 
_struct_conn.ptnr1_label_asym_id 
_struct_conn.ptnr1_label_comp_id 
_struct_conn.ptnr1_label_seq_id 
_struct_conn.ptnr1_label_atom_id 
_struct_conn.pdbx_ptnr1_label_alt_id 
_struct_conn.pdbx_ptnr1_PDB_ins_code 
_struct_conn.pdbx_ptnr1_standard_comp_id 
_struct_conn.ptnr1_symmetry 
_struct_conn.ptnr2_label_asym_id 
_struct_conn.ptnr2_label_comp_id 
_struct_conn.ptnr2_label_seq_id 
_struct_conn.ptnr2_label_atom_id 
_struct_conn.pdbx_ptnr2_label_alt_id 
_struct_conn.pdbx_ptnr2_PDB_ins_code 
_struct_conn.ptnr1_auth_asym_id 
_struct_conn.ptnr1_auth_comp_id 
_struct_conn.ptnr1_auth_seq_id 
_struct_conn.ptnr2_auth_asym_id 
_struct_conn.ptnr2_auth_comp_id 
_struct_conn.ptnr2_auth_seq_id 
_struct_conn.ptnr2_symmetry 
_struct_conn.pdbx_ptnr3_label_atom_id 
_struct_conn.pdbx_ptnr3_label_seq_id 
_struct_conn.pdbx_ptnr3_label_comp_id 
_struct_conn.pdbx_ptnr3_label_asym_id 
_struct_conn.pdbx_ptnr3_label_alt_id 
_struct_conn.pdbx_ptnr3_PDB_ins_code 
_struct_conn.details 
_struct_conn.pdbx_dist_value 
_struct_conn.pdbx_value_order 
_struct_conn.pdbx_role 
disulf1 disulf ? ? A CYS 26  SG ? ? ? 1_555 A CYS 75  SG ? ? A CYS 26  A CYS 75  1_555 ? ? ? ? ? ? ? 2.127 ? ? 
disulf2 disulf ? ? A CYS 121 SG A ? ? 1_555 A CYS 173 SG A ? A CYS 122 A CYS 174 1_555 ? ? ? ? ? ? ? 2.030 ? ? 
disulf3 disulf ? ? A CYS 121 SG B ? ? 1_555 A CYS 173 SG B ? A CYS 122 A CYS 174 1_555 ? ? ? ? ? ? ? 2.004 ? ? 
disulf4 disulf ? ? A CYS 133 SG ? ? ? 1_555 A CYS 143 SG ? ? A CYS 134 A CYS 144 1_555 ? ? ? ? ? ? ? 2.083 ? ? 
# 
_struct_conn_type.id          disulf 
_struct_conn_type.criteria    ? 
_struct_conn_type.reference   ? 
# 
loop_
_pdbx_modification_feature.ordinal 
_pdbx_modification_feature.label_comp_id 
_pdbx_modification_feature.label_asym_id 
_pdbx_modification_feature.label_seq_id 
_pdbx_modification_feature.label_alt_id 
_pdbx_modification_feature.modified_residue_label_comp_id 
_pdbx_modification_feature.modified_residue_label_asym_id 
_pdbx_modification_feature.modified_residue_label_seq_id 
_pdbx_modification_feature.modified_residue_label_alt_id 
_pdbx_modification_feature.auth_comp_id 
_pdbx_modification_feature.auth_asym_id 
_pdbx_modification_feature.auth_seq_id 
_pdbx_modification_feature.PDB_ins_code 
_pdbx_modification_feature.symmetry 
_pdbx_modification_feature.modified_residue_auth_comp_id 
_pdbx_modification_feature.modified_residue_auth_asym_id 
_pdbx_modification_feature.modified_residue_auth_seq_id 
_pdbx_modification_feature.modified_residue_PDB_ins_code 
_pdbx_modification_feature.modified_residue_symmetry 
_pdbx_modification_feature.comp_id_linking_atom 
_pdbx_modification_feature.modified_residue_id_linking_atom 
_pdbx_modification_feature.modified_residue_id 
_pdbx_modification_feature.ref_pcm_id 
_pdbx_modification_feature.ref_comp_id 
_pdbx_modification_feature.type 
_pdbx_modification_feature.category 
1 CYS A 26  ? CYS A 75  ? CYS A 26  ? 1_555 CYS A 75  ? 1_555 SG SG . . . None 'Disulfide bridge' 
2 CYS A 121 A CYS A 173 A CYS A 122 ? 1_555 CYS A 174 ? 1_555 SG SG . . . None 'Disulfide bridge' 
3 CYS A 121 B CYS A 173 B CYS A 122 ? 1_555 CYS A 174 ? 1_555 SG SG . . . None 'Disulfide bridge' 
4 CYS A 133 ? CYS A 143 ? CYS A 134 ? 1_555 CYS A 144 ? 1_555 SG SG . . . None 'Disulfide bridge' 
# 
loop_
_struct_mon_prot_cis.pdbx_id 
_struct_mon_prot_cis.label_comp_id 
_struct_mon_prot_cis.label_seq_id 
_struct_mon_prot_cis.label_asym_id 
_struct_mon_prot_cis.label_alt_id 
_struct_mon_prot_cis.pdbx_PDB_ins_code 
_struct_mon_prot_cis.auth_comp_id 
_struct_mon_prot_cis.auth_seq_id 
_struct_mon_prot_cis.auth_asym_id 
_struct_mon_prot_cis.pdbx_label_comp_id_2 
_struct_mon_prot_cis.pdbx_label_seq_id_2 
_struct_mon_prot_cis.pdbx_label_asym_id_2 
_struct_mon_prot_cis.pdbx_PDB_ins_code_2 
_struct_mon_prot_cis.pdbx_auth_comp_id_2 
_struct_mon_prot_cis.pdbx_auth_seq_id_2 
_struct_mon_prot_cis.pdbx_auth_asym_id_2 
_struct_mon_prot_cis.pdbx_PDB_model_num 
_struct_mon_prot_cis.pdbx_omega_angle 
1 GLU 11  A . ? GLU 11  A PRO 12  A ? PRO 12  A 1 0.93 
2 GLN 106 A . ? GLN 107 A PRO 107 A ? PRO 108 A 1 5.80 
3 GLY 161 A . ? GLY 162 A PRO 162 A ? PRO 163 A 1 1.82 
# 
loop_
_struct_sheet.id 
_struct_sheet.type 
_struct_sheet.number_strands 
_struct_sheet.details 
A ? 4 ? 
B ? 5 ? 
C ? 4 ? 
D ? 3 ? 
E ? 4 ? 
# 
loop_
_struct_sheet_order.sheet_id 
_struct_sheet_order.range_id_1 
_struct_sheet_order.range_id_2 
_struct_sheet_order.offset 
_struct_sheet_order.sense 
A 1 2 ? anti-parallel 
A 2 3 ? anti-parallel 
A 3 4 ? anti-parallel 
B 1 2 ? parallel      
B 2 3 ? anti-parallel 
B 3 4 ? anti-parallel 
B 4 5 ? anti-parallel 
C 1 2 ? parallel      
C 2 3 ? anti-parallel 
C 3 4 ? anti-parallel 
D 1 2 ? anti-parallel 
D 2 3 ? anti-parallel 
E 1 2 ? anti-parallel 
E 2 3 ? anti-parallel 
E 3 4 ? anti-parallel 
# 
loop_
_struct_sheet_range.sheet_id 
_struct_sheet_range.id 
_struct_sheet_range.beg_label_comp_id 
_struct_sheet_range.beg_label_asym_id 
_struct_sheet_range.beg_label_seq_id 
_struct_sheet_range.pdbx_beg_PDB_ins_code 
_struct_sheet_range.end_label_comp_id 
_struct_sheet_range.end_label_asym_id 
_struct_sheet_range.end_label_seq_id 
_struct_sheet_range.pdbx_end_PDB_ins_code 
_struct_sheet_range.beg_auth_comp_id 
_struct_sheet_range.beg_auth_asym_id 
_struct_sheet_range.beg_auth_seq_id 
_struct_sheet_range.end_auth_comp_id 
_struct_sheet_range.end_auth_asym_id 
_struct_sheet_range.end_auth_seq_id 
A 1 THR A 7   ? GLU A 11  ? THR A 7   GLU A 11  
A 2 VAL A 22  ? GLN A 27  ? VAL A 22  GLN A 27  
A 3 GLN A 59  ? ILE A 62  ? GLN A 59  ILE A 62  
A 4 VAL A 55  ? LYS A 56  ? VAL A 55  LYS A 56  
B 1 VAL A 15  ? THR A 17  ? VAL A 15  THR A 17  
B 2 LEU A 90  ? THR A 95  ? LEU A 91  THR A 96  
B 3 GLY A 71  ? SER A 79  ? GLY A 71  SER A 79  
B 4 GLU A 34  ? GLU A 40  ? GLU A 34  GLU A 40  
B 5 THR A 48  ? ARG A 49  ? THR A 48  ARG A 49  
C 1 VAL A 15  ? THR A 17  ? VAL A 15  THR A 17  
C 2 LEU A 90  ? THR A 95  ? LEU A 91  THR A 96  
C 3 GLY A 71  ? SER A 79  ? GLY A 71  SER A 79  
C 4 ARG A 82  ? TRP A 83  ? ARG A 82  TRP A 84  
D 1 THR A 102 ? GLN A 106 ? THR A 103 GLN A 107 
D 2 VAL A 117 ? PHE A 127 ? VAL A 118 PHE A 128 
D 3 SER A 153 ? VAL A 160 ? SER A 154 VAL A 161 
E 1 CYS A 143 ? ASN A 145 ? CYS A 144 ASN A 146 
E 2 GLY A 129 ? GLU A 135 ? GLY A 130 GLU A 136 
E 3 SER A 170 ? TYR A 176 ? SER A 171 TYR A 177 
E 4 LEU A 191 ? GLU A 192 ? LEU A 192 GLU A 193 
# 
loop_
_pdbx_struct_sheet_hbond.sheet_id 
_pdbx_struct_sheet_hbond.range_id_1 
_pdbx_struct_sheet_hbond.range_id_2 
_pdbx_struct_sheet_hbond.range_1_label_atom_id 
_pdbx_struct_sheet_hbond.range_1_label_comp_id 
_pdbx_struct_sheet_hbond.range_1_label_asym_id 
_pdbx_struct_sheet_hbond.range_1_label_seq_id 
_pdbx_struct_sheet_hbond.range_1_PDB_ins_code 
_pdbx_struct_sheet_hbond.range_1_auth_atom_id 
_pdbx_struct_sheet_hbond.range_1_auth_comp_id 
_pdbx_struct_sheet_hbond.range_1_auth_asym_id 
_pdbx_struct_sheet_hbond.range_1_auth_seq_id 
_pdbx_struct_sheet_hbond.range_2_label_atom_id 
_pdbx_struct_sheet_hbond.range_2_label_comp_id 
_pdbx_struct_sheet_hbond.range_2_label_asym_id 
_pdbx_struct_sheet_hbond.range_2_label_seq_id 
_pdbx_struct_sheet_hbond.range_2_PDB_ins_code 
_pdbx_struct_sheet_hbond.range_2_auth_atom_id 
_pdbx_struct_sheet_hbond.range_2_auth_comp_id 
_pdbx_struct_sheet_hbond.range_2_auth_asym_id 
_pdbx_struct_sheet_hbond.range_2_auth_seq_id 
A 1 2 N GLU A 11  ? N GLU A 11  O THR A 23  ? O THR A 23  
A 2 3 N LEU A 24  ? N LEU A 24  O PHE A 60  ? O PHE A 60  
A 3 4 O GLN A 59  ? O GLN A 59  N LYS A 56  ? N LYS A 56  
B 1 2 N ILE A 16  ? N ILE A 16  O VAL A 93  ? O VAL A 94  
B 2 3 O LEU A 92  ? O LEU A 93  N GLY A 71  ? N GLY A 71  
B 3 4 O ARG A 72  ? O ARG A 72  N GLU A 40  ? N GLU A 40  
B 4 5 N ARG A 39  ? N ARG A 39  O THR A 48  ? O THR A 48  
C 1 2 N ILE A 16  ? N ILE A 16  O VAL A 93  ? O VAL A 94  
C 2 3 O LEU A 92  ? O LEU A 93  N GLY A 71  ? N GLY A 71  
C 3 4 N SER A 79  ? N SER A 79  O ARG A 82  ? O ARG A 82  
D 1 2 N THR A 102 ? N THR A 103 O GLU A 122 ? O GLU A 123 
D 2 3 N SER A 123 ? N SER A 124 O SER A 154 ? O SER A 155 
E 1 2 O LEU A 144 ? O LEU A 145 N LEU A 132 ? N LEU A 133 
E 2 3 N CYS A 133 ? N CYS A 134 O ARG A 172 ? O ARG A 173 
E 3 4 N HIS A 171 ? N HIS A 172 O LEU A 191 ? O LEU A 192 
# 
_struct_site.id                   AC1 
_struct_site.pdbx_evidence_code   Software 
_struct_site.pdbx_auth_asym_id    A 
_struct_site.pdbx_auth_comp_id    IPA 
_struct_site.pdbx_auth_seq_id     501 
_struct_site.pdbx_auth_ins_code   ? 
_struct_site.pdbx_num_residues    5 
_struct_site.details              'BINDING SITE FOR RESIDUE IPA A 501' 
# 
loop_
_struct_site_gen.id 
_struct_site_gen.site_id 
_struct_site_gen.pdbx_num_res 
_struct_site_gen.label_comp_id 
_struct_site_gen.label_asym_id 
_struct_site_gen.label_seq_id 
_struct_site_gen.pdbx_auth_ins_code 
_struct_site_gen.auth_comp_id 
_struct_site_gen.auth_asym_id 
_struct_site_gen.auth_seq_id 
_struct_site_gen.label_atom_id 
_struct_site_gen.label_alt_id 
_struct_site_gen.symmetry 
_struct_site_gen.details 
1 AC1 5 GLU A 40 ? GLU A 40 . ? 1_555 ? 
2 AC1 5 ARG A 72 ? ARG A 72 . ? 1_555 ? 
3 AC1 5 TYR A 73 ? TYR A 73 . ? 1_555 ? 
4 AC1 5 GLY A 74 ? GLY A 74 . ? 1_555 ? 
5 AC1 5 LEU A 86 ? LEU A 87 . ? 1_555 ? 
# 
_pdbx_entry_details.entry_id                   2GW5 
_pdbx_entry_details.compound_details           ? 
_pdbx_entry_details.source_details             ? 
_pdbx_entry_details.nonpolymer_details         ? 
_pdbx_entry_details.sequence_details           ? 
_pdbx_entry_details.has_ligand_of_interest     ? 
_pdbx_entry_details.has_protein_modification   Y 
# 
loop_
_pdbx_validate_close_contact.id 
_pdbx_validate_close_contact.PDB_model_num 
_pdbx_validate_close_contact.auth_atom_id_1 
_pdbx_validate_close_contact.auth_asym_id_1 
_pdbx_validate_close_contact.auth_comp_id_1 
_pdbx_validate_close_contact.auth_seq_id_1 
_pdbx_validate_close_contact.PDB_ins_code_1 
_pdbx_validate_close_contact.label_alt_id_1 
_pdbx_validate_close_contact.auth_atom_id_2 
_pdbx_validate_close_contact.auth_asym_id_2 
_pdbx_validate_close_contact.auth_comp_id_2 
_pdbx_validate_close_contact.auth_seq_id_2 
_pdbx_validate_close_contact.PDB_ins_code_2 
_pdbx_validate_close_contact.label_alt_id_2 
_pdbx_validate_close_contact.dist 
1 1 CB  A PRO 21 ? ? O A HOH 646 ? ? 1.92 
2 1 O   A HIS 61 ? ? O A HOH 644 ? ? 2.01 
3 1 OE1 A GLN 18 ? ? O A HOH 645 ? ? 2.13 
# 
_pdbx_validate_symm_contact.id                1 
_pdbx_validate_symm_contact.PDB_model_num     1 
_pdbx_validate_symm_contact.auth_atom_id_1    O 
_pdbx_validate_symm_contact.auth_asym_id_1    A 
_pdbx_validate_symm_contact.auth_comp_id_1    HOH 
_pdbx_validate_symm_contact.auth_seq_id_1     645 
_pdbx_validate_symm_contact.PDB_ins_code_1    ? 
_pdbx_validate_symm_contact.label_alt_id_1    ? 
_pdbx_validate_symm_contact.site_symmetry_1   1_555 
_pdbx_validate_symm_contact.auth_atom_id_2    O 
_pdbx_validate_symm_contact.auth_asym_id_2    A 
_pdbx_validate_symm_contact.auth_comp_id_2    HOH 
_pdbx_validate_symm_contact.auth_seq_id_2     645 
_pdbx_validate_symm_contact.PDB_ins_code_2    ? 
_pdbx_validate_symm_contact.label_alt_id_2    ? 
_pdbx_validate_symm_contact.site_symmetry_2   7_645 
_pdbx_validate_symm_contact.dist              1.72 
# 
_pdbx_validate_rmsd_bond.id                        1 
_pdbx_validate_rmsd_bond.PDB_model_num             1 
_pdbx_validate_rmsd_bond.auth_atom_id_1            CB 
_pdbx_validate_rmsd_bond.auth_asym_id_1            A 
_pdbx_validate_rmsd_bond.auth_comp_id_1            CYS 
_pdbx_validate_rmsd_bond.auth_seq_id_1             122 
_pdbx_validate_rmsd_bond.PDB_ins_code_1            ? 
_pdbx_validate_rmsd_bond.label_alt_id_1            B 
_pdbx_validate_rmsd_bond.auth_atom_id_2            SG 
_pdbx_validate_rmsd_bond.auth_asym_id_2            A 
_pdbx_validate_rmsd_bond.auth_comp_id_2            CYS 
_pdbx_validate_rmsd_bond.auth_seq_id_2             122 
_pdbx_validate_rmsd_bond.PDB_ins_code_2            ? 
_pdbx_validate_rmsd_bond.label_alt_id_2            B 
_pdbx_validate_rmsd_bond.bond_value                1.704 
_pdbx_validate_rmsd_bond.bond_target_value         1.812 
_pdbx_validate_rmsd_bond.bond_deviation            -0.108 
_pdbx_validate_rmsd_bond.bond_standard_deviation   0.016 
_pdbx_validate_rmsd_bond.linker_flag               N 
# 
loop_
_pdbx_validate_rmsd_angle.id 
_pdbx_validate_rmsd_angle.PDB_model_num 
_pdbx_validate_rmsd_angle.auth_atom_id_1 
_pdbx_validate_rmsd_angle.auth_asym_id_1 
_pdbx_validate_rmsd_angle.auth_comp_id_1 
_pdbx_validate_rmsd_angle.auth_seq_id_1 
_pdbx_validate_rmsd_angle.PDB_ins_code_1 
_pdbx_validate_rmsd_angle.label_alt_id_1 
_pdbx_validate_rmsd_angle.auth_atom_id_2 
_pdbx_validate_rmsd_angle.auth_asym_id_2 
_pdbx_validate_rmsd_angle.auth_comp_id_2 
_pdbx_validate_rmsd_angle.auth_seq_id_2 
_pdbx_validate_rmsd_angle.PDB_ins_code_2 
_pdbx_validate_rmsd_angle.label_alt_id_2 
_pdbx_validate_rmsd_angle.auth_atom_id_3 
_pdbx_validate_rmsd_angle.auth_asym_id_3 
_pdbx_validate_rmsd_angle.auth_comp_id_3 
_pdbx_validate_rmsd_angle.auth_seq_id_3 
_pdbx_validate_rmsd_angle.PDB_ins_code_3 
_pdbx_validate_rmsd_angle.label_alt_id_3 
_pdbx_validate_rmsd_angle.angle_value 
_pdbx_validate_rmsd_angle.angle_target_value 
_pdbx_validate_rmsd_angle.angle_deviation 
_pdbx_validate_rmsd_angle.angle_standard_deviation 
_pdbx_validate_rmsd_angle.linker_flag 
1 1 C  A SER 20 ? ? N  A PRO 21 ? ? CA  A PRO 21 ? ? 133.70 119.30 14.40 1.50 Y 
2 1 NE A ARG 39 ? ? CZ A ARG 39 ? ? NH1 A ARG 39 ? ? 123.76 120.30 3.46  0.50 N 
# 
loop_
_pdbx_validate_torsion.id 
_pdbx_validate_torsion.PDB_model_num 
_pdbx_validate_torsion.auth_comp_id 
_pdbx_validate_torsion.auth_asym_id 
_pdbx_validate_torsion.auth_seq_id 
_pdbx_validate_torsion.PDB_ins_code 
_pdbx_validate_torsion.label_alt_id 
_pdbx_validate_torsion.phi 
_pdbx_validate_torsion.psi 
1 1 ARG A 51  ? ? -37.57 129.35 
2 1 TRP A 67  ? ? -24.28 -48.24 
3 1 SER A 186 ? ? -57.65 172.05 
# 
loop_
_pdbx_unobs_or_zero_occ_residues.id 
_pdbx_unobs_or_zero_occ_residues.PDB_model_num 
_pdbx_unobs_or_zero_occ_residues.polymer_flag 
_pdbx_unobs_or_zero_occ_residues.occupancy_flag 
_pdbx_unobs_or_zero_occ_residues.auth_asym_id 
_pdbx_unobs_or_zero_occ_residues.auth_comp_id 
_pdbx_unobs_or_zero_occ_residues.auth_seq_id 
_pdbx_unobs_or_zero_occ_residues.PDB_ins_code 
_pdbx_unobs_or_zero_occ_residues.label_asym_id 
_pdbx_unobs_or_zero_occ_residues.label_comp_id 
_pdbx_unobs_or_zero_occ_residues.label_seq_id 
1  1 Y 1 A GLY 1   ? A GLY 1   
2  1 Y 1 A THR 2   ? A THR 2   
3  1 Y 1 A LYS 42  ? A LYS 42  
4  1 Y 1 A SER 43  ? A SER 43  
5  1 Y 1 A ALA 44  ? A ALA 44  
6  1 Y 1 A SER 45  ? A SER 45  
7  1 Y 1 A TRP 46  ? A TRP 46  
8  1 Y 1 A GLY 137 ? A GLY 136 
9  1 Y 1 A GLU 138 ? A GLU 137 
10 1 Y 1 A ASP 139 ? A ASP 138 
11 1 Y 1 A GLU 140 ? A GLU 139 
12 1 Y 1 A HIS 141 ? A HIS 140 
13 1 Y 1 A PRO 142 ? A PRO 141 
# 
loop_
_chem_comp_atom.comp_id 
_chem_comp_atom.atom_id 
_chem_comp_atom.type_symbol 
_chem_comp_atom.pdbx_aromatic_flag 
_chem_comp_atom.pdbx_stereo_config 
_chem_comp_atom.pdbx_ordinal 
ALA N    N N N 1   
ALA CA   C N S 2   
ALA C    C N N 3   
ALA O    O N N 4   
ALA CB   C N N 5   
ALA OXT  O N N 6   
ALA H    H N N 7   
ALA H2   H N N 8   
ALA HA   H N N 9   
ALA HB1  H N N 10  
ALA HB2  H N N 11  
ALA HB3  H N N 12  
ALA HXT  H N N 13  
ARG N    N N N 14  
ARG CA   C N S 15  
ARG C    C N N 16  
ARG O    O N N 17  
ARG CB   C N N 18  
ARG CG   C N N 19  
ARG CD   C N N 20  
ARG NE   N N N 21  
ARG CZ   C N N 22  
ARG NH1  N N N 23  
ARG NH2  N N N 24  
ARG OXT  O N N 25  
ARG H    H N N 26  
ARG H2   H N N 27  
ARG HA   H N N 28  
ARG HB2  H N N 29  
ARG HB3  H N N 30  
ARG HG2  H N N 31  
ARG HG3  H N N 32  
ARG HD2  H N N 33  
ARG HD3  H N N 34  
ARG HE   H N N 35  
ARG HH11 H N N 36  
ARG HH12 H N N 37  
ARG HH21 H N N 38  
ARG HH22 H N N 39  
ARG HXT  H N N 40  
ASN N    N N N 41  
ASN CA   C N S 42  
ASN C    C N N 43  
ASN O    O N N 44  
ASN CB   C N N 45  
ASN CG   C N N 46  
ASN OD1  O N N 47  
ASN ND2  N N N 48  
ASN OXT  O N N 49  
ASN H    H N N 50  
ASN H2   H N N 51  
ASN HA   H N N 52  
ASN HB2  H N N 53  
ASN HB3  H N N 54  
ASN HD21 H N N 55  
ASN HD22 H N N 56  
ASN HXT  H N N 57  
ASP N    N N N 58  
ASP CA   C N S 59  
ASP C    C N N 60  
ASP O    O N N 61  
ASP CB   C N N 62  
ASP CG   C N N 63  
ASP OD1  O N N 64  
ASP OD2  O N N 65  
ASP OXT  O N N 66  
ASP H    H N N 67  
ASP H2   H N N 68  
ASP HA   H N N 69  
ASP HB2  H N N 70  
ASP HB3  H N N 71  
ASP HD2  H N N 72  
ASP HXT  H N N 73  
CYS N    N N N 74  
CYS CA   C N R 75  
CYS C    C N N 76  
CYS O    O N N 77  
CYS CB   C N N 78  
CYS SG   S N N 79  
CYS OXT  O N N 80  
CYS H    H N N 81  
CYS H2   H N N 82  
CYS HA   H N N 83  
CYS HB2  H N N 84  
CYS HB3  H N N 85  
CYS HG   H N N 86  
CYS HXT  H N N 87  
GLN N    N N N 88  
GLN CA   C N S 89  
GLN C    C N N 90  
GLN O    O N N 91  
GLN CB   C N N 92  
GLN CG   C N N 93  
GLN CD   C N N 94  
GLN OE1  O N N 95  
GLN NE2  N N N 96  
GLN OXT  O N N 97  
GLN H    H N N 98  
GLN H2   H N N 99  
GLN HA   H N N 100 
GLN HB2  H N N 101 
GLN HB3  H N N 102 
GLN HG2  H N N 103 
GLN HG3  H N N 104 
GLN HE21 H N N 105 
GLN HE22 H N N 106 
GLN HXT  H N N 107 
GLU N    N N N 108 
GLU CA   C N S 109 
GLU C    C N N 110 
GLU O    O N N 111 
GLU CB   C N N 112 
GLU CG   C N N 113 
GLU CD   C N N 114 
GLU OE1  O N N 115 
GLU OE2  O N N 116 
GLU OXT  O N N 117 
GLU H    H N N 118 
GLU H2   H N N 119 
GLU HA   H N N 120 
GLU HB2  H N N 121 
GLU HB3  H N N 122 
GLU HG2  H N N 123 
GLU HG3  H N N 124 
GLU HE2  H N N 125 
GLU HXT  H N N 126 
GLY N    N N N 127 
GLY CA   C N N 128 
GLY C    C N N 129 
GLY O    O N N 130 
GLY OXT  O N N 131 
GLY H    H N N 132 
GLY H2   H N N 133 
GLY HA2  H N N 134 
GLY HA3  H N N 135 
GLY HXT  H N N 136 
HIS N    N N N 137 
HIS CA   C N S 138 
HIS C    C N N 139 
HIS O    O N N 140 
HIS CB   C N N 141 
HIS CG   C Y N 142 
HIS ND1  N Y N 143 
HIS CD2  C Y N 144 
HIS CE1  C Y N 145 
HIS NE2  N Y N 146 
HIS OXT  O N N 147 
HIS H    H N N 148 
HIS H2   H N N 149 
HIS HA   H N N 150 
HIS HB2  H N N 151 
HIS HB3  H N N 152 
HIS HD1  H N N 153 
HIS HD2  H N N 154 
HIS HE1  H N N 155 
HIS HE2  H N N 156 
HIS HXT  H N N 157 
HOH O    O N N 158 
HOH H1   H N N 159 
HOH H2   H N N 160 
ILE N    N N N 161 
ILE CA   C N S 162 
ILE C    C N N 163 
ILE O    O N N 164 
ILE CB   C N S 165 
ILE CG1  C N N 166 
ILE CG2  C N N 167 
ILE CD1  C N N 168 
ILE OXT  O N N 169 
ILE H    H N N 170 
ILE H2   H N N 171 
ILE HA   H N N 172 
ILE HB   H N N 173 
ILE HG12 H N N 174 
ILE HG13 H N N 175 
ILE HG21 H N N 176 
ILE HG22 H N N 177 
ILE HG23 H N N 178 
ILE HD11 H N N 179 
ILE HD12 H N N 180 
ILE HD13 H N N 181 
ILE HXT  H N N 182 
IPA C1   C N N 183 
IPA C2   C N N 184 
IPA C3   C N N 185 
IPA O2   O N N 186 
IPA H11  H N N 187 
IPA H12  H N N 188 
IPA H13  H N N 189 
IPA H2   H N N 190 
IPA H31  H N N 191 
IPA H32  H N N 192 
IPA H33  H N N 193 
IPA HO2  H N N 194 
LEU N    N N N 195 
LEU CA   C N S 196 
LEU C    C N N 197 
LEU O    O N N 198 
LEU CB   C N N 199 
LEU CG   C N N 200 
LEU CD1  C N N 201 
LEU CD2  C N N 202 
LEU OXT  O N N 203 
LEU H    H N N 204 
LEU H2   H N N 205 
LEU HA   H N N 206 
LEU HB2  H N N 207 
LEU HB3  H N N 208 
LEU HG   H N N 209 
LEU HD11 H N N 210 
LEU HD12 H N N 211 
LEU HD13 H N N 212 
LEU HD21 H N N 213 
LEU HD22 H N N 214 
LEU HD23 H N N 215 
LEU HXT  H N N 216 
LYS N    N N N 217 
LYS CA   C N S 218 
LYS C    C N N 219 
LYS O    O N N 220 
LYS CB   C N N 221 
LYS CG   C N N 222 
LYS CD   C N N 223 
LYS CE   C N N 224 
LYS NZ   N N N 225 
LYS OXT  O N N 226 
LYS H    H N N 227 
LYS H2   H N N 228 
LYS HA   H N N 229 
LYS HB2  H N N 230 
LYS HB3  H N N 231 
LYS HG2  H N N 232 
LYS HG3  H N N 233 
LYS HD2  H N N 234 
LYS HD3  H N N 235 
LYS HE2  H N N 236 
LYS HE3  H N N 237 
LYS HZ1  H N N 238 
LYS HZ2  H N N 239 
LYS HZ3  H N N 240 
LYS HXT  H N N 241 
MET N    N N N 242 
MET CA   C N S 243 
MET C    C N N 244 
MET O    O N N 245 
MET CB   C N N 246 
MET CG   C N N 247 
MET SD   S N N 248 
MET CE   C N N 249 
MET OXT  O N N 250 
MET H    H N N 251 
MET H2   H N N 252 
MET HA   H N N 253 
MET HB2  H N N 254 
MET HB3  H N N 255 
MET HG2  H N N 256 
MET HG3  H N N 257 
MET HE1  H N N 258 
MET HE2  H N N 259 
MET HE3  H N N 260 
MET HXT  H N N 261 
PHE N    N N N 262 
PHE CA   C N S 263 
PHE C    C N N 264 
PHE O    O N N 265 
PHE CB   C N N 266 
PHE CG   C Y N 267 
PHE CD1  C Y N 268 
PHE CD2  C Y N 269 
PHE CE1  C Y N 270 
PHE CE2  C Y N 271 
PHE CZ   C Y N 272 
PHE OXT  O N N 273 
PHE H    H N N 274 
PHE H2   H N N 275 
PHE HA   H N N 276 
PHE HB2  H N N 277 
PHE HB3  H N N 278 
PHE HD1  H N N 279 
PHE HD2  H N N 280 
PHE HE1  H N N 281 
PHE HE2  H N N 282 
PHE HZ   H N N 283 
PHE HXT  H N N 284 
PRO N    N N N 285 
PRO CA   C N S 286 
PRO C    C N N 287 
PRO O    O N N 288 
PRO CB   C N N 289 
PRO CG   C N N 290 
PRO CD   C N N 291 
PRO OXT  O N N 292 
PRO H    H N N 293 
PRO HA   H N N 294 
PRO HB2  H N N 295 
PRO HB3  H N N 296 
PRO HG2  H N N 297 
PRO HG3  H N N 298 
PRO HD2  H N N 299 
PRO HD3  H N N 300 
PRO HXT  H N N 301 
SER N    N N N 302 
SER CA   C N S 303 
SER C    C N N 304 
SER O    O N N 305 
SER CB   C N N 306 
SER OG   O N N 307 
SER OXT  O N N 308 
SER H    H N N 309 
SER H2   H N N 310 
SER HA   H N N 311 
SER HB2  H N N 312 
SER HB3  H N N 313 
SER HG   H N N 314 
SER HXT  H N N 315 
THR N    N N N 316 
THR CA   C N S 317 
THR C    C N N 318 
THR O    O N N 319 
THR CB   C N R 320 
THR OG1  O N N 321 
THR CG2  C N N 322 
THR OXT  O N N 323 
THR H    H N N 324 
THR H2   H N N 325 
THR HA   H N N 326 
THR HB   H N N 327 
THR HG1  H N N 328 
THR HG21 H N N 329 
THR HG22 H N N 330 
THR HG23 H N N 331 
THR HXT  H N N 332 
TRP N    N N N 333 
TRP CA   C N S 334 
TRP C    C N N 335 
TRP O    O N N 336 
TRP CB   C N N 337 
TRP CG   C Y N 338 
TRP CD1  C Y N 339 
TRP CD2  C Y N 340 
TRP NE1  N Y N 341 
TRP CE2  C Y N 342 
TRP CE3  C Y N 343 
TRP CZ2  C Y N 344 
TRP CZ3  C Y N 345 
TRP CH2  C Y N 346 
TRP OXT  O N N 347 
TRP H    H N N 348 
TRP H2   H N N 349 
TRP HA   H N N 350 
TRP HB2  H N N 351 
TRP HB3  H N N 352 
TRP HD1  H N N 353 
TRP HE1  H N N 354 
TRP HE3  H N N 355 
TRP HZ2  H N N 356 
TRP HZ3  H N N 357 
TRP HH2  H N N 358 
TRP HXT  H N N 359 
TYR N    N N N 360 
TYR CA   C N S 361 
TYR C    C N N 362 
TYR O    O N N 363 
TYR CB   C N N 364 
TYR CG   C Y N 365 
TYR CD1  C Y N 366 
TYR CD2  C Y N 367 
TYR CE1  C Y N 368 
TYR CE2  C Y N 369 
TYR CZ   C Y N 370 
TYR OH   O N N 371 
TYR OXT  O N N 372 
TYR H    H N N 373 
TYR H2   H N N 374 
TYR HA   H N N 375 
TYR HB2  H N N 376 
TYR HB3  H N N 377 
TYR HD1  H N N 378 
TYR HD2  H N N 379 
TYR HE1  H N N 380 
TYR HE2  H N N 381 
TYR HH   H N N 382 
TYR HXT  H N N 383 
VAL N    N N N 384 
VAL CA   C N S 385 
VAL C    C N N 386 
VAL O    O N N 387 
VAL CB   C N N 388 
VAL CG1  C N N 389 
VAL CG2  C N N 390 
VAL OXT  O N N 391 
VAL H    H N N 392 
VAL H2   H N N 393 
VAL HA   H N N 394 
VAL HB   H N N 395 
VAL HG11 H N N 396 
VAL HG12 H N N 397 
VAL HG13 H N N 398 
VAL HG21 H N N 399 
VAL HG22 H N N 400 
VAL HG23 H N N 401 
VAL HXT  H N N 402 
# 
loop_
_chem_comp_bond.comp_id 
_chem_comp_bond.atom_id_1 
_chem_comp_bond.atom_id_2 
_chem_comp_bond.value_order 
_chem_comp_bond.pdbx_aromatic_flag 
_chem_comp_bond.pdbx_stereo_config 
_chem_comp_bond.pdbx_ordinal 
ALA N   CA   sing N N 1   
ALA N   H    sing N N 2   
ALA N   H2   sing N N 3   
ALA CA  C    sing N N 4   
ALA CA  CB   sing N N 5   
ALA CA  HA   sing N N 6   
ALA C   O    doub N N 7   
ALA C   OXT  sing N N 8   
ALA CB  HB1  sing N N 9   
ALA CB  HB2  sing N N 10  
ALA CB  HB3  sing N N 11  
ALA OXT HXT  sing N N 12  
ARG N   CA   sing N N 13  
ARG N   H    sing N N 14  
ARG N   H2   sing N N 15  
ARG CA  C    sing N N 16  
ARG CA  CB   sing N N 17  
ARG CA  HA   sing N N 18  
ARG C   O    doub N N 19  
ARG C   OXT  sing N N 20  
ARG CB  CG   sing N N 21  
ARG CB  HB2  sing N N 22  
ARG CB  HB3  sing N N 23  
ARG CG  CD   sing N N 24  
ARG CG  HG2  sing N N 25  
ARG CG  HG3  sing N N 26  
ARG CD  NE   sing N N 27  
ARG CD  HD2  sing N N 28  
ARG CD  HD3  sing N N 29  
ARG NE  CZ   sing N N 30  
ARG NE  HE   sing N N 31  
ARG CZ  NH1  sing N N 32  
ARG CZ  NH2  doub N N 33  
ARG NH1 HH11 sing N N 34  
ARG NH1 HH12 sing N N 35  
ARG NH2 HH21 sing N N 36  
ARG NH2 HH22 sing N N 37  
ARG OXT HXT  sing N N 38  
ASN N   CA   sing N N 39  
ASN N   H    sing N N 40  
ASN N   H2   sing N N 41  
ASN CA  C    sing N N 42  
ASN CA  CB   sing N N 43  
ASN CA  HA   sing N N 44  
ASN C   O    doub N N 45  
ASN C   OXT  sing N N 46  
ASN CB  CG   sing N N 47  
ASN CB  HB2  sing N N 48  
ASN CB  HB3  sing N N 49  
ASN CG  OD1  doub N N 50  
ASN CG  ND2  sing N N 51  
ASN ND2 HD21 sing N N 52  
ASN ND2 HD22 sing N N 53  
ASN OXT HXT  sing N N 54  
ASP N   CA   sing N N 55  
ASP N   H    sing N N 56  
ASP N   H2   sing N N 57  
ASP CA  C    sing N N 58  
ASP CA  CB   sing N N 59  
ASP CA  HA   sing N N 60  
ASP C   O    doub N N 61  
ASP C   OXT  sing N N 62  
ASP CB  CG   sing N N 63  
ASP CB  HB2  sing N N 64  
ASP CB  HB3  sing N N 65  
ASP CG  OD1  doub N N 66  
ASP CG  OD2  sing N N 67  
ASP OD2 HD2  sing N N 68  
ASP OXT HXT  sing N N 69  
CYS N   CA   sing N N 70  
CYS N   H    sing N N 71  
CYS N   H2   sing N N 72  
CYS CA  C    sing N N 73  
CYS CA  CB   sing N N 74  
CYS CA  HA   sing N N 75  
CYS C   O    doub N N 76  
CYS C   OXT  sing N N 77  
CYS CB  SG   sing N N 78  
CYS CB  HB2  sing N N 79  
CYS CB  HB3  sing N N 80  
CYS SG  HG   sing N N 81  
CYS OXT HXT  sing N N 82  
GLN N   CA   sing N N 83  
GLN N   H    sing N N 84  
GLN N   H2   sing N N 85  
GLN CA  C    sing N N 86  
GLN CA  CB   sing N N 87  
GLN CA  HA   sing N N 88  
GLN C   O    doub N N 89  
GLN C   OXT  sing N N 90  
GLN CB  CG   sing N N 91  
GLN CB  HB2  sing N N 92  
GLN CB  HB3  sing N N 93  
GLN CG  CD   sing N N 94  
GLN CG  HG2  sing N N 95  
GLN CG  HG3  sing N N 96  
GLN CD  OE1  doub N N 97  
GLN CD  NE2  sing N N 98  
GLN NE2 HE21 sing N N 99  
GLN NE2 HE22 sing N N 100 
GLN OXT HXT  sing N N 101 
GLU N   CA   sing N N 102 
GLU N   H    sing N N 103 
GLU N   H2   sing N N 104 
GLU CA  C    sing N N 105 
GLU CA  CB   sing N N 106 
GLU CA  HA   sing N N 107 
GLU C   O    doub N N 108 
GLU C   OXT  sing N N 109 
GLU CB  CG   sing N N 110 
GLU CB  HB2  sing N N 111 
GLU CB  HB3  sing N N 112 
GLU CG  CD   sing N N 113 
GLU CG  HG2  sing N N 114 
GLU CG  HG3  sing N N 115 
GLU CD  OE1  doub N N 116 
GLU CD  OE2  sing N N 117 
GLU OE2 HE2  sing N N 118 
GLU OXT HXT  sing N N 119 
GLY N   CA   sing N N 120 
GLY N   H    sing N N 121 
GLY N   H2   sing N N 122 
GLY CA  C    sing N N 123 
GLY CA  HA2  sing N N 124 
GLY CA  HA3  sing N N 125 
GLY C   O    doub N N 126 
GLY C   OXT  sing N N 127 
GLY OXT HXT  sing N N 128 
HIS N   CA   sing N N 129 
HIS N   H    sing N N 130 
HIS N   H2   sing N N 131 
HIS CA  C    sing N N 132 
HIS CA  CB   sing N N 133 
HIS CA  HA   sing N N 134 
HIS C   O    doub N N 135 
HIS C   OXT  sing N N 136 
HIS CB  CG   sing N N 137 
HIS CB  HB2  sing N N 138 
HIS CB  HB3  sing N N 139 
HIS CG  ND1  sing Y N 140 
HIS CG  CD2  doub Y N 141 
HIS ND1 CE1  doub Y N 142 
HIS ND1 HD1  sing N N 143 
HIS CD2 NE2  sing Y N 144 
HIS CD2 HD2  sing N N 145 
HIS CE1 NE2  sing Y N 146 
HIS CE1 HE1  sing N N 147 
HIS NE2 HE2  sing N N 148 
HIS OXT HXT  sing N N 149 
HOH O   H1   sing N N 150 
HOH O   H2   sing N N 151 
ILE N   CA   sing N N 152 
ILE N   H    sing N N 153 
ILE N   H2   sing N N 154 
ILE CA  C    sing N N 155 
ILE CA  CB   sing N N 156 
ILE CA  HA   sing N N 157 
ILE C   O    doub N N 158 
ILE C   OXT  sing N N 159 
ILE CB  CG1  sing N N 160 
ILE CB  CG2  sing N N 161 
ILE CB  HB   sing N N 162 
ILE CG1 CD1  sing N N 163 
ILE CG1 HG12 sing N N 164 
ILE CG1 HG13 sing N N 165 
ILE CG2 HG21 sing N N 166 
ILE CG2 HG22 sing N N 167 
ILE CG2 HG23 sing N N 168 
ILE CD1 HD11 sing N N 169 
ILE CD1 HD12 sing N N 170 
ILE CD1 HD13 sing N N 171 
ILE OXT HXT  sing N N 172 
IPA C1  C2   sing N N 173 
IPA C1  H11  sing N N 174 
IPA C1  H12  sing N N 175 
IPA C1  H13  sing N N 176 
IPA C2  C3   sing N N 177 
IPA C2  O2   sing N N 178 
IPA C2  H2   sing N N 179 
IPA C3  H31  sing N N 180 
IPA C3  H32  sing N N 181 
IPA C3  H33  sing N N 182 
IPA O2  HO2  sing N N 183 
LEU N   CA   sing N N 184 
LEU N   H    sing N N 185 
LEU N   H2   sing N N 186 
LEU CA  C    sing N N 187 
LEU CA  CB   sing N N 188 
LEU CA  HA   sing N N 189 
LEU C   O    doub N N 190 
LEU C   OXT  sing N N 191 
LEU CB  CG   sing N N 192 
LEU CB  HB2  sing N N 193 
LEU CB  HB3  sing N N 194 
LEU CG  CD1  sing N N 195 
LEU CG  CD2  sing N N 196 
LEU CG  HG   sing N N 197 
LEU CD1 HD11 sing N N 198 
LEU CD1 HD12 sing N N 199 
LEU CD1 HD13 sing N N 200 
LEU CD2 HD21 sing N N 201 
LEU CD2 HD22 sing N N 202 
LEU CD2 HD23 sing N N 203 
LEU OXT HXT  sing N N 204 
LYS N   CA   sing N N 205 
LYS N   H    sing N N 206 
LYS N   H2   sing N N 207 
LYS CA  C    sing N N 208 
LYS CA  CB   sing N N 209 
LYS CA  HA   sing N N 210 
LYS C   O    doub N N 211 
LYS C   OXT  sing N N 212 
LYS CB  CG   sing N N 213 
LYS CB  HB2  sing N N 214 
LYS CB  HB3  sing N N 215 
LYS CG  CD   sing N N 216 
LYS CG  HG2  sing N N 217 
LYS CG  HG3  sing N N 218 
LYS CD  CE   sing N N 219 
LYS CD  HD2  sing N N 220 
LYS CD  HD3  sing N N 221 
LYS CE  NZ   sing N N 222 
LYS CE  HE2  sing N N 223 
LYS CE  HE3  sing N N 224 
LYS NZ  HZ1  sing N N 225 
LYS NZ  HZ2  sing N N 226 
LYS NZ  HZ3  sing N N 227 
LYS OXT HXT  sing N N 228 
MET N   CA   sing N N 229 
MET N   H    sing N N 230 
MET N   H2   sing N N 231 
MET CA  C    sing N N 232 
MET CA  CB   sing N N 233 
MET CA  HA   sing N N 234 
MET C   O    doub N N 235 
MET C   OXT  sing N N 236 
MET CB  CG   sing N N 237 
MET CB  HB2  sing N N 238 
MET CB  HB3  sing N N 239 
MET CG  SD   sing N N 240 
MET CG  HG2  sing N N 241 
MET CG  HG3  sing N N 242 
MET SD  CE   sing N N 243 
MET CE  HE1  sing N N 244 
MET CE  HE2  sing N N 245 
MET CE  HE3  sing N N 246 
MET OXT HXT  sing N N 247 
PHE N   CA   sing N N 248 
PHE N   H    sing N N 249 
PHE N   H2   sing N N 250 
PHE CA  C    sing N N 251 
PHE CA  CB   sing N N 252 
PHE CA  HA   sing N N 253 
PHE C   O    doub N N 254 
PHE C   OXT  sing N N 255 
PHE CB  CG   sing N N 256 
PHE CB  HB2  sing N N 257 
PHE CB  HB3  sing N N 258 
PHE CG  CD1  doub Y N 259 
PHE CG  CD2  sing Y N 260 
PHE CD1 CE1  sing Y N 261 
PHE CD1 HD1  sing N N 262 
PHE CD2 CE2  doub Y N 263 
PHE CD2 HD2  sing N N 264 
PHE CE1 CZ   doub Y N 265 
PHE CE1 HE1  sing N N 266 
PHE CE2 CZ   sing Y N 267 
PHE CE2 HE2  sing N N 268 
PHE CZ  HZ   sing N N 269 
PHE OXT HXT  sing N N 270 
PRO N   CA   sing N N 271 
PRO N   CD   sing N N 272 
PRO N   H    sing N N 273 
PRO CA  C    sing N N 274 
PRO CA  CB   sing N N 275 
PRO CA  HA   sing N N 276 
PRO C   O    doub N N 277 
PRO C   OXT  sing N N 278 
PRO CB  CG   sing N N 279 
PRO CB  HB2  sing N N 280 
PRO CB  HB3  sing N N 281 
PRO CG  CD   sing N N 282 
PRO CG  HG2  sing N N 283 
PRO CG  HG3  sing N N 284 
PRO CD  HD2  sing N N 285 
PRO CD  HD3  sing N N 286 
PRO OXT HXT  sing N N 287 
SER N   CA   sing N N 288 
SER N   H    sing N N 289 
SER N   H2   sing N N 290 
SER CA  C    sing N N 291 
SER CA  CB   sing N N 292 
SER CA  HA   sing N N 293 
SER C   O    doub N N 294 
SER C   OXT  sing N N 295 
SER CB  OG   sing N N 296 
SER CB  HB2  sing N N 297 
SER CB  HB3  sing N N 298 
SER OG  HG   sing N N 299 
SER OXT HXT  sing N N 300 
THR N   CA   sing N N 301 
THR N   H    sing N N 302 
THR N   H2   sing N N 303 
THR CA  C    sing N N 304 
THR CA  CB   sing N N 305 
THR CA  HA   sing N N 306 
THR C   O    doub N N 307 
THR C   OXT  sing N N 308 
THR CB  OG1  sing N N 309 
THR CB  CG2  sing N N 310 
THR CB  HB   sing N N 311 
THR OG1 HG1  sing N N 312 
THR CG2 HG21 sing N N 313 
THR CG2 HG22 sing N N 314 
THR CG2 HG23 sing N N 315 
THR OXT HXT  sing N N 316 
TRP N   CA   sing N N 317 
TRP N   H    sing N N 318 
TRP N   H2   sing N N 319 
TRP CA  C    sing N N 320 
TRP CA  CB   sing N N 321 
TRP CA  HA   sing N N 322 
TRP C   O    doub N N 323 
TRP C   OXT  sing N N 324 
TRP CB  CG   sing N N 325 
TRP CB  HB2  sing N N 326 
TRP CB  HB3  sing N N 327 
TRP CG  CD1  doub Y N 328 
TRP CG  CD2  sing Y N 329 
TRP CD1 NE1  sing Y N 330 
TRP CD1 HD1  sing N N 331 
TRP CD2 CE2  doub Y N 332 
TRP CD2 CE3  sing Y N 333 
TRP NE1 CE2  sing Y N 334 
TRP NE1 HE1  sing N N 335 
TRP CE2 CZ2  sing Y N 336 
TRP CE3 CZ3  doub Y N 337 
TRP CE3 HE3  sing N N 338 
TRP CZ2 CH2  doub Y N 339 
TRP CZ2 HZ2  sing N N 340 
TRP CZ3 CH2  sing Y N 341 
TRP CZ3 HZ3  sing N N 342 
TRP CH2 HH2  sing N N 343 
TRP OXT HXT  sing N N 344 
TYR N   CA   sing N N 345 
TYR N   H    sing N N 346 
TYR N   H2   sing N N 347 
TYR CA  C    sing N N 348 
TYR CA  CB   sing N N 349 
TYR CA  HA   sing N N 350 
TYR C   O    doub N N 351 
TYR C   OXT  sing N N 352 
TYR CB  CG   sing N N 353 
TYR CB  HB2  sing N N 354 
TYR CB  HB3  sing N N 355 
TYR CG  CD1  doub Y N 356 
TYR CG  CD2  sing Y N 357 
TYR CD1 CE1  sing Y N 358 
TYR CD1 HD1  sing N N 359 
TYR CD2 CE2  doub Y N 360 
TYR CD2 HD2  sing N N 361 
TYR CE1 CZ   doub Y N 362 
TYR CE1 HE1  sing N N 363 
TYR CE2 CZ   sing Y N 364 
TYR CE2 HE2  sing N N 365 
TYR CZ  OH   sing N N 366 
TYR OH  HH   sing N N 367 
TYR OXT HXT  sing N N 368 
VAL N   CA   sing N N 369 
VAL N   H    sing N N 370 
VAL N   H2   sing N N 371 
VAL CA  C    sing N N 372 
VAL CA  CB   sing N N 373 
VAL CA  HA   sing N N 374 
VAL C   O    doub N N 375 
VAL C   OXT  sing N N 376 
VAL CB  CG1  sing N N 377 
VAL CB  CG2  sing N N 378 
VAL CB  HB   sing N N 379 
VAL CG1 HG11 sing N N 380 
VAL CG1 HG12 sing N N 381 
VAL CG1 HG13 sing N N 382 
VAL CG2 HG21 sing N N 383 
VAL CG2 HG22 sing N N 384 
VAL CG2 HG23 sing N N 385 
VAL OXT HXT  sing N N 386 
# 
_pdbx_initial_refinement_model.id               1 
_pdbx_initial_refinement_model.entity_id_list   ? 
_pdbx_initial_refinement_model.type             'experimental model' 
_pdbx_initial_refinement_model.source_name      PDB 
_pdbx_initial_refinement_model.accession_code   1G0X 
_pdbx_initial_refinement_model.details          'PDB entry 1G0X' 
# 
_atom_sites.entry_id                    2GW5 
_atom_sites.fract_transf_matrix[1][1]   0.00280564 
_atom_sites.fract_transf_matrix[1][2]   -0.00675727 
_atom_sites.fract_transf_matrix[1][3]   0.01422012 
_atom_sites.fract_transf_matrix[2][1]   0.00148478 
_atom_sites.fract_transf_matrix[2][2]   -0.01426620 
_atom_sites.fract_transf_matrix[2][3]   -0.00707212 
_atom_sites.fract_transf_matrix[3][1]   0.00916690 
_atom_sites.fract_transf_matrix[3][2]   0.00149781 
_atom_sites.fract_transf_matrix[3][3]   -0.00109689 
_atom_sites.fract_transf_vector[1]      0.897934 
_atom_sites.fract_transf_vector[2]      0.242615 
_atom_sites.fract_transf_vector[3]      0.041450 
# 
loop_
_atom_type.symbol 
C 
N 
O 
S 
# 
loop_
_atom_site.group_PDB 
_atom_site.id 
_atom_site.type_symbol 
_atom_site.label_atom_id 
_atom_site.label_alt_id 
_atom_site.label_comp_id 
_atom_site.label_asym_id 
_atom_site.label_entity_id 
_atom_site.label_seq_id 
_atom_site.pdbx_PDB_ins_code 
_atom_site.Cartn_x 
_atom_site.Cartn_y 
_atom_site.Cartn_z 
_atom_site.occupancy 
_atom_site.B_iso_or_equiv 
_atom_site.pdbx_formal_charge 
_atom_site.auth_seq_id 
_atom_site.auth_comp_id 
_atom_site.auth_asym_id 
_atom_site.auth_atom_id 
_atom_site.pdbx_PDB_model_num 
ATOM   1    N N   . ILE A 1 3   ? -12.689 -24.430 -8.889  1.00 39.44 ? 3   ILE A N   1 
ATOM   2    C CA  . ILE A 1 3   ? -11.346 -24.823 -9.455  1.00 38.35 ? 3   ILE A CA  1 
ATOM   3    C C   . ILE A 1 3   ? -10.352 -23.616 -9.601  1.00 37.90 ? 3   ILE A C   1 
ATOM   4    O O   . ILE A 1 3   ? -9.297  -23.639 -8.926  1.00 37.66 ? 3   ILE A O   1 
ATOM   5    C CB  . ILE A 1 3   ? -11.478 -25.652 -10.750 1.00 40.07 ? 3   ILE A CB  1 
ATOM   6    N N   . PRO A 1 4   ? -10.710 -22.569 -10.408 1.00 35.61 ? 4   PRO A N   1 
ATOM   7    C CA  . PRO A 1 4   ? -9.919  -21.346 -10.663 1.00 36.23 ? 4   PRO A CA  1 
ATOM   8    C C   . PRO A 1 4   ? -9.815  -20.507 -9.403  1.00 34.24 ? 4   PRO A C   1 
ATOM   9    O O   . PRO A 1 4   ? -10.837 -20.162 -8.791  1.00 33.42 ? 4   PRO A O   1 
ATOM   10   C CB  . PRO A 1 4   ? -10.768 -20.553 -11.670 1.00 35.81 ? 4   PRO A CB  1 
ATOM   11   C CG  . PRO A 1 4   ? -12.172 -21.049 -11.416 1.00 37.12 ? 4   PRO A CG  1 
ATOM   12   C CD  . PRO A 1 4   ? -11.991 -22.510 -11.129 1.00 36.34 ? 4   PRO A CD  1 
ATOM   13   N N   . LYS A 1 5   ? -8.571  -20.174 -9.064  1.00 32.49 ? 5   LYS A N   1 
ATOM   14   C CA  . LYS A 1 5   ? -8.238  -19.203 -8.009  1.00 28.63 ? 5   LYS A CA  1 
ATOM   15   C C   . LYS A 1 5   ? -9.003  -17.895 -8.177  1.00 25.49 ? 5   LYS A C   1 
ATOM   16   O O   . LYS A 1 5   ? -9.064  -17.272 -9.253  1.00 27.49 ? 5   LYS A O   1 
ATOM   17   C CB  . LYS A 1 5   ? -6.716  -18.957 -8.049  1.00 28.27 ? 5   LYS A CB  1 
ATOM   18   C CG  . LYS A 1 5   ? -6.143  -17.913 -7.142  1.00 29.74 ? 5   LYS A CG  1 
ATOM   19   C CD  . LYS A 1 5   ? -4.560  -17.944 -7.278  1.00 30.71 ? 5   LYS A CD  1 
ATOM   20   C CE  . LYS A 1 5   ? -4.064  -17.196 -8.498  1.00 38.61 ? 5   LYS A CE  1 
ATOM   21   N NZ  . LYS A 1 5   ? -2.548  -17.393 -8.809  1.00 35.59 ? 5   LYS A NZ  1 
ATOM   22   N N   . PRO A 1 6   ? -9.538  -17.396 -7.076  1.00 21.81 ? 6   PRO A N   1 
ATOM   23   C CA  . PRO A 1 6   ? -10.288 -16.195 -7.139  1.00 21.57 ? 6   PRO A CA  1 
ATOM   24   C C   . PRO A 1 6   ? -9.373  -14.943 -7.188  1.00 21.21 ? 6   PRO A C   1 
ATOM   25   O O   . PRO A 1 6   ? -8.198  -15.037 -6.920  1.00 21.35 ? 6   PRO A O   1 
ATOM   26   C CB  . PRO A 1 6   ? -11.068 -16.203 -5.812  1.00 20.61 ? 6   PRO A CB  1 
ATOM   27   C CG  . PRO A 1 6   ? -10.293 -17.020 -4.892  1.00 20.66 ? 6   PRO A CG  1 
ATOM   28   C CD  . PRO A 1 6   ? -9.452  -17.954 -5.719  1.00 22.79 ? 6   PRO A CD  1 
ATOM   29   N N   . THR A 1 7   ? -9.991  -13.801 -7.422  1.00 22.19 ? 7   THR A N   1 
ATOM   30   C CA  . THR A 1 7   ? -9.306  -12.508 -7.421  1.00 23.85 ? 7   THR A CA  1 
ATOM   31   C C   . THR A 1 7   ? -9.815  -11.748 -6.173  1.00 22.74 ? 7   THR A C   1 
ATOM   32   O O   . THR A 1 7   ? -10.966 -11.871 -5.803  1.00 22.37 ? 7   THR A O   1 
ATOM   33   C CB  . THR A 1 7   ? -9.642  -11.763 -8.762  1.00 25.96 ? 7   THR A CB  1 
ATOM   34   O OG1 . THR A 1 7   ? -9.098  -12.542 -9.856  1.00 32.91 ? 7   THR A OG1 1 
ATOM   35   C CG2 . THR A 1 7   ? -8.992  -10.454 -8.799  1.00 30.07 ? 7   THR A CG2 1 
ATOM   36   N N   . LEU A 1 8   ? -8.917  -11.016 -5.504  1.00 22.47 ? 8   LEU A N   1 
ATOM   37   C CA  . LEU A 1 8   ? -9.265  -10.258 -4.321  1.00 23.73 ? 8   LEU A CA  1 
ATOM   38   C C   . LEU A 1 8   ? -8.861  -8.823  -4.571  1.00 25.50 ? 8   LEU A C   1 
ATOM   39   O O   . LEU A 1 8   ? -7.689  -8.562  -4.938  1.00 27.42 ? 8   LEU A O   1 
ATOM   40   C CB  . LEU A 1 8   ? -8.514  -10.829 -3.052  1.00 23.34 ? 8   LEU A CB  1 
ATOM   41   C CG  . LEU A 1 8   ? -8.619  -10.091 -1.734  1.00 23.55 ? 8   LEU A CG  1 
ATOM   42   C CD1 . LEU A 1 8   ? -10.056 -10.041 -1.231  1.00 23.39 ? 8   LEU A CD1 1 
ATOM   43   C CD2 . LEU A 1 8   ? -7.743  -10.764 -0.663  1.00 25.66 ? 8   LEU A CD2 1 
ATOM   44   N N   . TRP A 1 9   ? -9.815  -7.912  -4.422  1.00 26.57 ? 9   TRP A N   1 
ATOM   45   C CA  . TRP A 1 9   ? -9.478  -6.508  -4.624  1.00 30.54 ? 9   TRP A CA  1 
ATOM   46   C C   . TRP A 1 9   ? -10.029 -5.611  -3.568  1.00 28.80 ? 9   TRP A C   1 
ATOM   47   O O   . TRP A 1 9   ? -10.852 -6.018  -2.746  1.00 26.76 ? 9   TRP A O   1 
ATOM   48   C CB  . TRP A 1 9   ? -9.677  -5.990  -6.087  1.00 34.32 ? 9   TRP A CB  1 
ATOM   49   C CG  . TRP A 1 9   ? -10.863 -6.424  -6.924  1.00 38.02 ? 9   TRP A CG  1 
ATOM   50   C CD1 . TRP A 1 9   ? -10.875 -7.448  -7.829  1.00 44.43 ? 9   TRP A CD1 1 
ATOM   51   C CD2 . TRP A 1 9   ? -12.118 -5.747  -7.084  1.00 42.67 ? 9   TRP A CD2 1 
ATOM   52   N NE1 . TRP A 1 9   ? -12.090 -7.511  -8.473  1.00 47.81 ? 9   TRP A NE1 1 
ATOM   53   C CE2 . TRP A 1 9   ? -12.875 -6.485  -8.027  1.00 42.18 ? 9   TRP A CE2 1 
ATOM   54   C CE3 . TRP A 1 9   ? -12.708 -4.635  -6.467  1.00 45.22 ? 9   TRP A CE3 1 
ATOM   55   C CZ2 . TRP A 1 9   ? -14.194 -6.142  -8.389  1.00 44.96 ? 9   TRP A CZ2 1 
ATOM   56   C CZ3 . TRP A 1 9   ? -14.024 -4.283  -6.812  1.00 45.56 ? 9   TRP A CZ3 1 
ATOM   57   C CH2 . TRP A 1 9   ? -14.755 -5.033  -7.780  1.00 44.21 ? 9   TRP A CH2 1 
ATOM   58   N N   . ALA A 1 10  ? -9.475  -4.386  -3.513  1.00 29.13 ? 10  ALA A N   1 
ATOM   59   C CA  . ALA A 1 10  ? -9.973  -3.383  -2.593  1.00 29.32 ? 10  ALA A CA  1 
ATOM   60   C C   . ALA A 1 10  ? -10.419 -2.162  -3.391  1.00 29.62 ? 10  ALA A C   1 
ATOM   61   O O   . ALA A 1 10  ? -9.805  -1.796  -4.399  1.00 31.44 ? 10  ALA A O   1 
ATOM   62   C CB  . ALA A 1 10  ? -8.907  -2.999  -1.552  1.00 28.11 ? 10  ALA A CB  1 
ATOM   63   N N   . GLU A 1 11  ? -11.528 -1.620  -2.949  1.00 30.76 ? 11  GLU A N   1 
ATOM   64   C CA  . GLU A 1 11  ? -12.171 -0.411  -3.518  1.00 32.35 ? 11  GLU A CA  1 
ATOM   65   C C   . GLU A 1 11  ? -12.328 0.518   -2.362  1.00 31.76 ? 11  GLU A C   1 
ATOM   66   O O   . GLU A 1 11  ? -12.786 0.124   -1.321  1.00 32.46 ? 11  GLU A O   1 
ATOM   67   C CB  . GLU A 1 11  ? -13.548 -0.773  -4.116  1.00 30.87 ? 11  GLU A CB  1 
ATOM   68   N N   . PRO A 1 12  ? -11.888 1.782   -2.488  1.00 33.21 ? 12  PRO A N   1 
ATOM   69   C CA  . PRO A 1 12  ? -11.264 2.611   -3.489  1.00 32.13 ? 12  PRO A CA  1 
ATOM   70   C C   . PRO A 1 12  ? -9.907  2.138   -3.884  1.00 31.33 ? 12  PRO A C   1 
ATOM   71   O O   . PRO A 1 12  ? -9.544  2.183   -5.068  1.00 32.47 ? 12  PRO A O   1 
ATOM   72   C CB  . PRO A 1 12  ? -11.089 3.991   -2.768  1.00 32.60 ? 12  PRO A CB  1 
ATOM   73   C CG  . PRO A 1 12  ? -11.682 3.890   -1.474  1.00 32.90 ? 12  PRO A CG  1 
ATOM   74   C CD  . PRO A 1 12  ? -12.077 2.456   -1.192  1.00 33.56 ? 12  PRO A CD  1 
ATOM   75   N N   . ASP A 1 13  ? -9.149  1.701   -2.863  1.00 30.68 ? 13  ASP A N   1 
ATOM   76   C CA  . ASP A 1 13  ? -7.781  1.312   -3.049  1.00 29.15 ? 13  ASP A CA  1 
ATOM   77   C C   . ASP A 1 13  ? -7.400  0.359   -1.948  1.00 26.07 ? 13  ASP A C   1 
ATOM   78   O O   . ASP A 1 13  ? -8.168  0.095   -1.059  1.00 27.44 ? 13  ASP A O   1 
ATOM   79   C CB  . ASP A 1 13  ? -6.857  2.548   -2.918  1.00 28.51 ? 13  ASP A CB  1 
ATOM   80   C CG  . ASP A 1 13  ? -5.540  2.352   -3.602  1.00 32.88 ? 13  ASP A CG  1 
ATOM   81   O OD1 . ASP A 1 13  ? -5.397  1.442   -4.425  1.00 42.63 ? 13  ASP A OD1 1 
ATOM   82   O OD2 . ASP A 1 13  ? -4.609  3.101   -3.315  1.00 38.81 ? 13  ASP A OD2 1 
ATOM   83   N N   . SER A 1 14  ? -6.162  -0.082  -1.990  1.00 25.17 ? 14  SER A N   1 
ATOM   84   C CA  . SER A 1 14  ? -5.680  -0.909  -0.877  1.00 24.33 ? 14  SER A CA  1 
ATOM   85   C C   . SER A 1 14  ? -4.794  -0.115  0.113   1.00 21.59 ? 14  SER A C   1 
ATOM   86   O O   . SER A 1 14  ? -4.281  -0.660  1.070   1.00 22.76 ? 14  SER A O   1 
ATOM   87   C CB  . SER A 1 14  ? -4.925  -2.084  -1.452  1.00 25.39 ? 14  SER A CB  1 
ATOM   88   O OG  . SER A 1 14  ? -3.881  -1.667  -2.287  1.00 27.13 ? 14  SER A OG  1 
ATOM   89   N N   . VAL A 1 15  ? -4.620  1.166   -0.167  1.00 22.22 ? 15  VAL A N   1 
ATOM   90   C CA  . VAL A 1 15  ? -3.977  2.113   0.764   1.00 21.27 ? 15  VAL A CA  1 
ATOM   91   C C   . VAL A 1 15  ? -5.095  3.116   1.186   1.00 20.69 ? 15  VAL A C   1 
ATOM   92   O O   . VAL A 1 15  ? -5.647  3.814   0.318   1.00 22.78 ? 15  VAL A O   1 
ATOM   93   C CB  . VAL A 1 15  ? -2.865  2.858   0.080   1.00 20.21 ? 15  VAL A CB  1 
ATOM   94   C CG1 . VAL A 1 15  ? -2.207  3.866   1.064   1.00 21.01 ? 15  VAL A CG1 1 
ATOM   95   C CG2 . VAL A 1 15  ? -1.721  1.870   -0.389  1.00 20.14 ? 15  VAL A CG2 1 
ATOM   96   N N   . ILE A 1 16  ? -5.446  3.074   2.442   1.00 23.00 ? 16  ILE A N   1 
ATOM   97   C CA  . ILE A 1 16  ? -6.628  3.744   3.018   1.00 24.93 ? 16  ILE A CA  1 
ATOM   98   C C   . ILE A 1 16  ? -6.204  4.707   4.098   1.00 25.65 ? 16  ILE A C   1 
ATOM   99   O O   . ILE A 1 16  ? -5.477  4.308   4.955   1.00 24.71 ? 16  ILE A O   1 
ATOM   100  C CB  . ILE A 1 16  ? -7.531  2.639   3.714   1.00 24.52 ? 16  ILE A CB  1 
ATOM   101  C CG1 . ILE A 1 16  ? -8.135  1.741   2.604   1.00 25.58 ? 16  ILE A CG1 1 
ATOM   102  C CG2 . ILE A 1 16  ? -8.693  3.230   4.701   1.00 24.70 ? 16  ILE A CG2 1 
ATOM   103  C CD1 . ILE A 1 16  ? -8.505  2.538   1.257   1.00 27.62 ? 16  ILE A CD1 1 
ATOM   104  N N   . THR A 1 17  ? -6.703  5.962   4.078   1.00 28.32 ? 17  THR A N   1 
ATOM   105  C CA  . THR A 1 17  ? -6.425  6.847   5.227   1.00 31.56 ? 17  THR A CA  1 
ATOM   106  C C   . THR A 1 17  ? -7.209  6.374   6.405   1.00 32.43 ? 17  THR A C   1 
ATOM   107  O O   . THR A 1 17  ? -8.355  5.889   6.253   1.00 33.09 ? 17  THR A O   1 
ATOM   108  C CB  . THR A 1 17  ? -6.760  8.304   4.965   1.00 31.65 ? 17  THR A CB  1 
ATOM   109  O OG1 . THR A 1 17  ? -8.177  8.401   4.963   1.00 35.47 ? 17  THR A OG1 1 
ATOM   110  C CG2 . THR A 1 17  ? -6.219  8.729   3.644   1.00 31.74 ? 17  THR A CG2 1 
ATOM   111  N N   . GLN A 1 18  ? -6.575  6.524   7.542   1.00 31.93 ? 18  GLN A N   1 
ATOM   112  C CA  . GLN A 1 18  ? -6.934  5.999   8.789   1.00 35.06 ? 18  GLN A CA  1 
ATOM   113  C C   . GLN A 1 18  ? -8.261  6.396   9.334   1.00 35.34 ? 18  GLN A C   1 
ATOM   114  O O   . GLN A 1 18  ? -8.922  7.370   8.788   1.00 34.25 ? 18  GLN A O   1 
ATOM   115  C CB  . GLN A 1 18  ? -5.863  6.261   9.812   1.00 36.57 ? 18  GLN A CB  1 
ATOM   116  C CG  . GLN A 1 18  ? -5.933  7.526   10.586  1.00 38.74 ? 18  GLN A CG  1 
ATOM   117  C CD  . GLN A 1 18  ? -5.705  7.209   12.048  1.00 37.85 ? 18  GLN A CD  1 
ATOM   118  O OE1 . GLN A 1 18  ? -5.995  6.110   12.502  1.00 33.22 ? 18  GLN A OE1 1 
ATOM   119  N NE2 . GLN A 1 18  ? -5.076  8.135   12.760  1.00 35.35 ? 18  GLN A NE2 1 
ATOM   120  N N   . GLY A 1 19  ? -8.633  5.545   10.311  1.00 34.32 ? 19  GLY A N   1 
ATOM   121  C CA  . GLY A 1 19  ? -9.958  5.467   10.946  1.00 33.20 ? 19  GLY A CA  1 
ATOM   122  C C   . GLY A 1 19  ? -11.013 5.489   9.872   1.00 34.13 ? 19  GLY A C   1 
ATOM   123  O O   . GLY A 1 19  ? -12.198 5.399   10.174  1.00 33.25 ? 19  GLY A O   1 
ATOM   124  N N   . SER A 1 20  ? -10.587 5.559   8.614   1.00 33.97 ? 20  SER A N   1 
ATOM   125  C CA  . SER A 1 20  ? -11.580 5.333   7.491   1.00 33.13 ? 20  SER A CA  1 
ATOM   126  C C   . SER A 1 20  ? -11.894 3.836   6.993   1.00 33.58 ? 20  SER A C   1 
ATOM   127  O O   . SER A 1 20  ? -11.480 2.789   7.623   1.00 28.78 ? 20  SER A O   1 
ATOM   128  C CB  . SER A 1 20  ? -11.246 6.187   6.279   1.00 32.02 ? 20  SER A CB  1 
ATOM   129  O OG  . SER A 1 20  ? -10.598 7.412   6.546   1.00 35.60 ? 20  SER A OG  1 
ATOM   130  N N   . PRO A 1 21  ? -12.665 3.746   5.860   1.00 33.91 ? 21  PRO A N   1 
ATOM   131  C CA  . PRO A 1 21  ? -13.400 2.603   5.178   1.00 35.31 ? 21  PRO A CA  1 
ATOM   132  C C   . PRO A 1 21  ? -13.154 2.208   3.655   1.00 34.45 ? 21  PRO A C   1 
ATOM   133  O O   . PRO A 1 21  ? -12.839 3.042   2.739   1.00 37.38 ? 21  PRO A O   1 
ATOM   134  C CB  . PRO A 1 21  ? -14.835 3.138   5.215   1.00 36.17 ? 21  PRO A CB  1 
ATOM   135  C CG  . PRO A 1 21  ? -14.571 4.725   4.939   1.00 37.17 ? 21  PRO A CG  1 
ATOM   136  C CD  . PRO A 1 21  ? -13.081 4.997   5.205   1.00 35.78 ? 21  PRO A CD  1 
ATOM   137  N N   . VAL A 1 22  ? -13.400 0.931   3.319   1.00 32.49 ? 22  VAL A N   1 
ATOM   138  C CA  . VAL A 1 22  ? -12.903 0.422   2.050   1.00 30.29 ? 22  VAL A CA  1 
ATOM   139  C C   . VAL A 1 22  ? -13.582 -0.948  1.860   1.00 29.26 ? 22  VAL A C   1 
ATOM   140  O O   . VAL A 1 22  ? -13.944 -1.552  2.843   1.00 30.15 ? 22  VAL A O   1 
ATOM   141  C CB  . VAL A 1 22  ? -11.354 0.149   2.189   1.00 30.25 ? 22  VAL A CB  1 
ATOM   142  C CG1 . VAL A 1 22  ? -11.095 -0.542  3.467   1.00 25.31 ? 22  VAL A CG1 1 
ATOM   143  C CG2 . VAL A 1 22  ? -10.770 -0.585  0.981   1.00 29.41 ? 22  VAL A CG2 1 
ATOM   144  N N   . THR A 1 23  ? -13.747 -1.402  0.628   1.00 29.83 ? 23  THR A N   1 
ATOM   145  C CA  . THR A 1 23  ? -14.283 -2.794  0.535   1.00 29.37 ? 23  THR A CA  1 
ATOM   146  C C   . THR A 1 23  ? -13.309 -3.743  -0.050  1.00 26.32 ? 23  THR A C   1 
ATOM   147  O O   . THR A 1 23  ? -12.800 -3.481  -1.140  1.00 28.73 ? 23  THR A O   1 
ATOM   148  C CB  . THR A 1 23  ? -15.574 -2.988  -0.234  1.00 29.76 ? 23  THR A CB  1 
ATOM   149  O OG1 . THR A 1 23  ? -16.420 -1.841  -0.131  1.00 32.71 ? 23  THR A OG1 1 
ATOM   150  C CG2 . THR A 1 23  ? -16.293 -4.206  0.394   1.00 29.19 ? 23  THR A CG2 1 
ATOM   151  N N   . LEU A 1 24  ? -13.163 -4.880  0.631   1.00 27.23 ? 24  LEU A N   1 
ATOM   152  C CA  . LEU A 1 24  ? -12.402 -6.061  0.074   1.00 25.64 ? 24  LEU A CA  1 
ATOM   153  C C   . LEU A 1 24  ? -13.377 -7.027  -0.641  1.00 25.80 ? 24  LEU A C   1 
ATOM   154  O O   . LEU A 1 24  ? -14.339 -7.459  -0.020  1.00 28.37 ? 24  LEU A O   1 
ATOM   155  C CB  . LEU A 1 24  ? -11.629 -6.783  1.198   1.00 24.26 ? 24  LEU A CB  1 
ATOM   156  C CG  . LEU A 1 24  ? -10.554 -6.076  2.076   1.00 26.99 ? 24  LEU A CG  1 
ATOM   157  C CD1 . LEU A 1 24  ? -9.634  -7.085  2.730   1.00 23.93 ? 24  LEU A CD1 1 
ATOM   158  C CD2 . LEU A 1 24  ? -9.788  -5.040  1.318   1.00 31.61 ? 24  LEU A CD2 1 
ATOM   159  N N   . SER A 1 25  ? -13.150 -7.300  -1.929  1.00 26.39 ? 25  SER A N   1 
ATOM   160  C CA  . SER A 1 25  ? -14.075 -8.134  -2.730  1.00 27.30 ? 25  SER A CA  1 
ATOM   161  C C   . SER A 1 25  ? -13.381 -9.355  -3.176  1.00 23.39 ? 25  SER A C   1 
ATOM   162  O O   . SER A 1 25  ? -12.344 -9.262  -3.795  1.00 23.85 ? 25  SER A O   1 
ATOM   163  C CB  . SER A 1 25  ? -14.556 -7.357  -3.982  1.00 27.94 ? 25  SER A CB  1 
ATOM   164  O OG  . SER A 1 25  ? -15.574 -6.466  -3.586  1.00 32.80 ? 25  SER A OG  1 
ATOM   165  N N   . CYS A 1 26  ? -13.905 -10.508 -2.795  1.00 25.75 ? 26  CYS A N   1 
ATOM   166  C CA  . CYS A 1 26  ? -13.378 -11.794 -3.313  1.00 24.38 ? 26  CYS A CA  1 
ATOM   167  C C   . CYS A 1 26  ? -14.309 -12.263 -4.410  1.00 25.15 ? 26  CYS A C   1 
ATOM   168  O O   . CYS A 1 26  ? -15.502 -12.337 -4.223  1.00 24.66 ? 26  CYS A O   1 
ATOM   169  C CB  . CYS A 1 26  ? -13.288 -12.850 -2.244  1.00 23.45 ? 26  CYS A CB  1 
ATOM   170  S SG  . CYS A 1 26  ? -12.478 -14.341 -2.892  1.00 27.00 ? 26  CYS A SG  1 
ATOM   171  N N   . GLN A 1 27  ? -13.725 -12.446 -5.577  1.00 25.86 ? 27  GLN A N   1 
ATOM   172  C CA  . GLN A 1 27  ? -14.456 -12.681 -6.801  1.00 29.73 ? 27  GLN A CA  1 
ATOM   173  C C   . GLN A 1 27  ? -14.110 -14.088 -7.261  1.00 28.50 ? 27  GLN A C   1 
ATOM   174  O O   . GLN A 1 27  ? -13.019 -14.347 -7.784  1.00 26.73 ? 27  GLN A O   1 
ATOM   175  C CB  . GLN A 1 27  ? -14.007 -11.624 -7.813  1.00 31.47 ? 27  GLN A CB  1 
ATOM   176  C CG  . GLN A 1 27  ? -13.748 -10.233 -7.217  1.00 36.90 ? 27  GLN A CG  1 
ATOM   177  C CD  . GLN A 1 27  ? -15.052 -9.516  -6.918  1.00 43.57 ? 27  GLN A CD  1 
ATOM   178  O OE1 . GLN A 1 27  ? -16.116 -9.893  -7.421  1.00 46.43 ? 27  GLN A OE1 1 
ATOM   179  N NE2 . GLN A 1 27  ? -14.982 -8.484  -6.073  1.00 47.70 ? 27  GLN A NE2 1 
ATOM   180  N N   . GLY A 1 28  ? -15.037 -15.022 -7.085  1.00 30.38 ? 28  GLY A N   1 
ATOM   181  C CA  . GLY A 1 28  ? -14.771 -16.377 -7.514  1.00 30.81 ? 28  GLY A CA  1 
ATOM   182  C C   . GLY A 1 28  ? -15.660 -16.854 -8.667  1.00 32.91 ? 28  GLY A C   1 
ATOM   183  O O   . GLY A 1 28  ? -15.957 -16.091 -9.614  1.00 33.40 ? 28  GLY A O   1 
ATOM   184  N N   . SER A 1 29  ? -16.047 -18.136 -8.641  1.00 32.44 ? 29  SER A N   1 
ATOM   185  C CA  . SER A 1 29  ? -17.066 -18.629 -9.566  1.00 32.88 ? 29  SER A CA  1 
ATOM   186  C C   . SER A 1 29  ? -18.455 -18.077 -9.260  1.00 31.94 ? 29  SER A C   1 
ATOM   187  O O   . SER A 1 29  ? -18.766 -17.852 -8.120  1.00 30.12 ? 29  SER A O   1 
ATOM   188  C CB  . SER A 1 29  ? -17.124 -20.142 -9.426  1.00 33.76 ? 29  SER A CB  1 
ATOM   189  O OG  . SER A 1 29  ? -18.062 -20.645 -10.340 1.00 37.47 ? 29  SER A OG  1 
ATOM   190  N N   . LEU A 1 30  ? -19.382 -18.008 -10.237 1.00 32.09 ? 30  LEU A N   1 
ATOM   191  C CA  . LEU A 1 30  ? -20.786 -17.637 -9.891  1.00 30.50 ? 30  LEU A CA  1 
ATOM   192  C C   . LEU A 1 30  ? -21.458 -18.756 -9.069  1.00 29.50 ? 30  LEU A C   1 
ATOM   193  O O   . LEU A 1 30  ? -22.391 -18.535 -8.279  1.00 30.02 ? 30  LEU A O   1 
ATOM   194  C CB  . LEU A 1 30  ? -21.600 -17.231 -11.142 1.00 31.84 ? 30  LEU A CB  1 
ATOM   195  C CG  . LEU A 1 30  ? -20.887 -16.272 -12.115 1.00 36.67 ? 30  LEU A CG  1 
ATOM   196  C CD1 . LEU A 1 30  ? -21.779 -15.892 -13.326 1.00 39.22 ? 30  LEU A CD1 1 
ATOM   197  C CD2 . LEU A 1 30  ? -20.255 -14.983 -11.458 1.00 40.38 ? 30  LEU A CD2 1 
ATOM   198  N N   . GLU A 1 31  ? -20.866 -19.943 -9.155  1.00 25.99 ? 31  GLU A N   1 
ATOM   199  C CA  . GLU A 1 31  ? -21.344 -21.087 -8.373  1.00 26.87 ? 31  GLU A CA  1 
ATOM   200  C C   . GLU A 1 31  ? -20.742 -21.224 -6.962  1.00 24.57 ? 31  GLU A C   1 
ATOM   201  O O   . GLU A 1 31  ? -20.915 -22.261 -6.319  1.00 22.49 ? 31  GLU A O   1 
ATOM   202  C CB  . GLU A 1 31  ? -21.056 -22.389 -9.139  1.00 28.56 ? 31  GLU A CB  1 
ATOM   203  C CG  . GLU A 1 31  ? -21.848 -22.495 -10.442 1.00 36.94 ? 31  GLU A CG  1 
ATOM   204  C CD  . GLU A 1 31  ? -23.317 -22.913 -10.256 1.00 46.33 ? 31  GLU A CD  1 
ATOM   205  O OE1 . GLU A 1 31  ? -23.736 -23.316 -9.121  1.00 49.84 ? 31  GLU A OE1 1 
ATOM   206  O OE2 . GLU A 1 31  ? -24.061 -22.859 -11.263 1.00 50.12 ? 31  GLU A OE2 1 
ATOM   207  N N   . ALA A 1 32  ? -20.024 -20.202 -6.489  1.00 22.62 ? 32  ALA A N   1 
ATOM   208  C CA  . ALA A 1 32  ? -19.412 -20.284 -5.167  1.00 21.39 ? 32  ALA A CA  1 
ATOM   209  C C   . ALA A 1 32  ? -20.466 -20.461 -4.151  1.00 21.95 ? 32  ALA A C   1 
ATOM   210  O O   . ALA A 1 32  ? -21.537 -19.745 -4.182  1.00 24.36 ? 32  ALA A O   1 
ATOM   211  C CB  . ALA A 1 32  ? -18.533 -18.996 -4.910  1.00 22.00 ? 32  ALA A CB  1 
ATOM   212  N N   . GLN A 1 33  ? -20.247 -21.411 -3.257  1.00 20.76 ? 33  GLN A N   1 
ATOM   213  C CA  . GLN A 1 33  ? -21.149 -21.741 -2.173  1.00 21.17 ? 33  GLN A CA  1 
ATOM   214  C C   . GLN A 1 33  ? -20.767 -21.087 -0.847  1.00 21.51 ? 33  GLN A C   1 
ATOM   215  O O   . GLN A 1 33  ? -21.629 -20.917 0.028   1.00 22.18 ? 33  GLN A O   1 
ATOM   216  C CB  . GLN A 1 33  ? -21.170 -23.271 -1.997  1.00 23.74 ? 33  GLN A CB  1 
ATOM   217  C CG  . GLN A 1 33  ? -21.986 -23.826 -3.111  1.00 28.78 ? 33  GLN A CG  1 
ATOM   218  C CD  . GLN A 1 33  ? -21.954 -25.295 -3.136  1.00 35.26 ? 33  GLN A CD  1 
ATOM   219  O OE1 . GLN A 1 33  ? -22.674 -25.962 -2.365  1.00 38.81 ? 33  GLN A OE1 1 
ATOM   220  N NE2 . GLN A 1 33  ? -21.179 -25.834 -4.055  1.00 34.86 ? 33  GLN A NE2 1 
ATOM   221  N N   . GLU A 1 34  ? -19.478 -20.736 -0.685  1.00 19.68 ? 34  GLU A N   1 
ATOM   222  C CA  . GLU A 1 34  ? -19.000 -20.106 0.539   1.00 20.40 ? 34  GLU A CA  1 
ATOM   223  C C   . GLU A 1 34  ? -17.688 -19.463 0.179   1.00 19.65 ? 34  GLU A C   1 
ATOM   224  O O   . GLU A 1 34  ? -16.959 -19.973 -0.677  1.00 18.62 ? 34  GLU A O   1 
ATOM   225  C CB  . GLU A 1 34  ? -18.818 -21.120 1.680   1.00 18.72 ? 34  GLU A CB  1 
ATOM   226  C CG  . GLU A 1 34  ? -18.195 -20.489 2.980   1.00 22.48 ? 34  GLU A CG  1 
ATOM   227  C CD  . GLU A 1 34  ? -18.515 -21.228 4.268   1.00 23.20 ? 34  GLU A CD  1 
ATOM   228  O OE1 . GLU A 1 34  ? -19.707 -21.527 4.438   1.00 24.82 ? 34  GLU A OE1 1 
ATOM   229  O OE2 . GLU A 1 34  ? -17.587 -21.505 5.062   1.00 25.53 ? 34  GLU A OE2 1 
ATOM   230  N N   . TYR A 1 35  ? -17.433 -18.299 0.789   1.00 20.76 ? 35  TYR A N   1 
ATOM   231  C CA  . TYR A 1 35  ? -16.149 -17.641 0.683   1.00 19.30 ? 35  TYR A CA  1 
ATOM   232  C C   . TYR A 1 35  ? -15.492 -17.666 2.076   1.00 20.50 ? 35  TYR A C   1 
ATOM   233  O O   . TYR A 1 35  ? -16.191 -17.553 3.110   1.00 21.49 ? 35  TYR A O   1 
ATOM   234  C CB  . TYR A 1 35  ? -16.313 -16.152 0.257   1.00 20.83 ? 35  TYR A CB  1 
ATOM   235  C CG  . TYR A 1 35  ? -16.617 -15.943 -1.216  1.00 21.46 ? 35  TYR A CG  1 
ATOM   236  C CD1 . TYR A 1 35  ? -17.943 -15.921 -1.690  1.00 24.19 ? 35  TYR A CD1 1 
ATOM   237  C CD2 . TYR A 1 35  ? -15.575 -15.814 -2.151  1.00 20.83 ? 35  TYR A CD2 1 
ATOM   238  C CE1 . TYR A 1 35  ? -18.202 -15.792 -3.065  1.00 22.97 ? 35  TYR A CE1 1 
ATOM   239  C CE2 . TYR A 1 35  ? -15.854 -15.654 -3.511  1.00 25.42 ? 35  TYR A CE2 1 
ATOM   240  C CZ  . TYR A 1 35  ? -17.170 -15.664 -3.944  1.00 23.05 ? 35  TYR A CZ  1 
ATOM   241  O OH  . TYR A 1 35  ? -17.393 -15.469 -5.298  1.00 26.35 ? 35  TYR A OH  1 
ATOM   242  N N   . ARG A 1 36  ? -14.162 -17.764 2.130   1.00 18.35 ? 36  ARG A N   1 
ATOM   243  C CA  . ARG A 1 36  ? -13.421 -17.573 3.397   1.00 20.22 ? 36  ARG A CA  1 
ATOM   244  C C   . ARG A 1 36  ? -12.298 -16.572 3.104   1.00 20.30 ? 36  ARG A C   1 
ATOM   245  O O   . ARG A 1 36  ? -11.552 -16.717 2.156   1.00 19.60 ? 36  ARG A O   1 
ATOM   246  C CB  . ARG A 1 36  ? -12.861 -18.839 3.967   1.00 20.41 ? 36  ARG A CB  1 
ATOM   247  C CG  . ARG A 1 36  ? -14.021 -19.754 4.358   1.00 23.74 ? 36  ARG A CG  1 
ATOM   248  C CD  . ARG A 1 36  ? -13.652 -20.952 5.241   1.00 27.91 ? 36  ARG A CD  1 
ATOM   249  N NE  . ARG A 1 36  ? -14.881 -21.755 5.492   1.00 29.69 ? 36  ARG A NE  1 
ATOM   250  C CZ  . ARG A 1 36  ? -14.878 -22.930 6.114   1.00 31.56 ? 36  ARG A CZ  1 
ATOM   251  N NH1 . ARG A 1 36  ? -13.730 -23.412 6.593   1.00 31.86 ? 36  ARG A NH1 1 
ATOM   252  N NH2 . ARG A 1 36  ? -16.026 -23.600 6.286   1.00 31.71 ? 36  ARG A NH2 1 
ATOM   253  N N   . LEU A 1 37  ? -12.219 -15.565 3.950   1.00 22.23 ? 37  LEU A N   1 
ATOM   254  C CA  . LEU A 1 37  ? -11.172 -14.548 3.839   1.00 22.44 ? 37  LEU A CA  1 
ATOM   255  C C   . LEU A 1 37  ? -10.201 -14.605 5.044   1.00 23.23 ? 37  LEU A C   1 
ATOM   256  O O   . LEU A 1 37  ? -10.692 -14.783 6.166   1.00 23.46 ? 37  LEU A O   1 
ATOM   257  C CB  . LEU A 1 37  ? -11.948 -13.257 3.833   1.00 22.97 ? 37  LEU A CB  1 
ATOM   258  C CG  . LEU A 1 37  ? -11.564 -12.082 2.948   1.00 30.54 ? 37  LEU A CG  1 
ATOM   259  C CD1 . LEU A 1 37  ? -12.156 -10.761 3.594   1.00 28.25 ? 37  LEU A CD1 1 
ATOM   260  C CD2 . LEU A 1 37  ? -10.083 -11.948 2.587   1.00 25.17 ? 37  LEU A CD2 1 
ATOM   261  N N   . TYR A 1 38  ? -8.878  -14.487 4.834   1.00 22.51 ? 38  TYR A N   1 
ATOM   262  C CA  . TYR A 1 38  ? -7.913  -14.671 5.925   1.00 24.11 ? 38  TYR A CA  1 
ATOM   263  C C   . TYR A 1 38  ? -7.036  -13.440 5.946   1.00 25.78 ? 38  TYR A C   1 
ATOM   264  O O   . TYR A 1 38  ? -6.879  -12.790 4.892   1.00 23.75 ? 38  TYR A O   1 
ATOM   265  C CB  . TYR A 1 38  ? -7.034  -15.880 5.655   1.00 26.11 ? 38  TYR A CB  1 
ATOM   266  C CG  . TYR A 1 38  ? -7.888  -17.133 5.609   1.00 28.72 ? 38  TYR A CG  1 
ATOM   267  C CD1 . TYR A 1 38  ? -8.321  -17.669 4.389   1.00 30.76 ? 38  TYR A CD1 1 
ATOM   268  C CD2 . TYR A 1 38  ? -8.296  -17.759 6.810   1.00 34.07 ? 38  TYR A CD2 1 
ATOM   269  C CE1 . TYR A 1 38  ? -9.134  -18.830 4.374   1.00 32.17 ? 38  TYR A CE1 1 
ATOM   270  C CE2 . TYR A 1 38  ? -9.093  -18.913 6.789   1.00 35.13 ? 38  TYR A CE2 1 
ATOM   271  C CZ  . TYR A 1 38  ? -9.487  -19.429 5.569   1.00 33.05 ? 38  TYR A CZ  1 
ATOM   272  O OH  . TYR A 1 38  ? -10.279 -20.571 5.591   1.00 34.46 ? 38  TYR A OH  1 
ATOM   273  N N   . ARG A 1 39  ? -6.394  -13.204 7.085   1.00 28.91 ? 39  ARG A N   1 
ATOM   274  C CA  . ARG A 1 39  ? -5.464  -12.042 7.263   1.00 30.64 ? 39  ARG A CA  1 
ATOM   275  C C   . ARG A 1 39  ? -4.217  -12.619 7.964   1.00 34.38 ? 39  ARG A C   1 
ATOM   276  O O   . ARG A 1 39  ? -4.356  -13.357 8.966   1.00 33.62 ? 39  ARG A O   1 
ATOM   277  C CB  . ARG A 1 39  ? -6.168  -10.909 8.043   1.00 30.78 ? 39  ARG A CB  1 
ATOM   278  C CG  . ARG A 1 39  ? -5.309  -9.546  8.298   1.00 30.34 ? 39  ARG A CG  1 
ATOM   279  C CD  . ARG A 1 39  ? -6.144  -8.388  8.894   1.00 31.14 ? 39  ARG A CD  1 
ATOM   280  N NE  . ARG A 1 39  ? -6.850  -8.685  10.186  1.00 33.20 ? 39  ARG A NE  1 
ATOM   281  C CZ  . ARG A 1 39  ? -8.082  -8.279  10.537  1.00 29.42 ? 39  ARG A CZ  1 
ATOM   282  N NH1 . ARG A 1 39  ? -8.881  -7.593  9.746   1.00 33.16 ? 39  ARG A NH1 1 
ATOM   283  N NH2 . ARG A 1 39  ? -8.574  -8.598  11.727  1.00 36.92 ? 39  ARG A NH2 1 
ATOM   284  N N   . GLU A 1 40  ? -3.025  -12.404 7.400   1.00 36.03 ? 40  GLU A N   1 
ATOM   285  C CA  . GLU A 1 40  ? -1.791  -12.574 8.168   1.00 39.62 ? 40  GLU A CA  1 
ATOM   286  C C   . GLU A 1 40  ? -1.109  -11.195 8.483   1.00 40.37 ? 40  GLU A C   1 
ATOM   287  O O   . GLU A 1 40  ? -1.030  -10.287 7.598   1.00 37.82 ? 40  GLU A O   1 
ATOM   288  C CB  . GLU A 1 40  ? -0.862  -13.600 7.513   1.00 39.69 ? 40  GLU A CB  1 
ATOM   289  C CG  . GLU A 1 40  ? -0.024  -13.101 6.322   1.00 43.20 ? 40  GLU A CG  1 
ATOM   290  C CD  . GLU A 1 40  ? 0.682   -14.219 5.521   1.00 43.87 ? 40  GLU A CD  1 
ATOM   291  O OE1 . GLU A 1 40  ? 0.010   -15.255 5.209   1.00 47.45 ? 40  GLU A OE1 1 
ATOM   292  O OE2 . GLU A 1 40  ? 1.902   -14.040 5.193   1.00 45.01 ? 40  GLU A OE2 1 
ATOM   293  N N   . LYS A 1 41  ? -0.727  -11.013 9.760   1.00 41.97 ? 41  LYS A N   1 
ATOM   294  C CA  . LYS A 1 41  ? -0.007  -9.788  10.230  1.00 44.16 ? 41  LYS A CA  1 
ATOM   295  C C   . LYS A 1 41  ? 1.479   -10.095 10.574  1.00 45.02 ? 41  LYS A C   1 
ATOM   296  O O   . LYS A 1 41  ? 2.407   -9.272  10.318  1.00 44.94 ? 41  LYS A O   1 
ATOM   297  C CB  . LYS A 1 41  ? -0.731  -9.134  11.426  1.00 44.36 ? 41  LYS A CB  1 
ATOM   298  C CG  . LYS A 1 41  ? -2.086  -8.418  11.090  1.00 46.83 ? 41  LYS A CG  1 
ATOM   299  C CD  . LYS A 1 41  ? -2.695  -7.578  12.252  1.00 45.66 ? 41  LYS A CD  1 
ATOM   300  C CE  . LYS A 1 41  ? -3.802  -8.353  13.030  1.00 50.14 ? 41  LYS A CE  1 
ATOM   301  N NZ  . LYS A 1 41  ? -4.205  -7.871  14.438  1.00 51.22 ? 41  LYS A NZ  1 
ATOM   302  N N   . ILE A 1 47  ? -2.578  -17.539 10.195  1.00 47.57 ? 47  ILE A N   1 
ATOM   303  C CA  . ILE A 1 47  ? -3.639  -16.746 9.623   1.00 46.49 ? 47  ILE A CA  1 
ATOM   304  C C   . ILE A 1 47  ? -4.797  -16.561 10.618  1.00 45.95 ? 47  ILE A C   1 
ATOM   305  O O   . ILE A 1 47  ? -5.006  -17.397 11.483  1.00 47.45 ? 47  ILE A O   1 
ATOM   306  C CB  . ILE A 1 47  ? -4.105  -17.336 8.263   1.00 46.57 ? 47  ILE A CB  1 
ATOM   307  N N   . THR A 1 48  ? -5.487  -15.426 10.530  1.00 44.92 ? 48  THR A N   1 
ATOM   308  C CA  . THR A 1 48  ? -6.785  -15.182 11.153  1.00 44.02 ? 48  THR A CA  1 
ATOM   309  C C   . THR A 1 48  ? -7.903  -15.255 10.092  1.00 43.28 ? 48  THR A C   1 
ATOM   310  O O   . THR A 1 48  ? -7.672  -14.901 8.936   1.00 42.32 ? 48  THR A O   1 
ATOM   311  C CB  . THR A 1 48  ? -6.824  -13.784 11.789  1.00 44.13 ? 48  THR A CB  1 
ATOM   312  O OG1 . THR A 1 48  ? -5.967  -13.780 12.930  1.00 45.35 ? 48  THR A OG1 1 
ATOM   313  C CG2 . THR A 1 48  ? -8.213  -13.380 12.234  1.00 44.93 ? 48  THR A CG2 1 
ATOM   314  N N   . ARG A 1 49  ? -9.107  -15.675 10.510  1.00 42.20 ? 49  ARG A N   1 
ATOM   315  C CA  . ARG A 1 49  ? -10.272 -15.728 9.637   1.00 40.54 ? 49  ARG A CA  1 
ATOM   316  C C   . ARG A 1 49  ? -11.175 -14.527 9.882   1.00 39.99 ? 49  ARG A C   1 
ATOM   317  O O   . ARG A 1 49  ? -11.598 -14.274 11.013  1.00 41.50 ? 49  ARG A O   1 
ATOM   318  C CB  . ARG A 1 49  ? -11.035 -17.037 9.881   1.00 41.17 ? 49  ARG A CB  1 
ATOM   319  C CG  . ARG A 1 49  ? -12.447 -17.041 9.333   1.00 40.21 ? 49  ARG A CG  1 
ATOM   320  C CD  . ARG A 1 49  ? -12.573 -17.992 8.156   1.00 38.93 ? 49  ARG A CD  1 
ATOM   321  N NE  . ARG A 1 49  ? -13.929 -17.992 7.630   1.00 38.17 ? 49  ARG A NE  1 
ATOM   322  C CZ  . ARG A 1 49  ? -14.819 -18.957 7.854   1.00 32.94 ? 49  ARG A CZ  1 
ATOM   323  N NH1 . ARG A 1 49  ? -14.485 -20.020 8.576   1.00 35.74 ? 49  ARG A NH1 1 
ATOM   324  N NH2 . ARG A 1 49  ? -16.040 -18.865 7.341   1.00 32.19 ? 49  ARG A NH2 1 
ATOM   325  N N   . ILE A 1 50  ? -11.489 -13.780 8.838   1.00 37.59 ? 50  ILE A N   1 
ATOM   326  C CA  . ILE A 1 50  ? -12.430 -12.686 8.970   1.00 36.90 ? 50  ILE A CA  1 
ATOM   327  C C   . ILE A 1 50  ? -13.844 -13.284 9.276   1.00 38.50 ? 50  ILE A C   1 
ATOM   328  O O   . ILE A 1 50  ? -14.384 -14.028 8.462   1.00 37.27 ? 50  ILE A O   1 
ATOM   329  C CB  . ILE A 1 50  ? -12.473 -11.859 7.698   1.00 36.48 ? 50  ILE A CB  1 
ATOM   330  C CG1 . ILE A 1 50  ? -11.068 -11.301 7.330   1.00 34.08 ? 50  ILE A CG1 1 
ATOM   331  C CG2 . ILE A 1 50  ? -13.582 -10.821 7.750   1.00 32.46 ? 50  ILE A CG2 1 
ATOM   332  C CD1 . ILE A 1 50  ? -10.125 -10.833 8.557   1.00 33.90 ? 50  ILE A CD1 1 
ATOM   333  N N   . ARG A 1 51  ? -14.416 -12.952 10.443  1.00 39.12 ? 51  ARG A N   1 
ATOM   334  C CA  . ARG A 1 51  ? -15.740 -13.460 10.829  1.00 38.58 ? 51  ARG A CA  1 
ATOM   335  C C   . ARG A 1 51  ? -16.728 -13.559 9.670   1.00 38.36 ? 51  ARG A C   1 
ATOM   336  O O   . ARG A 1 51  ? -16.930 -12.581 8.916   1.00 36.73 ? 51  ARG A O   1 
ATOM   337  C CB  . ARG A 1 51  ? -16.321 -12.566 11.969  1.00 40.58 ? 51  ARG A CB  1 
ATOM   338  N N   . PRO A 1 52  ? -17.387 -14.756 9.509   1.00 39.84 ? 52  PRO A N   1 
ATOM   339  C CA  . PRO A 1 52  ? -18.432 -15.001 8.495   1.00 39.60 ? 52  PRO A CA  1 
ATOM   340  C C   . PRO A 1 52  ? -19.483 -13.905 8.333   1.00 40.56 ? 52  PRO A C   1 
ATOM   341  O O   . PRO A 1 52  ? -19.913 -13.560 7.185   1.00 39.47 ? 52  PRO A O   1 
ATOM   342  C CB  . PRO A 1 52  ? -19.121 -16.272 9.014   1.00 40.18 ? 52  PRO A CB  1 
ATOM   343  C CG  . PRO A 1 52  ? -18.086 -16.998 9.785   1.00 40.46 ? 52  PRO A CG  1 
ATOM   344  C CD  . PRO A 1 52  ? -17.105 -15.958 10.317  1.00 38.60 ? 52  PRO A CD  1 
ATOM   345  N N   . GLU A 1 53  ? -19.936 -13.369 9.470   1.00 42.59 ? 53  GLU A N   1 
ATOM   346  C CA  . GLU A 1 53  ? -21.024 -12.358 9.460   1.00 44.90 ? 53  GLU A CA  1 
ATOM   347  C C   . GLU A 1 53  ? -20.634 -11.092 8.740   1.00 44.38 ? 53  GLU A C   1 
ATOM   348  O O   . GLU A 1 53  ? -21.514 -10.387 8.235   1.00 44.62 ? 53  GLU A O   1 
ATOM   349  C CB  . GLU A 1 53  ? -21.514 -12.063 10.873  1.00 45.35 ? 53  GLU A CB  1 
ATOM   350  C CG  . GLU A 1 53  ? -21.330 -13.275 11.794  1.00 48.92 ? 53  GLU A CG  1 
ATOM   351  C CD  . GLU A 1 53  ? -20.031 -13.205 12.567  1.00 53.46 ? 53  GLU A CD  1 
ATOM   352  O OE1 . GLU A 1 53  ? -19.538 -12.066 12.742  1.00 56.42 ? 53  GLU A OE1 1 
ATOM   353  O OE2 . GLU A 1 53  ? -19.517 -14.262 13.020  1.00 55.78 ? 53  GLU A OE2 1 
ATOM   354  N N   . LEU A 1 54  ? -19.311 -10.875 8.638   1.00 45.34 ? 54  LEU A N   1 
ATOM   355  C CA  . LEU A 1 54  ? -18.661 -9.728  7.949   1.00 45.14 ? 54  LEU A CA  1 
ATOM   356  C C   . LEU A 1 54  ? -18.538 -9.878  6.440   1.00 44.28 ? 54  LEU A C   1 
ATOM   357  O O   . LEU A 1 54  ? -18.465 -8.894  5.705   1.00 43.79 ? 54  LEU A O   1 
ATOM   358  C CB  . LEU A 1 54  ? -17.288 -9.512  8.551   1.00 45.15 ? 54  LEU A CB  1 
ATOM   359  C CG  . LEU A 1 54  ? -17.410 -9.371  10.079  1.00 47.92 ? 54  LEU A CG  1 
ATOM   360  C CD1 . LEU A 1 54  ? -16.107 -9.541  10.836  1.00 47.73 ? 54  LEU A CD1 1 
ATOM   361  C CD2 . LEU A 1 54  ? -18.118 -8.021  10.462  1.00 48.19 ? 54  LEU A CD2 1 
ATOM   362  N N   . VAL A 1 55  ? -18.514 -11.121 5.977   1.00 43.38 ? 55  VAL A N   1 
ATOM   363  C CA  . VAL A 1 55  ? -18.258 -11.359 4.571   1.00 41.76 ? 55  VAL A CA  1 
ATOM   364  C C   . VAL A 1 55  ? -19.623 -11.663 3.926   1.00 41.80 ? 55  VAL A C   1 
ATOM   365  O O   . VAL A 1 55  ? -20.230 -12.675 4.224   1.00 42.24 ? 55  VAL A O   1 
ATOM   366  C CB  . VAL A 1 55  ? -17.200 -12.521 4.362   1.00 41.44 ? 55  VAL A CB  1 
ATOM   367  C CG1 . VAL A 1 55  ? -16.727 -12.572 2.903   1.00 39.49 ? 55  VAL A CG1 1 
ATOM   368  C CG2 . VAL A 1 55  ? -15.984 -12.377 5.330   1.00 40.04 ? 55  VAL A CG2 1 
ATOM   369  N N   . LYS A 1 56  ? -20.083 -10.787 3.033   1.00 40.83 ? 56  LYS A N   1 
ATOM   370  C CA  . LYS A 1 56  ? -21.375 -10.920 2.411   1.00 40.64 ? 56  LYS A CA  1 
ATOM   371  C C   . LYS A 1 56  ? -21.150 -11.136 0.964   1.00 40.51 ? 56  LYS A C   1 
ATOM   372  O O   . LYS A 1 56  ? -20.655 -10.250 0.272   1.00 41.38 ? 56  LYS A O   1 
ATOM   373  C CB  . LYS A 1 56  ? -22.209 -9.647  2.645   1.00 41.39 ? 56  LYS A CB  1 
ATOM   374  N N   . ASN A 1 57  ? -21.507 -12.334 0.494   1.00 39.62 ? 57  ASN A N   1 
ATOM   375  C CA  . ASN A 1 57  ? -21.208 -12.765 -0.865  1.00 39.09 ? 57  ASN A CA  1 
ATOM   376  C C   . ASN A 1 57  ? -19.737 -12.549 -1.279  1.00 37.89 ? 57  ASN A C   1 
ATOM   377  O O   . ASN A 1 57  ? -19.454 -12.127 -2.391  1.00 38.73 ? 57  ASN A O   1 
ATOM   378  C CB  . ASN A 1 57  ? -22.152 -12.123 -1.883  1.00 39.66 ? 57  ASN A CB  1 
ATOM   379  N N   . GLY A 1 58  ? -18.806 -12.850 -0.396  1.00 35.14 ? 58  GLY A N   1 
ATOM   380  C CA  . GLY A 1 58  ? -17.411 -12.585 -0.761  1.00 34.57 ? 58  GLY A CA  1 
ATOM   381  C C   . GLY A 1 58  ? -16.921 -11.147 -0.515  1.00 34.75 ? 58  GLY A C   1 
ATOM   382  O O   . GLY A 1 58  ? -15.718 -10.868 -0.565  1.00 32.47 ? 58  GLY A O   1 
ATOM   383  N N   . GLN A 1 59  ? -17.857 -10.247 -0.247  1.00 33.95 ? 59  GLN A N   1 
ATOM   384  C CA  . GLN A 1 59  ? -17.524 -8.830  0.002   1.00 35.95 ? 59  GLN A CA  1 
ATOM   385  C C   . GLN A 1 59  ? -17.331 -8.560  1.485   1.00 35.30 ? 59  GLN A C   1 
ATOM   386  O O   . GLN A 1 59  ? -18.154 -8.878  2.268   1.00 35.43 ? 59  GLN A O   1 
ATOM   387  C CB  . GLN A 1 59  ? -18.623 -7.923  -0.544  1.00 35.91 ? 59  GLN A CB  1 
ATOM   388  C CG  . GLN A 1 59  ? -18.097 -6.754  -1.293  1.00 40.69 ? 59  GLN A CG  1 
ATOM   389  C CD  . GLN A 1 59  ? -19.205 -6.001  -1.930  1.00 46.38 ? 59  GLN A CD  1 
ATOM   390  O OE1 . GLN A 1 59  ? -20.126 -5.563  -1.239  1.00 49.05 ? 59  GLN A OE1 1 
ATOM   391  N NE2 . GLN A 1 59  ? -19.151 -5.849  -3.264  1.00 48.22 ? 59  GLN A NE2 1 
ATOM   392  N N   . PHE A 1 60  ? -16.195 -7.976  1.860   1.00 36.92 ? 60  PHE A N   1 
ATOM   393  C CA  . PHE A 1 60  ? -15.925 -7.563  3.214   1.00 37.40 ? 60  PHE A CA  1 
ATOM   394  C C   . PHE A 1 60  ? -15.785 -6.006  3.109   1.00 39.45 ? 60  PHE A C   1 
ATOM   395  O O   . PHE A 1 60  ? -14.762 -5.499  2.645   1.00 38.94 ? 60  PHE A O   1 
ATOM   396  C CB  . PHE A 1 60  ? -14.640 -8.246  3.717   1.00 37.97 ? 60  PHE A CB  1 
ATOM   397  C CG  . PHE A 1 60  ? -14.156 -7.819  5.113   1.00 38.69 ? 60  PHE A CG  1 
ATOM   398  C CD1 . PHE A 1 60  ? -12.790 -7.708  5.367   1.00 39.02 ? 60  PHE A CD1 1 
ATOM   399  C CD2 . PHE A 1 60  ? -15.047 -7.514  6.156   1.00 42.39 ? 60  PHE A CD2 1 
ATOM   400  C CE1 . PHE A 1 60  ? -12.288 -7.343  6.633   1.00 40.87 ? 60  PHE A CE1 1 
ATOM   401  C CE2 . PHE A 1 60  ? -14.582 -7.140  7.436   1.00 42.44 ? 60  PHE A CE2 1 
ATOM   402  C CZ  . PHE A 1 60  ? -13.192 -7.051  7.685   1.00 42.41 ? 60  PHE A CZ  1 
ATOM   403  N N   . HIS A 1 61  ? -16.870 -5.292  3.431   1.00 40.08 ? 61  HIS A N   1 
ATOM   404  C CA  . HIS A 1 61  ? -16.861 -3.835  3.556   1.00 41.45 ? 61  HIS A CA  1 
ATOM   405  C C   . HIS A 1 61  ? -16.389 -3.401  4.948   1.00 40.84 ? 61  HIS A C   1 
ATOM   406  O O   . HIS A 1 61  ? -16.972 -3.827  5.944   1.00 39.41 ? 61  HIS A O   1 
ATOM   407  C CB  . HIS A 1 61  ? -18.261 -3.252  3.310   1.00 42.34 ? 61  HIS A CB  1 
ATOM   408  C CG  . HIS A 1 61  ? -18.257 -1.764  3.113   1.00 46.42 ? 61  HIS A CG  1 
ATOM   409  N ND1 . HIS A 1 61  ? -17.706 -1.165  1.996   1.00 49.69 ? 61  HIS A ND1 1 
ATOM   410  C CD2 . HIS A 1 61  ? -18.727 -0.756  3.888   1.00 51.17 ? 61  HIS A CD2 1 
ATOM   411  C CE1 . HIS A 1 61  ? -17.857 0.147   2.086   1.00 52.39 ? 61  HIS A CE1 1 
ATOM   412  N NE2 . HIS A 1 61  ? -18.473 0.423   3.227   1.00 52.37 ? 61  HIS A NE2 1 
ATOM   413  N N   . ILE A 1 62  ? -15.377 -2.517  5.028   1.00 42.34 ? 62  ILE A N   1 
ATOM   414  C CA  . ILE A 1 62  ? -14.768 -2.186  6.345   1.00 41.82 ? 62  ILE A CA  1 
ATOM   415  C C   . ILE A 1 62  ? -15.217 -0.783  6.777   1.00 42.63 ? 62  ILE A C   1 
ATOM   416  O O   . ILE A 1 62  ? -15.331 0.102   5.877   1.00 40.76 ? 62  ILE A O   1 
ATOM   417  C CB  . ILE A 1 62  ? -13.180 -2.289  6.388   1.00 42.07 ? 62  ILE A CB  1 
ATOM   418  C CG1 . ILE A 1 62  ? -12.705 -3.642  5.911   1.00 40.92 ? 62  ILE A CG1 1 
ATOM   419  C CG2 . ILE A 1 62  ? -12.615 -2.121  7.823   1.00 41.61 ? 62  ILE A CG2 1 
ATOM   420  C CD1 . ILE A 1 62  ? -11.269 -3.653  5.620   1.00 37.47 ? 62  ILE A CD1 1 
ATOM   421  N N   . PRO A 1 63  ? -15.500 -0.618  8.122   1.00 42.52 ? 63  PRO A N   1 
ATOM   422  C CA  . PRO A 1 63  ? -16.079 0.578   8.796   1.00 41.57 ? 63  PRO A CA  1 
ATOM   423  C C   . PRO A 1 63  ? -15.015 1.583   9.184   1.00 38.24 ? 63  PRO A C   1 
ATOM   424  O O   . PRO A 1 63  ? -15.020 2.730   8.674   1.00 37.97 ? 63  PRO A O   1 
ATOM   425  C CB  . PRO A 1 63  ? -16.787 0.004   10.046  1.00 41.93 ? 63  PRO A CB  1 
ATOM   426  C CG  . PRO A 1 63  ? -16.321 -1.467  10.157  1.00 41.80 ? 63  PRO A CG  1 
ATOM   427  C CD  . PRO A 1 63  ? -15.274 -1.697  9.110   1.00 42.49 ? 63  PRO A CD  1 
ATOM   428  N N   . SER A 1 64  ? -14.057 1.143   10.010  1.00 36.19 ? 64  SER A N   1 
ATOM   429  C CA  . SER A 1 64  ? -12.996 2.050   10.490  1.00 32.64 ? 64  SER A CA  1 
ATOM   430  C C   . SER A 1 64  ? -11.658 1.303   10.681  1.00 31.78 ? 64  SER A C   1 
ATOM   431  O O   . SER A 1 64  ? -11.520 0.538   11.674  1.00 30.51 ? 64  SER A O   1 
ATOM   432  C CB  . SER A 1 64  ? -13.468 2.647   11.875  1.00 34.29 ? 64  SER A CB  1 
ATOM   433  O OG  . SER A 1 64  ? -12.881 3.903   12.339  1.00 27.22 ? 64  SER A OG  1 
ATOM   434  N N   . ILE A 1 65  ? -10.651 1.598   9.831   1.00 31.54 ? 65  ILE A N   1 
ATOM   435  C CA  . ILE A 1 65  ? -9.436  0.798   9.792   1.00 27.35 ? 65  ILE A CA  1 
ATOM   436  C C   . ILE A 1 65  ? -8.499  1.044   10.956  1.00 30.49 ? 65  ILE A C   1 
ATOM   437  O O   . ILE A 1 65  ? -8.531  2.099   11.531  1.00 28.16 ? 65  ILE A O   1 
ATOM   438  C CB  . ILE A 1 65  ? -8.717  1.053   8.380   1.00 30.96 ? 65  ILE A CB  1 
ATOM   439  C CG1 . ILE A 1 65  ? -7.997  -0.148  7.757   1.00 28.82 ? 65  ILE A CG1 1 
ATOM   440  C CG2 . ILE A 1 65  ? -7.832  2.280   8.399   1.00 27.18 ? 65  ILE A CG2 1 
ATOM   441  C CD1 . ILE A 1 65  ? -7.707  0.090   6.210   1.00 26.11 ? 65  ILE A CD1 1 
ATOM   442  N N   . THR A 1 66  ? -7.514  0.145   11.152  1.00 31.06 ? 66  THR A N   1 
ATOM   443  C CA  . THR A 1 66  ? -6.806  0.154   12.415  1.00 33.64 ? 66  THR A CA  1 
ATOM   444  C C   . THR A 1 66  ? -5.546  -0.681  12.242  1.00 34.91 ? 66  THR A C   1 
ATOM   445  O O   . THR A 1 66  ? -5.508  -1.625  11.465  1.00 33.62 ? 66  THR A O   1 
ATOM   446  C CB  . THR A 1 66  ? -7.627  -0.697  13.472  1.00 35.31 ? 66  THR A CB  1 
ATOM   447  O OG1 . THR A 1 66  ? -7.211  -2.081  13.339  1.00 37.35 ? 66  THR A OG1 1 
ATOM   448  C CG2 . THR A 1 66  ? -9.134  -0.575  13.194  1.00 34.10 ? 66  THR A CG2 1 
ATOM   449  N N   . TRP A 1 67  ? -4.516  -0.384  13.020  1.00 36.64 ? 67  TRP A N   1 
ATOM   450  C CA  . TRP A 1 67  ? -3.440  -1.372  13.132  1.00 39.13 ? 67  TRP A CA  1 
ATOM   451  C C   . TRP A 1 67  ? -3.892  -2.850  12.824  1.00 39.61 ? 67  TRP A C   1 
ATOM   452  O O   . TRP A 1 67  ? -3.222  -3.548  12.059  1.00 41.06 ? 67  TRP A O   1 
ATOM   453  C CB  . TRP A 1 67  ? -2.821  -1.253  14.515  1.00 39.60 ? 67  TRP A CB  1 
ATOM   454  C CG  . TRP A 1 67  ? -3.812  -1.307  15.576  1.00 39.29 ? 67  TRP A CG  1 
ATOM   455  C CD1 . TRP A 1 67  ? -3.981  -2.307  16.447  1.00 40.78 ? 67  TRP A CD1 1 
ATOM   456  C CD2 . TRP A 1 67  ? -4.851  -0.351  15.850  1.00 42.49 ? 67  TRP A CD2 1 
ATOM   457  N NE1 . TRP A 1 67  ? -5.047  -2.058  17.267  1.00 44.14 ? 67  TRP A NE1 1 
ATOM   458  C CE2 . TRP A 1 67  ? -5.589  -0.846  16.946  1.00 40.87 ? 67  TRP A CE2 1 
ATOM   459  C CE3 . TRP A 1 67  ? -5.204  0.886   15.304  1.00 39.61 ? 67  TRP A CE3 1 
ATOM   460  C CZ2 . TRP A 1 67  ? -6.684  -0.148  17.512  1.00 39.96 ? 67  TRP A CZ2 1 
ATOM   461  C CZ3 . TRP A 1 67  ? -6.293  1.560   15.844  1.00 40.56 ? 67  TRP A CZ3 1 
ATOM   462  C CH2 . TRP A 1 67  ? -7.015  1.044   16.939  1.00 37.57 ? 67  TRP A CH2 1 
ATOM   463  N N   . GLU A 1 68  ? -5.009  -3.298  13.425  1.00 40.14 ? 68  GLU A N   1 
ATOM   464  C CA  . GLU A 1 68  ? -5.495  -4.700  13.398  1.00 39.30 ? 68  GLU A CA  1 
ATOM   465  C C   . GLU A 1 68  ? -6.022  -5.183  12.036  1.00 38.72 ? 68  GLU A C   1 
ATOM   466  O O   . GLU A 1 68  ? -5.794  -6.357  11.729  1.00 39.03 ? 68  GLU A O   1 
ATOM   467  C CB  . GLU A 1 68  ? -6.572  -4.978  14.489  1.00 40.78 ? 68  GLU A CB  1 
ATOM   468  C CG  . GLU A 1 68  ? -6.000  -5.167  15.864  1.00 44.20 ? 68  GLU A CG  1 
ATOM   469  C CD  . GLU A 1 68  ? -6.809  -4.509  17.007  1.00 50.18 ? 68  GLU A CD  1 
ATOM   470  O OE1 . GLU A 1 68  ? -7.975  -4.075  16.790  1.00 53.80 ? 68  GLU A OE1 1 
ATOM   471  O OE2 . GLU A 1 68  ? -6.247  -4.422  18.139  1.00 52.64 ? 68  GLU A OE2 1 
ATOM   472  N N   . HIS A 1 69  ? -6.671  -4.300  11.277  1.00 35.15 ? 69  HIS A N   1 
ATOM   473  C CA  . HIS A 1 69  ? -7.168  -4.525  9.855   1.00 35.79 ? 69  HIS A CA  1 
ATOM   474  C C   . HIS A 1 69  ? -6.163  -4.511  8.725   1.00 32.34 ? 69  HIS A C   1 
ATOM   475  O O   . HIS A 1 69  ? -6.423  -5.054  7.614   1.00 28.81 ? 69  HIS A O   1 
ATOM   476  C CB  . HIS A 1 69  ? -8.138  -3.461  9.420   1.00 35.35 ? 69  HIS A CB  1 
ATOM   477  C CG  . HIS A 1 69  ? -9.382  -3.402  10.222  1.00 42.75 ? 69  HIS A CG  1 
ATOM   478  N ND1 . HIS A 1 69  ? -10.613 -3.752  9.704   1.00 46.78 ? 69  HIS A ND1 1 
ATOM   479  C CD2 . HIS A 1 69  ? -9.598  -3.009  11.503  1.00 42.03 ? 69  HIS A CD2 1 
ATOM   480  C CE1 . HIS A 1 69  ? -11.534 -3.596  10.644  1.00 47.59 ? 69  HIS A CE1 1 
ATOM   481  N NE2 . HIS A 1 69  ? -10.940 -3.156  11.746  1.00 47.59 ? 69  HIS A NE2 1 
ATOM   482  N N   . THR A 1 70  ? -5.035  -3.865  8.967   1.00 29.37 ? 70  THR A N   1 
ATOM   483  C CA  . THR A 1 70  ? -3.941  -3.876  8.005   1.00 28.23 ? 70  THR A CA  1 
ATOM   484  C C   . THR A 1 70  ? -3.255  -5.237  7.981   1.00 27.17 ? 70  THR A C   1 
ATOM   485  O O   . THR A 1 70  ? -3.209  -5.991  8.978   1.00 30.51 ? 70  THR A O   1 
ATOM   486  C CB  . THR A 1 70  ? -2.922  -2.722  8.339   1.00 26.51 ? 70  THR A CB  1 
ATOM   487  O OG1 . THR A 1 70  ? -2.218  -3.057  9.547   1.00 29.45 ? 70  THR A OG1 1 
ATOM   488  C CG2 . THR A 1 70  ? -3.646  -1.418  8.510   1.00 28.54 ? 70  THR A CG2 1 
ATOM   489  N N   . GLY A 1 71  ? -2.698  -5.592  6.845   1.00 25.40 ? 71  GLY A N   1 
ATOM   490  C CA  . GLY A 1 71  ? -1.972  -6.842  6.685   1.00 24.51 ? 71  GLY A CA  1 
ATOM   491  C C   . GLY A 1 71  ? -2.261  -7.493  5.352   1.00 24.23 ? 71  GLY A C   1 
ATOM   492  O O   . GLY A 1 71  ? -2.859  -6.859  4.482   1.00 22.57 ? 71  GLY A O   1 
ATOM   493  N N   . ARG A 1 72  ? -1.863  -8.780  5.204   1.00 22.80 ? 72  ARG A N   1 
ATOM   494  C CA  . ARG A 1 72  ? -1.905  -9.458  3.946   1.00 23.60 ? 72  ARG A CA  1 
ATOM   495  C C   . ARG A 1 72  ? -3.137  -10.368 3.967   1.00 22.57 ? 72  ARG A C   1 
ATOM   496  O O   . ARG A 1 72  ? -3.307  -11.143 4.926   1.00 23.28 ? 72  ARG A O   1 
ATOM   497  C CB  . ARG A 1 72  ? -0.678  -10.380 3.851   1.00 25.76 ? 72  ARG A CB  1 
ATOM   498  C CG  . ARG A 1 72  ? 0.694   -9.721  3.758   1.00 31.73 ? 72  ARG A CG  1 
ATOM   499  C CD  . ARG A 1 72  ? 1.713   -10.807 3.470   1.00 39.58 ? 72  ARG A CD  1 
ATOM   500  N NE  . ARG A 1 72  ? 1.780   -11.187 2.070   1.00 44.94 ? 72  ARG A NE  1 
ATOM   501  C CZ  . ARG A 1 72  ? 2.209   -12.374 1.625   1.00 50.03 ? 72  ARG A CZ  1 
ATOM   502  N NH1 . ARG A 1 72  ? 2.597   -13.342 2.477   1.00 52.11 ? 72  ARG A NH1 1 
ATOM   503  N NH2 . ARG A 1 72  ? 2.261   -12.603 0.318   1.00 50.07 ? 72  ARG A NH2 1 
ATOM   504  N N   . TYR A 1 73  ? -4.039  -10.156 3.019   1.00 22.01 ? 73  TYR A N   1 
ATOM   505  C CA  . TYR A 1 73  ? -5.336  -10.887 2.919   1.00 20.80 ? 73  TYR A CA  1 
ATOM   506  C C   . TYR A 1 73  ? -5.240  -11.885 1.777   1.00 19.43 ? 73  TYR A C   1 
ATOM   507  O O   . TYR A 1 73  ? -4.541  -11.634 0.741   1.00 17.91 ? 73  TYR A O   1 
ATOM   508  C CB  . TYR A 1 73  ? -6.509  -9.946  2.641   1.00 20.62 ? 73  TYR A CB  1 
ATOM   509  C CG  . TYR A 1 73  ? -6.928  -9.177  3.852   1.00 23.74 ? 73  TYR A CG  1 
ATOM   510  C CD1 . TYR A 1 73  ? -6.256  -7.983  4.200   1.00 22.73 ? 73  TYR A CD1 1 
ATOM   511  C CD2 . TYR A 1 73  ? -8.001  -9.582  4.612   1.00 24.06 ? 73  TYR A CD2 1 
ATOM   512  C CE1 . TYR A 1 73  ? -6.650  -7.221  5.372   1.00 22.06 ? 73  TYR A CE1 1 
ATOM   513  C CE2 . TYR A 1 73  ? -8.419  -8.793  5.767   1.00 28.32 ? 73  TYR A CE2 1 
ATOM   514  C CZ  . TYR A 1 73  ? -7.711  -7.634  6.124   1.00 26.99 ? 73  TYR A CZ  1 
ATOM   515  O OH  . TYR A 1 73  ? -8.083  -6.876  7.263   1.00 28.44 ? 73  TYR A OH  1 
ATOM   516  N N   . GLY A 1 74  ? -5.958  -13.010 1.941   1.00 18.91 ? 74  GLY A N   1 
ATOM   517  C CA  . GLY A 1 74  ? -6.105  -13.969 0.825   1.00 18.84 ? 74  GLY A CA  1 
ATOM   518  C C   . GLY A 1 74  ? -7.484  -14.566 1.000   1.00 18.44 ? 74  GLY A C   1 
ATOM   519  O O   . GLY A 1 74  ? -7.988  -14.633 2.095   1.00 19.19 ? 74  GLY A O   1 
ATOM   520  N N   . CYS A 1 75  ? -8.102  -15.018 -0.074  1.00 18.84 ? 75  CYS A N   1 
ATOM   521  C CA  . CYS A 1 75  ? -9.499  -15.561 -0.027  1.00 19.26 ? 75  CYS A CA  1 
ATOM   522  C C   . CYS A 1 75  ? -9.597  -16.840 -0.853  1.00 18.68 ? 75  CYS A C   1 
ATOM   523  O O   . CYS A 1 75  ? -8.786  -17.057 -1.783  1.00 18.12 ? 75  CYS A O   1 
ATOM   524  C CB  . CYS A 1 75  ? -10.592 -14.582 -0.462  1.00 22.33 ? 75  CYS A CB  1 
ATOM   525  S SG  . CYS A 1 75  ? -10.513 -14.059 -2.128  1.00 25.48 ? 75  CYS A SG  1 
ATOM   526  N N   . GLN A 1 76  ? -10.551 -17.680 -0.475  1.00 19.80 ? 76  GLN A N   1 
ATOM   527  C CA  . GLN A 1 76  ? -10.808 -18.876 -1.274  1.00 18.71 ? 76  GLN A CA  1 
ATOM   528  C C   . GLN A 1 76  ? -12.322 -19.049 -1.296  1.00 16.61 ? 76  GLN A C   1 
ATOM   529  O O   . GLN A 1 76  ? -13.018 -18.517 -0.429  1.00 16.01 ? 76  GLN A O   1 
ATOM   530  C CB  . GLN A 1 76  ? -10.022 -20.045 -0.711  1.00 20.38 ? 76  GLN A CB  1 
ATOM   531  C CG  . GLN A 1 76  ? -10.474 -20.601 0.575   1.00 23.51 ? 76  GLN A CG  1 
ATOM   532  C CD  . GLN A 1 76  ? -9.488  -21.644 1.153   1.00 24.67 ? 76  GLN A CD  1 
ATOM   533  O OE1 . GLN A 1 76  ? -8.747  -22.369 0.415   1.00 31.56 ? 76  GLN A OE1 1 
ATOM   534  N NE2 . GLN A 1 76  ? -9.510  -21.748 2.490   1.00 26.54 ? 76  GLN A NE2 1 
ATOM   535  N N   . TYR A 1 77  ? -12.877 -19.819 -2.237  1.00 15.61 ? 77  TYR A N   1 
ATOM   536  C CA  . TYR A 1 77  ? -14.285 -20.089 -2.158  1.00 14.39 ? 77  TYR A CA  1 
ATOM   537  C C   . TYR A 1 77  ? -14.456 -21.601 -2.418  1.00 15.52 ? 77  TYR A C   1 
ATOM   538  O O   . TYR A 1 77  ? -13.524 -22.259 -2.930  1.00 17.53 ? 77  TYR A O   1 
ATOM   539  C CB  . TYR A 1 77  ? -15.070 -19.314 -3.243  1.00 15.85 ? 77  TYR A CB  1 
ATOM   540  C CG  . TYR A 1 77  ? -14.632 -19.676 -4.674  1.00 16.38 ? 77  TYR A CG  1 
ATOM   541  C CD1 . TYR A 1 77  ? -15.367 -20.603 -5.439  1.00 19.31 ? 77  TYR A CD1 1 
ATOM   542  C CD2 . TYR A 1 77  ? -13.481 -19.125 -5.241  1.00 18.65 ? 77  TYR A CD2 1 
ATOM   543  C CE1 . TYR A 1 77  ? -14.911 -20.909 -6.744  1.00 20.71 ? 77  TYR A CE1 1 
ATOM   544  C CE2 . TYR A 1 77  ? -13.008 -19.515 -6.513  1.00 23.08 ? 77  TYR A CE2 1 
ATOM   545  C CZ  . TYR A 1 77  ? -13.748 -20.381 -7.243  1.00 24.48 ? 77  TYR A CZ  1 
ATOM   546  O OH  . TYR A 1 77  ? -13.305 -20.729 -8.527  1.00 25.35 ? 77  TYR A OH  1 
ATOM   547  N N   . TYR A 1 78  ? -15.618 -22.104 -2.075  1.00 14.51 ? 78  TYR A N   1 
ATOM   548  C CA  . TYR A 1 78  ? -15.914 -23.545 -2.289  1.00 16.21 ? 78  TYR A CA  1 
ATOM   549  C C   . TYR A 1 78  ? -16.934 -23.636 -3.435  1.00 15.54 ? 78  TYR A C   1 
ATOM   550  O O   . TYR A 1 78  ? -17.942 -22.910 -3.444  1.00 17.27 ? 78  TYR A O   1 
ATOM   551  C CB  . TYR A 1 78  ? -16.548 -24.038 -1.022  1.00 16.44 ? 78  TYR A CB  1 
ATOM   552  C CG  . TYR A 1 78  ? -16.888 -25.542 -1.050  1.00 15.70 ? 78  TYR A CG  1 
ATOM   553  C CD1 . TYR A 1 78  ? -15.965 -26.451 -0.562  1.00 21.22 ? 78  TYR A CD1 1 
ATOM   554  C CD2 . TYR A 1 78  ? -18.089 -25.984 -1.553  1.00 20.65 ? 78  TYR A CD2 1 
ATOM   555  C CE1 . TYR A 1 78  ? -16.260 -27.847 -0.579  1.00 19.36 ? 78  TYR A CE1 1 
ATOM   556  C CE2 . TYR A 1 78  ? -18.408 -27.372 -1.590  1.00 18.28 ? 78  TYR A CE2 1 
ATOM   557  C CZ  . TYR A 1 78  ? -17.488 -28.259 -1.113  1.00 19.48 ? 78  TYR A CZ  1 
ATOM   558  O OH  . TYR A 1 78  ? -17.805 -29.604 -1.137  1.00 18.62 ? 78  TYR A OH  1 
ATOM   559  N N   . SER A 1 79  ? -16.692 -24.564 -4.380  1.00 18.73 ? 79  SER A N   1 
ATOM   560  C CA  . SER A 1 79  ? -17.633 -24.851 -5.436  1.00 20.05 ? 79  SER A CA  1 
ATOM   561  C C   . SER A 1 79  ? -17.234 -26.265 -6.002  1.00 21.82 ? 79  SER A C   1 
ATOM   562  O O   . SER A 1 79  ? -16.104 -26.642 -5.972  1.00 19.92 ? 79  SER A O   1 
ATOM   563  C CB  . SER A 1 79  ? -17.427 -23.776 -6.541  1.00 20.59 ? 79  SER A CB  1 
ATOM   564  O OG  . SER A 1 79  ? -18.272 -23.961 -7.693  1.00 26.31 ? 79  SER A OG  1 
ATOM   565  N N   . ARG A 1 80  ? -18.194 -26.982 -6.544  1.00 24.38 ? 80  ARG A N   1 
ATOM   566  C CA  . ARG A 1 80  ? -17.919 -28.274 -7.239  1.00 25.20 ? 80  ARG A CA  1 
ATOM   567  C C   . ARG A 1 80  ? -17.082 -29.195 -6.326  1.00 24.02 ? 80  ARG A C   1 
ATOM   568  O O   . ARG A 1 80  ? -16.092 -29.832 -6.778  1.00 24.68 ? 80  ARG A O   1 
ATOM   569  C CB  . ARG A 1 80  ? -17.210 -28.019 -8.579  1.00 25.93 ? 80  ARG A CB  1 
ATOM   570  C CG  . ARG A 1 80  ? -17.983 -27.056 -9.572  1.00 29.75 ? 80  ARG A CG  1 
ATOM   571  C CD  . ARG A 1 80  ? -17.427 -27.259 -11.016 1.00 33.05 ? 80  ARG A CD  1 
ATOM   572  N NE  . ARG A 1 80  ? -18.340 -26.823 -12.105 1.00 48.24 ? 80  ARG A NE  1 
ATOM   573  C CZ  . ARG A 1 80  ? -17.983 -26.539 -13.381 1.00 54.51 ? 80  ARG A CZ  1 
ATOM   574  N NH1 . ARG A 1 80  ? -16.710 -26.622 -13.807 1.00 54.90 ? 80  ARG A NH1 1 
ATOM   575  N NH2 . ARG A 1 80  ? -18.913 -26.151 -14.260 1.00 54.89 ? 80  ARG A NH2 1 
ATOM   576  N N   . ALA A 1 81  ? -17.496 -29.291 -5.075  1.00 21.70 ? 81  ALA A N   1 
ATOM   577  C CA  . ALA A 1 81  ? -16.840 -30.157 -4.087  1.00 22.88 ? 81  ALA A CA  1 
ATOM   578  C C   . ALA A 1 81  ? -15.343 -29.892 -3.865  1.00 23.08 ? 81  ALA A C   1 
ATOM   579  O O   . ALA A 1 81  ? -14.580 -30.853 -3.577  1.00 23.87 ? 81  ALA A O   1 
ATOM   580  C CB  . ALA A 1 81  ? -17.089 -31.722 -4.488  1.00 20.95 ? 81  ALA A CB  1 
ATOM   581  N N   . ARG A 1 82  ? -14.882 -28.636 -3.992  1.00 20.91 ? 82  ARG A N   1 
ATOM   582  C CA  . ARG A 1 82  ? -13.452 -28.303 -3.836  1.00 22.49 ? 82  ARG A CA  1 
ATOM   583  C C   . ARG A 1 82  ? -13.483 -26.907 -3.200  1.00 20.86 ? 82  ARG A C   1 
ATOM   584  O O   . ARG A 1 82  ? -14.308 -26.122 -3.592  1.00 21.17 ? 82  ARG A O   1 
ATOM   585  C CB  . ARG A 1 82  ? -12.683 -28.174 -5.185  1.00 21.38 ? 82  ARG A CB  1 
ATOM   586  C CG  . ARG A 1 82  ? -12.379 -29.442 -5.993  1.00 27.23 ? 82  ARG A CG  1 
ATOM   587  C CD  . ARG A 1 82  ? -11.551 -30.402 -5.185  1.00 26.35 ? 82  ARG A CD  1 
ATOM   588  N NE  . ARG A 1 82  ? -10.252 -29.843 -4.782  1.00 30.94 ? 82  ARG A NE  1 
ATOM   589  C CZ  . ARG A 1 82  ? -9.145  -29.792 -5.534  1.00 35.59 ? 82  ARG A CZ  1 
ATOM   590  N NH1 . ARG A 1 82  ? -9.151  -30.245 -6.777  1.00 36.60 ? 82  ARG A NH1 1 
ATOM   591  N NH2 . ARG A 1 82  ? -8.009  -29.263 -5.023  1.00 33.96 ? 82  ARG A NH2 1 
ATOM   592  N N   . TRP A 1 83  ? -12.328 -26.721 -2.389  1.00 17.76 ? 84  TRP A N   1 
ATOM   593  C CA  . TRP A 1 83  ? -11.930 -25.329 -2.055  1.00 18.39 ? 84  TRP A CA  1 
ATOM   594  C C   . TRP A 1 83  ? -11.021 -24.854 -3.083  1.00 19.67 ? 84  TRP A C   1 
ATOM   595  O O   . TRP A 1 83  ? -10.105 -25.618 -3.540  1.00 21.67 ? 84  TRP A O   1 
ATOM   596  C CB  . TRP A 1 83  ? -11.249 -25.364 -0.704  1.00 19.38 ? 84  TRP A CB  1 
ATOM   597  C CG  . TRP A 1 83  ? -12.204 -25.385 0.410   1.00 20.22 ? 84  TRP A CG  1 
ATOM   598  C CD1 . TRP A 1 83  ? -12.530 -26.427 1.180   1.00 23.23 ? 84  TRP A CD1 1 
ATOM   599  C CD2 . TRP A 1 83  ? -12.995 -24.283 0.863   1.00 20.74 ? 84  TRP A CD2 1 
ATOM   600  N NE1 . TRP A 1 83  ? -13.488 -26.084 2.117   1.00 22.65 ? 84  TRP A NE1 1 
ATOM   601  C CE2 . TRP A 1 83  ? -13.776 -24.751 1.946   1.00 23.20 ? 84  TRP A CE2 1 
ATOM   602  C CE3 . TRP A 1 83  ? -13.140 -22.929 0.433   1.00 18.50 ? 84  TRP A CE3 1 
ATOM   603  C CZ2 . TRP A 1 83  ? -14.644 -23.936 2.665   1.00 22.55 ? 84  TRP A CZ2 1 
ATOM   604  C CZ3 . TRP A 1 83  ? -14.018 -22.135 1.148   1.00 20.35 ? 84  TRP A CZ3 1 
ATOM   605  C CH2 . TRP A 1 83  ? -14.785 -22.643 2.244   1.00 17.31 ? 84  TRP A CH2 1 
ATOM   606  N N   . SER A 1 84  ? -11.226 -23.618 -3.547  1.00 19.74 ? 85  SER A N   1 
ATOM   607  C CA  . SER A 1 84  ? -10.276 -23.055 -4.498  1.00 21.65 ? 85  SER A CA  1 
ATOM   608  C C   . SER A 1 84  ? -8.875  -22.877 -3.828  1.00 22.68 ? 85  SER A C   1 
ATOM   609  O O   . SER A 1 84  ? -8.729  -22.899 -2.602  1.00 23.10 ? 85  SER A O   1 
ATOM   610  C CB  . SER A 1 84  ? -10.767 -21.698 -5.012  1.00 22.82 ? 85  SER A CB  1 
ATOM   611  O OG  . SER A 1 84  ? -10.577 -20.683 -3.993  1.00 18.84 ? 85  SER A OG  1 
ATOM   612  N N   . GLU A 1 85  ? -7.854  -22.612 -4.626  1.00 25.78 ? 86  GLU A N   1 
ATOM   613  C CA  . GLU A 1 85  ? -6.581  -22.159 -4.053  1.00 26.65 ? 86  GLU A CA  1 
ATOM   614  C C   . GLU A 1 85  ? -6.789  -20.773 -3.479  1.00 25.82 ? 86  GLU A C   1 
ATOM   615  O O   . GLU A 1 85  ? -7.741  -20.092 -3.897  1.00 25.99 ? 86  GLU A O   1 
ATOM   616  C CB  . GLU A 1 85  ? -5.523  -22.038 -5.095  1.00 28.79 ? 86  GLU A CB  1 
ATOM   617  C CG  . GLU A 1 85  ? -4.903  -23.374 -5.419  1.00 35.14 ? 86  GLU A CG  1 
ATOM   618  C CD  . GLU A 1 85  ? -4.390  -23.375 -6.813  1.00 40.04 ? 86  GLU A CD  1 
ATOM   619  O OE1 . GLU A 1 85  ? -4.858  -22.522 -7.616  1.00 37.36 ? 86  GLU A OE1 1 
ATOM   620  O OE2 . GLU A 1 85  ? -3.516  -24.237 -7.087  1.00 41.60 ? 86  GLU A OE2 1 
ATOM   621  N N   . LEU A 1 86  ? -5.906  -20.386 -2.565  1.00 25.90 ? 87  LEU A N   1 
ATOM   622  C CA  . LEU A 1 86  ? -5.894  -18.968 -2.079  1.00 25.26 ? 87  LEU A CA  1 
ATOM   623  C C   . LEU A 1 86  ? -5.644  -17.937 -3.215  1.00 24.73 ? 87  LEU A C   1 
ATOM   624  O O   . LEU A 1 86  ? -4.778  -18.135 -4.077  1.00 23.78 ? 87  LEU A O   1 
ATOM   625  C CB  . LEU A 1 86  ? -4.939  -18.771 -0.853  1.00 25.80 ? 87  LEU A CB  1 
ATOM   626  C CG  . LEU A 1 86  ? -5.537  -19.141 0.503   1.00 27.54 ? 87  LEU A CG  1 
ATOM   627  C CD1 . LEU A 1 86  ? -4.479  -19.087 1.619   1.00 35.77 ? 87  LEU A CD1 1 
ATOM   628  C CD2 . LEU A 1 86  ? -6.612  -18.190 0.862   1.00 29.29 ? 87  LEU A CD2 1 
ATOM   629  N N   . SER A 1 87  ? -6.426  -16.838 -3.235  1.00 22.80 ? 88  SER A N   1 
ATOM   630  C CA  . SER A 1 87  ? -6.170  -15.695 -4.125  1.00 20.46 ? 88  SER A CA  1 
ATOM   631  C C   . SER A 1 87  ? -4.694  -15.178 -3.939  1.00 20.91 ? 88  SER A C   1 
ATOM   632  O O   . SER A 1 87  ? -4.061  -15.394 -2.913  1.00 22.96 ? 88  SER A O   1 
ATOM   633  C CB  . SER A 1 87  ? -7.148  -14.538 -3.854  1.00 20.08 ? 88  SER A CB  1 
ATOM   634  O OG  . SER A 1 87  ? -6.841  -14.015 -2.547  1.00 19.22 ? 88  SER A OG  1 
ATOM   635  N N   . ASP A 1 88  ? -4.123  -14.549 -4.965  1.00 22.57 ? 89  ASP A N   1 
ATOM   636  C CA  . ASP A 1 88  ? -2.906  -13.743 -4.740  1.00 24.64 ? 89  ASP A CA  1 
ATOM   637  C C   . ASP A 1 88  ? -3.171  -12.810 -3.542  1.00 25.07 ? 89  ASP A C   1 
ATOM   638  O O   . ASP A 1 88  ? -4.328  -12.360 -3.373  1.00 26.42 ? 89  ASP A O   1 
ATOM   639  C CB  . ASP A 1 88  ? -2.608  -12.968 -6.032  1.00 24.87 ? 89  ASP A CB  1 
ATOM   640  C CG  . ASP A 1 88  ? -2.181  -13.907 -7.181  1.00 29.53 ? 89  ASP A CG  1 
ATOM   641  O OD1 . ASP A 1 88  ? -1.876  -15.086 -6.939  1.00 28.80 ? 89  ASP A OD1 1 
ATOM   642  O OD2 . ASP A 1 88  ? -2.166  -13.497 -8.355  1.00 33.04 ? 89  ASP A OD2 1 
ATOM   643  N N   . PRO A 1 89  ? -2.166  -12.537 -2.704  1.00 25.33 ? 90  PRO A N   1 
ATOM   644  C CA  . PRO A 1 89  ? -2.396  -11.710 -1.501  1.00 24.02 ? 90  PRO A CA  1 
ATOM   645  C C   . PRO A 1 89  ? -2.696  -10.270 -1.872  1.00 24.93 ? 90  PRO A C   1 
ATOM   646  O O   . PRO A 1 89  ? -2.137  -9.763  -2.863  1.00 27.07 ? 90  PRO A O   1 
ATOM   647  C CB  . PRO A 1 89  ? -1.067  -11.794 -0.740  1.00 25.43 ? 90  PRO A CB  1 
ATOM   648  C CG  . PRO A 1 89  ? -0.059  -12.129 -1.781  1.00 26.37 ? 90  PRO A CG  1 
ATOM   649  C CD  . PRO A 1 89  ? -0.765  -13.012 -2.764  1.00 25.35 ? 90  PRO A CD  1 
ATOM   650  N N   . LEU A 1 90  ? -3.623  -9.670  -1.145  1.00 22.88 ? 91  LEU A N   1 
ATOM   651  C CA  . LEU A 1 90  ? -3.930  -8.222  -1.217  1.00 22.00 ? 91  LEU A CA  1 
ATOM   652  C C   . LEU A 1 90  ? -3.357  -7.567  0.052   1.00 21.60 ? 91  LEU A C   1 
ATOM   653  O O   . LEU A 1 90  ? -3.786  -7.919  1.188   1.00 21.17 ? 91  LEU A O   1 
ATOM   654  C CB  . LEU A 1 90  ? -5.445  -8.048  -1.279  1.00 22.73 ? 91  LEU A CB  1 
ATOM   655  C CG  . LEU A 1 90  ? -5.983  -6.611  -1.218  1.00 24.26 ? 91  LEU A CG  1 
ATOM   656  C CD1 . LEU A 1 90  ? -5.913  -5.953  -2.560  1.00 27.83 ? 91  LEU A CD1 1 
ATOM   657  C CD2 . LEU A 1 90  ? -7.406  -6.663  -0.827  1.00 34.61 ? 91  LEU A CD2 1 
ATOM   658  N N   . VAL A 1 91  ? -2.429  -6.603  -0.102  1.00 19.73 ? 92  VAL A N   1 
ATOM   659  C CA  . VAL A 1 91  ? -1.820  -5.956  1.059   1.00 18.72 ? 92  VAL A CA  1 
ATOM   660  C C   . VAL A 1 91  ? -2.656  -4.714  1.436   1.00 18.22 ? 92  VAL A C   1 
ATOM   661  O O   . VAL A 1 91  ? -2.829  -3.873  0.575   1.00 20.70 ? 92  VAL A O   1 
ATOM   662  C CB  . VAL A 1 91  ? -0.337  -5.547  0.686   1.00 20.29 ? 92  VAL A CB  1 
ATOM   663  C CG1 . VAL A 1 91  ? 0.286   -4.829  1.794   1.00 23.36 ? 92  VAL A CG1 1 
ATOM   664  C CG2 . VAL A 1 91  ? 0.441   -6.852  0.424   1.00 21.54 ? 92  VAL A CG2 1 
ATOM   665  N N   . LEU A 1 92  ? -3.230  -4.675  2.631   1.00 16.01 ? 93  LEU A N   1 
ATOM   666  C CA  . LEU A 1 92  ? -4.152  -3.566  2.983   1.00 18.00 ? 93  LEU A CA  1 
ATOM   667  C C   . LEU A 1 92  ? -3.404  -2.690  3.941   1.00 17.13 ? 93  LEU A C   1 
ATOM   668  O O   . LEU A 1 92  ? -3.041  -3.129  5.039   1.00 19.06 ? 93  LEU A O   1 
ATOM   669  C CB  . LEU A 1 92  ? -5.433  -4.090  3.662   1.00 17.26 ? 93  LEU A CB  1 
ATOM   670  C CG  . LEU A 1 92  ? -6.436  -2.968  3.994   1.00 18.45 ? 93  LEU A CG  1 
ATOM   671  C CD1 . LEU A 1 92  ? -6.956  -2.177  2.760   1.00 21.10 ? 93  LEU A CD1 1 
ATOM   672  C CD2 . LEU A 1 92  ? -7.552  -3.591  4.848   1.00 17.88 ? 93  LEU A CD2 1 
ATOM   673  N N   . VAL A 1 93  ? -3.196  -1.442  3.502   1.00 18.38 ? 94  VAL A N   1 
ATOM   674  C CA  . VAL A 1 93  ? -2.366  -0.482  4.244   1.00 17.72 ? 94  VAL A CA  1 
ATOM   675  C C   . VAL A 1 93  ? -3.260  0.629   4.781   1.00 17.99 ? 94  VAL A C   1 
ATOM   676  O O   . VAL A 1 93  ? -4.158  1.082   4.125   1.00 18.72 ? 94  VAL A O   1 
ATOM   677  C CB  . VAL A 1 93  ? -1.286  0.139   3.274   1.00 18.54 ? 94  VAL A CB  1 
ATOM   678  C CG1 . VAL A 1 93  ? -0.578  1.353   3.874   1.00 17.80 ? 94  VAL A CG1 1 
ATOM   679  C CG2 . VAL A 1 93  ? -0.202  -0.900  2.948   1.00 19.23 ? 94  VAL A CG2 1 
ATOM   680  N N   . MET A 1 94  ? -2.986  1.030   6.002   1.00 18.60 ? 95  MET A N   1 
ATOM   681  C CA  . MET A 1 94  ? -3.571  2.246   6.515   1.00 21.11 ? 95  MET A CA  1 
ATOM   682  C C   . MET A 1 94  ? -2.501  3.319   6.665   1.00 17.61 ? 95  MET A C   1 
ATOM   683  O O   . MET A 1 94  ? -1.431  3.027   7.176   1.00 18.88 ? 95  MET A O   1 
ATOM   684  C CB  . MET A 1 94  ? -4.155  1.991   7.874   1.00 19.82 ? 95  MET A CB  1 
ATOM   685  C CG  . MET A 1 94  ? -4.850  3.245   8.374   1.00 23.69 ? 95  MET A CG  1 
ATOM   686  S SD  . MET A 1 94  ? -5.865  3.263   9.861   1.00 30.83 ? 95  MET A SD  1 
ATOM   687  C CE  . MET A 1 94  ? -4.969  2.443   10.841  1.00 10.72 ? 95  MET A CE  1 
ATOM   688  N N   . THR A 1 95  ? -2.878  4.549   6.287   1.00 19.50 ? 96  THR A N   1 
ATOM   689  C CA  . THR A 1 95  ? -1.952  5.730   6.419   1.00 19.54 ? 96  THR A CA  1 
ATOM   690  C C   . THR A 1 95  ? -2.430  6.649   7.525   1.00 20.32 ? 96  THR A C   1 
ATOM   691  O O   . THR A 1 95  ? -3.544  6.462   8.071   1.00 22.04 ? 96  THR A O   1 
ATOM   692  C CB  . THR A 1 95  ? -1.843  6.486   5.043   1.00 19.78 ? 96  THR A CB  1 
ATOM   693  O OG1 . THR A 1 95  ? -3.033  7.217   4.738   1.00 20.16 ? 96  THR A OG1 1 
ATOM   694  C CG2 . THR A 1 95  ? -1.364  5.543   3.856   1.00 19.77 ? 96  THR A CG2 1 
ATOM   695  N N   . GLY A 1 96  ? -1.581  7.623   7.902   1.00 17.86 ? 97  GLY A N   1 
ATOM   696  C CA  . GLY A 1 96  ? -1.952  8.560   8.972   1.00 19.82 ? 97  GLY A CA  1 
ATOM   697  C C   . GLY A 1 96  ? -1.574  8.323   10.407  1.00 20.36 ? 97  GLY A C   1 
ATOM   698  O O   . GLY A 1 96  ? -2.074  9.069   11.292  1.00 21.35 ? 97  GLY A O   1 
ATOM   699  N N   . ALA A 1 97  ? -0.739  7.320   10.702  1.00 19.06 ? 98  ALA A N   1 
ATOM   700  C CA  . ALA A 1 97  ? -0.496  6.895   12.090  1.00 18.78 ? 98  ALA A CA  1 
ATOM   701  C C   . ALA A 1 97  ? 0.638   7.665   12.747  1.00 18.32 ? 98  ALA A C   1 
ATOM   702  O O   . ALA A 1 97  ? 0.811   7.583   13.955  1.00 20.33 ? 98  ALA A O   1 
ATOM   703  C CB  . ALA A 1 97  ? -0.233  5.348   12.147  1.00 21.47 ? 98  ALA A CB  1 
ATOM   704  N N   . TYR A 1 98  ? 1.414   8.424   11.952  1.00 18.78 ? 99  TYR A N   1 
ATOM   705  C CA  . TYR A 1 98  ? 2.615   9.124   12.465  1.00 17.37 ? 99  TYR A CA  1 
ATOM   706  C C   . TYR A 1 98  ? 2.755   10.447  11.713  1.00 18.23 ? 99  TYR A C   1 
ATOM   707  O O   . TYR A 1 98  ? 2.206   10.617  10.612  1.00 18.74 ? 99  TYR A O   1 
ATOM   708  C CB  . TYR A 1 98  ? 3.934   8.305   12.230  1.00 18.18 ? 99  TYR A CB  1 
ATOM   709  C CG  . TYR A 1 98  ? 3.869   6.798   12.452  1.00 17.73 ? 99  TYR A CG  1 
ATOM   710  C CD1 . TYR A 1 98  ? 3.896   5.912   11.402  1.00 23.90 ? 99  TYR A CD1 1 
ATOM   711  C CD2 . TYR A 1 98  ? 3.740   6.295   13.772  1.00 22.89 ? 99  TYR A CD2 1 
ATOM   712  C CE1 . TYR A 1 98  ? 3.836   4.470   11.649  1.00 17.88 ? 99  TYR A CE1 1 
ATOM   713  C CE2 . TYR A 1 98  ? 3.658   4.952   14.038  1.00 26.99 ? 99  TYR A CE2 1 
ATOM   714  C CZ  . TYR A 1 98  ? 3.712   4.044   12.994  1.00 26.57 ? 99  TYR A CZ  1 
ATOM   715  O OH  . TYR A 1 98  ? 3.662   2.700   13.315  1.00 26.35 ? 99  TYR A OH  1 
ATOM   716  N N   . PRO A 1 99  ? 3.477   11.421  12.292  1.00 20.60 ? 100 PRO A N   1 
ATOM   717  C CA  . PRO A 1 99  ? 3.670   12.736  11.571  1.00 19.31 ? 100 PRO A CA  1 
ATOM   718  C C   . PRO A 1 99  ? 4.275   12.546  10.182  1.00 19.45 ? 100 PRO A C   1 
ATOM   719  O O   . PRO A 1 99  ? 5.174   11.717  9.973   1.00 18.83 ? 100 PRO A O   1 
ATOM   720  C CB  . PRO A 1 99  ? 4.744   13.414  12.419  1.00 20.97 ? 100 PRO A CB  1 
ATOM   721  C CG  . PRO A 1 99  ? 4.564   12.801  13.815  1.00 24.71 ? 100 PRO A CG  1 
ATOM   722  C CD  . PRO A 1 99  ? 4.147   11.375  13.610  1.00 19.28 ? 100 PRO A CD  1 
ATOM   723  N N   . LYS A 1 100 ? 3.845   13.378  9.242   1.00 17.91 ? 101 LYS A N   1 
ATOM   724  C CA  . LYS A 1 100 ? 4.347   13.248  7.874   1.00 17.38 ? 101 LYS A CA  1 
ATOM   725  C C   . LYS A 1 100 ? 5.824   13.548  7.760   1.00 17.37 ? 101 LYS A C   1 
ATOM   726  O O   . LYS A 1 100 ? 6.294   14.517  8.388   1.00 17.85 ? 101 LYS A O   1 
ATOM   727  C CB  . LYS A 1 100 ? 3.542   14.166  6.972   1.00 17.97 ? 101 LYS A CB  1 
ATOM   728  C CG  . LYS A 1 100 ? 3.697   15.668  7.220   1.00 20.63 ? 101 LYS A CG  1 
ATOM   729  C CD  . LYS A 1 100 ? 2.749   16.453  6.355   1.00 25.82 ? 101 LYS A CD  1 
ATOM   730  C CE  . LYS A 1 100 ? 3.033   17.927  6.549   1.00 24.67 ? 101 LYS A CE  1 
ATOM   731  N NZ  . LYS A 1 100 ? 2.065   18.633  5.651   1.00 27.08 ? 101 LYS A NZ  1 
ATOM   732  N N   . PRO A 1 101 ? 6.566   12.772  6.970   1.00 17.64 ? 102 PRO A N   1 
ATOM   733  C CA  . PRO A 1 101 ? 7.930   13.152  6.638   1.00 16.51 ? 102 PRO A CA  1 
ATOM   734  C C   . PRO A 1 101 ? 7.937   14.226  5.531   1.00 17.19 ? 102 PRO A C   1 
ATOM   735  O O   . PRO A 1 101 ? 6.834   14.612  5.032   1.00 18.27 ? 102 PRO A O   1 
ATOM   736  C CB  . PRO A 1 101 ? 8.537   11.867  6.124   1.00 15.78 ? 102 PRO A CB  1 
ATOM   737  C CG  . PRO A 1 101 ? 7.289   11.173  5.435   1.00 17.66 ? 102 PRO A CG  1 
ATOM   738  C CD  . PRO A 1 101 ? 6.135   11.515  6.288   1.00 17.50 ? 102 PRO A CD  1 
ATOM   739  N N   . THR A 1 102 ? 9.146   14.712  5.208   1.00 17.91 ? 103 THR A N   1 
ATOM   740  C CA  . THR A 1 102 ? 9.367   15.684  4.144   1.00 18.99 ? 103 THR A CA  1 
ATOM   741  C C   . THR A 1 102 ? 10.015  15.042  2.961   1.00 17.04 ? 103 THR A C   1 
ATOM   742  O O   . THR A 1 102 ? 10.997  14.306  3.088   1.00 17.84 ? 103 THR A O   1 
ATOM   743  C CB  . THR A 1 102 ? 10.274  16.870  4.668   1.00 21.41 ? 103 THR A CB  1 
ATOM   744  O OG1 . THR A 1 102 ? 9.598   17.489  5.784   1.00 23.45 ? 103 THR A OG1 1 
ATOM   745  C CG2 . THR A 1 102 ? 10.421  17.974  3.546   1.00 24.45 ? 103 THR A CG2 1 
ATOM   746  N N   . LEU A 1 103 ? 9.503   15.370  1.798   1.00 17.86 ? 104 LEU A N   1 
ATOM   747  C CA  . LEU A 1 103 ? 9.979   14.800  0.556   1.00 18.17 ? 104 LEU A CA  1 
ATOM   748  C C   . LEU A 1 103 ? 10.606  15.908  -0.260  1.00 20.83 ? 104 LEU A C   1 
ATOM   749  O O   . LEU A 1 103 ? 9.990   17.001  -0.424  1.00 20.53 ? 104 LEU A O   1 
ATOM   750  C CB  . LEU A 1 103 ? 8.799   14.175  -0.219  1.00 19.38 ? 104 LEU A CB  1 
ATOM   751  C CG  . LEU A 1 103 ? 9.040   13.535  -1.593  1.00 20.16 ? 104 LEU A CG  1 
ATOM   752  C CD1 . LEU A 1 103 ? 10.146  12.476  -1.526  1.00 19.19 ? 104 LEU A CD1 1 
ATOM   753  C CD2 . LEU A 1 103 ? 7.735   12.958  -2.302  1.00 20.71 ? 104 LEU A CD2 1 
ATOM   754  N N   . SER A 1 104 ? 11.801  15.653  -0.753  1.00 20.71 ? 105 SER A N   1 
ATOM   755  C CA  . SER A 1 104 ? 12.545  16.665  -1.534  1.00 20.99 ? 105 SER A CA  1 
ATOM   756  C C   . SER A 1 104 ? 13.253  15.983  -2.700  1.00 22.77 ? 105 SER A C   1 
ATOM   757  O O   . SER A 1 104 ? 13.471  14.741  -2.715  1.00 20.90 ? 105 SER A O   1 
ATOM   758  C CB  . SER A 1 104 ? 13.503  17.433  -0.628  1.00 22.03 ? 105 SER A CB  1 
ATOM   759  O OG  . SER A 1 104 ? 14.584  16.587  -0.170  1.00 22.04 ? 105 SER A OG  1 
ATOM   760  N N   . ALA A 1 105 ? 13.641  16.770  -3.703  1.00 22.72 ? 106 ALA A N   1 
ATOM   761  C CA  . ALA A 1 105 ? 14.350  16.241  -4.842  1.00 23.04 ? 106 ALA A CA  1 
ATOM   762  C C   . ALA A 1 105 ? 15.749  16.774  -4.759  1.00 24.69 ? 106 ALA A C   1 
ATOM   763  O O   . ALA A 1 105 ? 15.969  17.971  -4.442  1.00 25.32 ? 106 ALA A O   1 
ATOM   764  C CB  . ALA A 1 105 ? 13.674  16.673  -6.183  1.00 25.89 ? 106 ALA A CB  1 
ATOM   765  N N   . GLN A 1 106 ? 16.711  15.862  -5.004  1.00 26.12 ? 107 GLN A N   1 
ATOM   766  C CA  . GLN A 1 106 ? 18.112  16.175  -4.848  1.00 27.84 ? 107 GLN A CA  1 
ATOM   767  C C   . GLN A 1 106 ? 18.749  15.951  -6.189  1.00 27.75 ? 107 GLN A C   1 
ATOM   768  O O   . GLN A 1 106 ? 18.731  14.825  -6.663  1.00 28.73 ? 107 GLN A O   1 
ATOM   769  C CB  . GLN A 1 106 ? 18.741  15.262  -3.771  1.00 26.71 ? 107 GLN A CB  1 
ATOM   770  C CG  . GLN A 1 106 ? 18.015  15.344  -2.491  1.00 33.60 ? 107 GLN A CG  1 
ATOM   771  C CD  . GLN A 1 106 ? 18.061  16.740  -1.981  1.00 40.34 ? 107 GLN A CD  1 
ATOM   772  O OE1 . GLN A 1 106 ? 17.143  17.222  -1.271  1.00 44.39 ? 107 GLN A OE1 1 
ATOM   773  N NE2 . GLN A 1 106 ? 19.143  17.428  -2.323  1.00 40.65 ? 107 GLN A NE2 1 
ATOM   774  N N   . PRO A 1 107 ? 19.266  17.031  -6.845  1.00 28.31 ? 108 PRO A N   1 
ATOM   775  C CA  . PRO A 1 107 ? 19.428  18.428  -6.437  1.00 28.12 ? 108 PRO A CA  1 
ATOM   776  C C   . PRO A 1 107 ? 18.211  19.300  -6.703  1.00 25.87 ? 108 PRO A C   1 
ATOM   777  O O   . PRO A 1 107 ? 18.032  20.293  -6.062  1.00 25.88 ? 108 PRO A O   1 
ATOM   778  C CB  . PRO A 1 107 ? 20.591  18.914  -7.310  1.00 29.16 ? 108 PRO A CB  1 
ATOM   779  C CG  . PRO A 1 107 ? 20.569  18.046  -8.500  1.00 28.45 ? 108 PRO A CG  1 
ATOM   780  C CD  . PRO A 1 107 ? 19.790  16.791  -8.202  1.00 30.37 ? 108 PRO A CD  1 
ATOM   781  N N   . SER A 1 108 ? 17.298  18.835  -7.552  1.00 25.58 ? 109 SER A N   1 
ATOM   782  C CA  . SER A 1 108 ? 16.218  19.712  -8.033  1.00 23.46 ? 109 SER A CA  1 
ATOM   783  C C   . SER A 1 108 ? 15.067  18.864  -8.568  1.00 21.80 ? 109 SER A C   1 
ATOM   784  O O   . SER A 1 108 ? 15.310  17.783  -9.094  1.00 22.96 ? 109 SER A O   1 
ATOM   785  C CB  . SER A 1 108 ? 16.765  20.482  -9.248  1.00 23.72 ? 109 SER A CB  1 
ATOM   786  O OG  . SER A 1 108 ? 15.739  21.184  -9.935  1.00 22.69 ? 109 SER A OG  1 
ATOM   787  N N   . PRO A 1 109 ? 13.827  19.391  -8.488  1.00 21.68 ? 110 PRO A N   1 
ATOM   788  C CA  . PRO A 1 109 ? 12.720  18.648  -9.065  1.00 21.17 ? 110 PRO A CA  1 
ATOM   789  C C   . PRO A 1 109 ? 12.524  18.956  -10.529 1.00 22.33 ? 110 PRO A C   1 
ATOM   790  O O   . PRO A 1 109 ? 11.583  18.397  -11.141 1.00 21.72 ? 110 PRO A O   1 
ATOM   791  C CB  . PRO A 1 109 ? 11.520  19.109  -8.272  1.00 22.23 ? 110 PRO A CB  1 
ATOM   792  C CG  . PRO A 1 109 ? 11.827  20.502  -7.908  1.00 19.97 ? 110 PRO A CG  1 
ATOM   793  C CD  . PRO A 1 109 ? 13.353  20.642  -7.831  1.00 21.20 ? 110 PRO A CD  1 
ATOM   794  N N   . VAL A 1 110 ? 13.428  19.771  -11.091 1.00 20.12 ? 111 VAL A N   1 
ATOM   795  C CA  . VAL A 1 110 ? 13.403  20.036  -12.572 1.00 22.08 ? 111 VAL A CA  1 
ATOM   796  C C   . VAL A 1 110 ? 14.374  19.070  -13.199 1.00 22.82 ? 111 VAL A C   1 
ATOM   797  O O   . VAL A 1 110 ? 15.561  19.081  -12.856 1.00 23.19 ? 111 VAL A O   1 
ATOM   798  C CB  . VAL A 1 110 ? 13.758  21.498  -12.861 1.00 22.79 ? 111 VAL A CB  1 
ATOM   799  C CG1 . VAL A 1 110 ? 13.630  21.820  -14.392 1.00 20.82 ? 111 VAL A CG1 1 
ATOM   800  C CG2 . VAL A 1 110 ? 12.856  22.454  -12.007 1.00 22.64 ? 111 VAL A CG2 1 
ATOM   801  N N   . VAL A 1 111 ? 13.861  18.163  -14.040 1.00 24.61 ? 112 VAL A N   1 
ATOM   802  C CA  . VAL A 1 111 ? 14.654  17.086  -14.527 1.00 26.46 ? 112 VAL A CA  1 
ATOM   803  C C   . VAL A 1 111 ? 14.550  17.089  -16.032 1.00 28.72 ? 112 VAL A C   1 
ATOM   804  O O   . VAL A 1 111 ? 13.466  17.127  -16.570 1.00 29.52 ? 112 VAL A O   1 
ATOM   805  C CB  . VAL A 1 111 ? 14.149  15.744  -14.002 1.00 26.04 ? 112 VAL A CB  1 
ATOM   806  C CG1 . VAL A 1 111 ? 15.091  14.654  -14.409 1.00 26.18 ? 112 VAL A CG1 1 
ATOM   807  C CG2 . VAL A 1 111 ? 13.996  15.775  -12.459 1.00 26.12 ? 112 VAL A CG2 1 
ATOM   808  N N   . THR A 1 112 ? 15.688  16.990  -16.683 1.00 31.07 ? 113 THR A N   1 
ATOM   809  C CA  . THR A 1 112 ? 15.794  16.863  -18.128 1.00 32.30 ? 113 THR A CA  1 
ATOM   810  C C   . THR A 1 112 ? 15.205  15.556  -18.642 1.00 31.92 ? 113 THR A C   1 
ATOM   811  O O   . THR A 1 112 ? 15.350  14.496  -18.021 1.00 30.21 ? 113 THR A O   1 
ATOM   812  C CB  . THR A 1 112 ? 17.292  17.052  -18.582 1.00 34.62 ? 113 THR A CB  1 
ATOM   813  O OG1 . THR A 1 112 ? 17.362  17.274  -19.987 1.00 36.95 ? 113 THR A OG1 1 
ATOM   814  C CG2 . THR A 1 112 ? 18.186  15.805  -18.314 1.00 37.03 ? 113 THR A CG2 1 
ATOM   815  N N   . SER A 1 113 ? 14.509  15.647  -19.780 1.00 30.97 ? 114 SER A N   1 
ATOM   816  C CA  . SER A 1 113 ? 13.788  14.515  -20.355 1.00 30.98 ? 114 SER A CA  1 
ATOM   817  C C   . SER A 1 113 ? 14.788  13.406  -20.518 1.00 30.75 ? 114 SER A C   1 
ATOM   818  O O   . SER A 1 113 ? 15.892  13.632  -20.975 1.00 32.36 ? 114 SER A O   1 
ATOM   819  C CB  . SER A 1 113 ? 13.158  14.890  -21.707 1.00 31.35 ? 114 SER A CB  1 
ATOM   820  O OG  . SER A 1 113 ? 12.458  13.769  -22.207 1.00 30.27 ? 114 SER A OG  1 
ATOM   821  N N   . GLY A 1 114 ? 14.435  12.239  -20.009 1.00 31.33 ? 115 GLY A N   1 
ATOM   822  C CA  . GLY A 1 114 ? 15.264  11.048  -20.075 1.00 32.01 ? 115 GLY A CA  1 
ATOM   823  C C   . GLY A 1 114 ? 16.232  10.940  -18.907 1.00 31.46 ? 115 GLY A C   1 
ATOM   824  O O   . GLY A 1 114 ? 16.924  9.931   -18.777 1.00 32.28 ? 115 GLY A O   1 
ATOM   825  N N   . GLY A 1 115 ? 16.288  11.975  -18.065 1.00 29.20 ? 116 GLY A N   1 
ATOM   826  C CA  . GLY A 1 115 ? 17.169  11.960  -16.920 1.00 28.73 ? 116 GLY A CA  1 
ATOM   827  C C   . GLY A 1 115 ? 16.554  11.313  -15.686 1.00 27.11 ? 116 GLY A C   1 
ATOM   828  O O   . GLY A 1 115 ? 15.413  10.834  -15.691 1.00 27.87 ? 116 GLY A O   1 
ATOM   829  N N   . ARG A 1 116 ? 17.325  11.334  -14.616 1.00 27.00 ? 117 ARG A N   1 
ATOM   830  C CA  . ARG A 1 116 ? 16.999  10.646  -13.362 1.00 26.24 ? 117 ARG A CA  1 
ATOM   831  C C   . ARG A 1 116 ? 17.162  11.652  -12.260 1.00 24.77 ? 117 ARG A C   1 
ATOM   832  O O   . ARG A 1 116 ? 17.882  12.598  -12.412 1.00 24.61 ? 117 ARG A O   1 
ATOM   833  C CB  . ARG A 1 116 ? 17.954  9.450   -13.101 1.00 28.54 ? 117 ARG A CB  1 
ATOM   834  C CG  . ARG A 1 116 ? 17.664  8.277   -13.995 1.00 31.95 ? 117 ARG A CG  1 
ATOM   835  C CD  . ARG A 1 116 ? 18.479  7.053   -13.598 1.00 38.97 ? 117 ARG A CD  1 
ATOM   836  N NE  . ARG A 1 116 ? 18.001  5.899   -14.364 1.00 44.95 ? 117 ARG A NE  1 
ATOM   837  C CZ  . ARG A 1 116 ? 18.204  5.750   -15.677 1.00 44.94 ? 117 ARG A CZ  1 
ATOM   838  N NH1 . ARG A 1 116 ? 18.904  6.659   -16.355 1.00 41.88 ? 117 ARG A NH1 1 
ATOM   839  N NH2 . ARG A 1 116 ? 17.729  4.687   -16.302 1.00 45.36 ? 117 ARG A NH2 1 
ATOM   840  N N   . VAL A 1 117 ? 16.486  11.424  -11.142 1.00 25.16 ? 118 VAL A N   1 
ATOM   841  C CA  . VAL A 1 117 ? 16.652  12.255  -10.003 1.00 25.11 ? 118 VAL A CA  1 
ATOM   842  C C   . VAL A 1 117 ? 16.558  11.379  -8.740  1.00 23.70 ? 118 VAL A C   1 
ATOM   843  O O   . VAL A 1 117 ? 15.925  10.351  -8.746  1.00 24.55 ? 118 VAL A O   1 
ATOM   844  C CB  . VAL A 1 117 ? 15.571  13.399  -10.019 1.00 24.98 ? 118 VAL A CB  1 
ATOM   845  C CG1 . VAL A 1 117 ? 14.180  12.892  -9.910  1.00 26.96 ? 118 VAL A CG1 1 
ATOM   846  C CG2 . VAL A 1 117 ? 15.850  14.519  -9.008  1.00 26.66 ? 118 VAL A CG2 1 
ATOM   847  N N   . THR A 1 118 ? 17.151  11.857  -7.666  1.00 22.41 ? 119 THR A N   1 
ATOM   848  C CA  . THR A 1 118 ? 17.001  11.224  -6.359  1.00 21.34 ? 119 THR A CA  1 
ATOM   849  C C   . THR A 1 118 ? 15.947  11.948  -5.525  1.00 21.79 ? 119 THR A C   1 
ATOM   850  O O   . THR A 1 118 ? 15.994  13.139  -5.416  1.00 21.22 ? 119 THR A O   1 
ATOM   851  C CB  . THR A 1 118 ? 18.336  11.234  -5.672  1.00 23.58 ? 119 THR A CB  1 
ATOM   852  O OG1 . THR A 1 118 ? 19.187  10.317  -6.368  1.00 27.27 ? 119 THR A OG1 1 
ATOM   853  C CG2 . THR A 1 118 ? 18.178  10.815  -4.214  1.00 26.80 ? 119 THR A CG2 1 
ATOM   854  N N   . LEU A 1 119 ? 14.976  11.223  -4.965  1.00 21.17 ? 120 LEU A N   1 
ATOM   855  C CA  . LEU A 1 119 ? 14.004  11.849  -4.049  1.00 20.61 ? 120 LEU A CA  1 
ATOM   856  C C   . LEU A 1 119 ? 14.383  11.328  -2.657  1.00 20.50 ? 120 LEU A C   1 
ATOM   857  O O   . LEU A 1 119 ? 14.696  10.139  -2.498  1.00 20.46 ? 120 LEU A O   1 
ATOM   858  C CB  . LEU A 1 119 ? 12.575  11.417  -4.379  1.00 21.67 ? 120 LEU A CB  1 
ATOM   859  C CG  . LEU A 1 119 ? 12.070  11.853  -5.789  1.00 21.14 ? 120 LEU A CG  1 
ATOM   860  C CD1 . LEU A 1 119 ? 10.613  11.765  -5.769  1.00 23.66 ? 120 LEU A CD1 1 
ATOM   861  C CD2 . LEU A 1 119 ? 12.439  13.231  -6.068  1.00 22.22 ? 120 LEU A CD2 1 
ATOM   862  N N   . GLN A 1 120 ? 14.351  12.241  -1.711  1.00 19.96 ? 121 GLN A N   1 
ATOM   863  C CA  . GLN A 1 120 ? 14.737  11.969  -0.351  1.00 20.91 ? 121 GLN A CA  1 
ATOM   864  C C   . GLN A 1 120 ? 13.558  12.208  0.564   1.00 20.45 ? 121 GLN A C   1 
ATOM   865  O O   . GLN A 1 120 ? 12.858  13.226  0.481   1.00 20.30 ? 121 GLN A O   1 
ATOM   866  C CB  . GLN A 1 120 ? 15.864  12.911  0.067   1.00 20.87 ? 121 GLN A CB  1 
ATOM   867  C CG  . GLN A 1 120 ? 16.207  12.838  1.605   1.00 21.03 ? 121 GLN A CG  1 
ATOM   868  C CD  . GLN A 1 120 ? 17.177  13.929  2.001   1.00 24.95 ? 121 GLN A CD  1 
ATOM   869  O OE1 . GLN A 1 120 ? 16.783  15.014  2.477   1.00 30.08 ? 121 GLN A OE1 1 
ATOM   870  N NE2 . GLN A 1 120 ? 18.432  13.685  1.745   1.00 25.30 ? 121 GLN A NE2 1 
ATOM   871  N N   . CYS A 1 121 ? 13.403  11.280  1.492   1.00 18.74 ? 122 CYS A N   1 
ATOM   872  C CA  A CYS A 1 121 ? 12.315  11.376  2.451   0.50 18.66 ? 122 CYS A CA  1 
ATOM   873  C CA  B CYS A 1 121 ? 12.348  11.314  2.480   0.50 20.01 ? 122 CYS A CA  1 
ATOM   874  C C   . CYS A 1 121 ? 13.050  11.525  3.773   1.00 19.95 ? 122 CYS A C   1 
ATOM   875  O O   . CYS A 1 121 ? 13.979  10.759  4.074   1.00 21.47 ? 122 CYS A O   1 
ATOM   876  C CB  A CYS A 1 121 ? 11.413  10.110  2.387   0.50 18.45 ? 122 CYS A CB  1 
ATOM   877  C CB  B CYS A 1 121 ? 11.748  9.914   2.572   0.50 21.07 ? 122 CYS A CB  1 
ATOM   878  S SG  A CYS A 1 121 ? 9.820   10.189  3.277   0.60 18.33 ? 122 CYS A SG  1 
ATOM   879  S SG  B CYS A 1 121 ? 10.934  9.415   1.161   0.40 24.74 ? 122 CYS A SG  1 
ATOM   880  N N   . GLU A 1 122 ? 12.637  12.515  4.554   1.00 20.45 ? 123 GLU A N   1 
ATOM   881  C CA  . GLU A 1 122 ? 13.296  12.837  5.778   1.00 21.08 ? 123 GLU A CA  1 
ATOM   882  C C   . GLU A 1 122 ? 12.286  13.113  6.909   1.00 20.16 ? 123 GLU A C   1 
ATOM   883  O O   . GLU A 1 122 ? 11.240  13.767  6.691   1.00 20.55 ? 123 GLU A O   1 
ATOM   884  C CB  . GLU A 1 122 ? 14.310  13.992  5.576   1.00 21.15 ? 123 GLU A CB  1 
ATOM   885  C CG  . GLU A 1 122 ? 15.165  14.176  6.804   1.00 25.61 ? 123 GLU A CG  1 
ATOM   886  C CD  . GLU A 1 122 ? 16.274  15.180  6.498   1.00 34.51 ? 123 GLU A CD  1 
ATOM   887  O OE1 . GLU A 1 122 ? 15.938  16.280  6.032   1.00 30.36 ? 123 GLU A OE1 1 
ATOM   888  O OE2 . GLU A 1 122 ? 17.459  14.824  6.646   1.00 34.79 ? 123 GLU A OE2 1 
ATOM   889  N N   . SER A 1 123 ? 12.613  12.609  8.094   1.00 21.63 ? 124 SER A N   1 
ATOM   890  C CA  . SER A 1 123 ? 11.714  12.722  9.258   1.00 23.37 ? 124 SER A CA  1 
ATOM   891  C C   . SER A 1 123 ? 12.436  13.269  10.501  1.00 26.14 ? 124 SER A C   1 
ATOM   892  O O   . SER A 1 123 ? 13.618  13.091  10.654  1.00 24.76 ? 124 SER A O   1 
ATOM   893  C CB  . SER A 1 123 ? 11.098  11.382  9.603   1.00 23.48 ? 124 SER A CB  1 
ATOM   894  O OG  . SER A 1 123 ? 12.105  10.452  9.957   1.00 26.68 ? 124 SER A OG  1 
ATOM   895  N N   . GLN A 1 124 ? 11.684  13.946  11.356  1.00 29.17 ? 125 GLN A N   1 
ATOM   896  C CA  . GLN A 1 124 ? 12.180  14.397  12.635  1.00 33.18 ? 125 GLN A CA  1 
ATOM   897  C C   . GLN A 1 124 ? 12.259  13.232  13.637  1.00 32.58 ? 125 GLN A C   1 
ATOM   898  O O   . GLN A 1 124 ? 13.050  13.286  14.583  1.00 34.04 ? 125 GLN A O   1 
ATOM   899  C CB  . GLN A 1 124 ? 11.274  15.555  13.116  1.00 33.76 ? 125 GLN A CB  1 
ATOM   900  C CG  . GLN A 1 124 ? 11.644  16.209  14.500  1.00 40.17 ? 125 GLN A CG  1 
ATOM   901  C CD  . GLN A 1 124 ? 10.673  17.350  14.927  1.00 40.98 ? 125 GLN A CD  1 
ATOM   902  O OE1 . GLN A 1 124 ? 10.371  18.265  14.135  1.00 49.21 ? 125 GLN A OE1 1 
ATOM   903  N NE2 . GLN A 1 124 ? 10.196  17.299  16.186  1.00 44.34 ? 125 GLN A NE2 1 
ATOM   904  N N   . VAL A 1 125 ? 11.417  12.211  13.451  1.00 31.19 ? 126 VAL A N   1 
ATOM   905  C CA  . VAL A 1 125 ? 11.413  11.003  14.289  1.00 31.15 ? 126 VAL A CA  1 
ATOM   906  C C   . VAL A 1 125 ? 11.919  9.864   13.425  1.00 29.20 ? 126 VAL A C   1 
ATOM   907  O O   . VAL A 1 125 ? 11.543  9.763   12.250  1.00 27.49 ? 126 VAL A O   1 
ATOM   908  C CB  . VAL A 1 125 ? 9.951   10.634  14.726  1.00 33.08 ? 126 VAL A CB  1 
ATOM   909  N N   . ALA A 1 126 ? 12.751  9.014   13.991  1.00 27.29 ? 127 ALA A N   1 
ATOM   910  C CA  . ALA A 1 126 ? 13.397  7.959   13.239  1.00 26.46 ? 127 ALA A CA  1 
ATOM   911  C C   . ALA A 1 126 ? 12.353  6.905   12.896  1.00 25.88 ? 127 ALA A C   1 
ATOM   912  O O   . ALA A 1 126 ? 11.538  6.555   13.727  1.00 26.64 ? 127 ALA A O   1 
ATOM   913  C CB  . ALA A 1 126 ? 14.486  7.367   14.013  1.00 28.74 ? 127 ALA A CB  1 
ATOM   914  N N   . PHE A 1 127 ? 12.365  6.437   11.660  1.00 23.33 ? 128 PHE A N   1 
ATOM   915  C CA  . PHE A 1 127 ? 11.526  5.320   11.187  1.00 20.74 ? 128 PHE A CA  1 
ATOM   916  C C   . PHE A 1 127 ? 12.330  4.075   10.817  1.00 20.92 ? 128 PHE A C   1 
ATOM   917  O O   . PHE A 1 127 ? 13.495  4.148   10.412  1.00 21.81 ? 128 PHE A O   1 
ATOM   918  C CB  . PHE A 1 127 ? 10.691  5.734   9.941   1.00 20.16 ? 128 PHE A CB  1 
ATOM   919  C CG  . PHE A 1 127 ? 9.530   6.659   10.239  1.00 19.49 ? 128 PHE A CG  1 
ATOM   920  C CD1 . PHE A 1 127 ? 9.581   7.975   9.799   1.00 20.63 ? 128 PHE A CD1 1 
ATOM   921  C CD2 . PHE A 1 127 ? 8.376   6.206   10.853  1.00 18.52 ? 128 PHE A CD2 1 
ATOM   922  C CE1 . PHE A 1 127 ? 8.524   8.838   10.005  1.00 23.11 ? 128 PHE A CE1 1 
ATOM   923  C CE2 . PHE A 1 127 ? 7.253   7.095   11.089  1.00 19.98 ? 128 PHE A CE2 1 
ATOM   924  C CZ  . PHE A 1 127 ? 7.339   8.379   10.642  1.00 22.02 ? 128 PHE A CZ  1 
ATOM   925  N N   . GLY A 1 128 ? 11.701  2.912   11.005  1.00 19.99 ? 129 GLY A N   1 
ATOM   926  C CA  . GLY A 1 128 ? 12.302  1.648   10.549  1.00 21.97 ? 129 GLY A CA  1 
ATOM   927  C C   . GLY A 1 128 ? 12.506  1.561   9.053   1.00 20.36 ? 129 GLY A C   1 
ATOM   928  O O   . GLY A 1 128 ? 13.529  1.043   8.582   1.00 23.70 ? 129 GLY A O   1 
ATOM   929  N N   . GLY A 1 129 ? 11.589  2.130   8.283   1.00 20.64 ? 130 GLY A N   1 
ATOM   930  C CA  . GLY A 1 129 ? 11.787  2.186   6.846   1.00 19.10 ? 130 GLY A CA  1 
ATOM   931  C C   . GLY A 1 129 ? 10.900  3.288   6.225   1.00 18.55 ? 130 GLY A C   1 
ATOM   932  O O   . GLY A 1 129 ? 10.100  3.926   6.902   1.00 18.61 ? 130 GLY A O   1 
ATOM   933  N N   . PHE A 1 130 ? 11.130  3.556   4.959   1.00 18.36 ? 131 PHE A N   1 
ATOM   934  C CA  . PHE A 1 130 ? 10.364  4.590   4.231   1.00 19.88 ? 131 PHE A CA  1 
ATOM   935  C C   . PHE A 1 130 ? 9.723   4.018   2.998   1.00 19.19 ? 131 PHE A C   1 
ATOM   936  O O   . PHE A 1 130 ? 10.170  3.022   2.455   1.00 18.88 ? 131 PHE A O   1 
ATOM   937  C CB  . PHE A 1 130 ? 11.206  5.814   3.883   1.00 18.18 ? 131 PHE A CB  1 
ATOM   938  C CG  . PHE A 1 130 ? 11.653  6.607   5.096   1.00 21.22 ? 131 PHE A CG  1 
ATOM   939  C CD1 . PHE A 1 130 ? 12.797  6.222   5.839   1.00 20.45 ? 131 PHE A CD1 1 
ATOM   940  C CD2 . PHE A 1 130 ? 10.985  7.769   5.437   1.00 21.61 ? 131 PHE A CD2 1 
ATOM   941  C CE1 . PHE A 1 130 ? 13.237  7.019   7.001   1.00 19.14 ? 131 PHE A CE1 1 
ATOM   942  C CE2 . PHE A 1 130 ? 11.403  8.576   6.485   1.00 17.63 ? 131 PHE A CE2 1 
ATOM   943  C CZ  . PHE A 1 130 ? 12.501  8.186   7.312   1.00 16.93 ? 131 PHE A CZ  1 
ATOM   944  N N   . ILE A 1 131 ? 8.646   4.646   2.559   1.00 18.61 ? 132 ILE A N   1 
ATOM   945  C CA  . ILE A 1 131 ? 7.985   4.156   1.339   1.00 19.65 ? 132 ILE A CA  1 
ATOM   946  C C   . ILE A 1 131 ? 7.910   5.337   0.384   1.00 19.01 ? 132 ILE A C   1 
ATOM   947  O O   . ILE A 1 131 ? 7.614   6.443   0.857   1.00 16.15 ? 132 ILE A O   1 
ATOM   948  C CB  . ILE A 1 131 ? 6.495   3.792   1.618   1.00 19.31 ? 132 ILE A CB  1 
ATOM   949  C CG1 . ILE A 1 131 ? 6.303   2.745   2.732   1.00 24.62 ? 132 ILE A CG1 1 
ATOM   950  C CG2 . ILE A 1 131 ? 5.804   3.412   0.345   1.00 21.75 ? 132 ILE A CG2 1 
ATOM   951  C CD1 . ILE A 1 131 ? 6.845   1.424   2.421   1.00 30.98 ? 132 ILE A CD1 1 
ATOM   952  N N   . LEU A 1 132 ? 8.175   5.146   -0.902  1.00 17.37 ? 133 LEU A N   1 
ATOM   953  C CA  . LEU A 1 132 ? 7.910   6.207   -1.921  1.00 19.33 ? 133 LEU A CA  1 
ATOM   954  C C   . LEU A 1 132 ? 6.796   5.687   -2.806  1.00 19.41 ? 133 LEU A C   1 
ATOM   955  O O   . LEU A 1 132 ? 6.942   4.545   -3.315  1.00 20.71 ? 133 LEU A O   1 
ATOM   956  C CB  . LEU A 1 132 ? 9.165   6.479   -2.779  1.00 20.44 ? 133 LEU A CB  1 
ATOM   957  C CG  . LEU A 1 132 ? 9.068   7.612   -3.845  1.00 20.01 ? 133 LEU A CG  1 
ATOM   958  C CD1 . LEU A 1 132 ? 8.814   8.916   -3.151  1.00 14.24 ? 133 LEU A CD1 1 
ATOM   959  C CD2 . LEU A 1 132 ? 10.368  7.780   -4.620  1.00 22.59 ? 133 LEU A CD2 1 
ATOM   960  N N   . CYS A 1 133 ? 5.727   6.476   -3.022  1.00 19.37 ? 134 CYS A N   1 
ATOM   961  C CA  . CYS A 1 133 ? 4.662   6.075   -3.959  1.00 21.75 ? 134 CYS A CA  1 
ATOM   962  C C   . CYS A 1 133 ? 4.530   7.075   -5.073  1.00 23.89 ? 134 CYS A C   1 
ATOM   963  O O   . CYS A 1 133 ? 4.564   8.274   -4.827  1.00 22.67 ? 134 CYS A O   1 
ATOM   964  C CB  . CYS A 1 133 ? 3.293   5.974   -3.288  1.00 23.51 ? 134 CYS A CB  1 
ATOM   965  S SG  . CYS A 1 133 ? 3.246   4.835   -1.845  1.00 25.47 ? 134 CYS A SG  1 
ATOM   966  N N   . LYS A 1 134 ? 4.382   6.559   -6.291  1.00 25.01 ? 135 LYS A N   1 
ATOM   967  C CA  . LYS A 1 134 ? 4.063   7.354   -7.487  1.00 27.57 ? 135 LYS A CA  1 
ATOM   968  C C   . LYS A 1 134 ? 2.550   7.306   -7.631  1.00 28.13 ? 135 LYS A C   1 
ATOM   969  O O   . LYS A 1 134 ? 1.935   6.209   -7.533  1.00 28.14 ? 135 LYS A O   1 
ATOM   970  C CB  . LYS A 1 134 ? 4.718   6.741   -8.722  1.00 26.85 ? 135 LYS A CB  1 
ATOM   971  C CG  . LYS A 1 134 ? 4.580   7.547   -9.982  1.00 32.16 ? 135 LYS A CG  1 
ATOM   972  C CD  . LYS A 1 134 ? 5.306   6.887   -11.207 1.00 31.07 ? 135 LYS A CD  1 
ATOM   973  C CE  . LYS A 1 134 ? 5.407   8.020   -12.283 1.00 37.35 ? 135 LYS A CE  1 
ATOM   974  N NZ  . LYS A 1 134 ? 5.645   7.689   -13.740 1.00 39.44 ? 135 LYS A NZ  1 
ATOM   975  N N   . GLU A 1 135 ? 1.972   8.486   -7.849  1.00 29.13 ? 136 GLU A N   1 
ATOM   976  C CA  . GLU A 1 135 ? 0.536   8.706   -7.906  1.00 32.03 ? 136 GLU A CA  1 
ATOM   977  C C   . GLU A 1 135 ? 0.083   9.000   -9.326  1.00 32.93 ? 136 GLU A C   1 
ATOM   978  O O   . GLU A 1 135 ? 0.741   9.744   -10.058 1.00 33.06 ? 136 GLU A O   1 
ATOM   979  C CB  . GLU A 1 135 ? 0.173   9.900   -7.017  1.00 33.76 ? 136 GLU A CB  1 
ATOM   980  C CG  . GLU A 1 135 ? 1.132   10.082  -5.838  1.00 39.75 ? 136 GLU A CG  1 
ATOM   981  C CD  . GLU A 1 135 ? 0.403   10.264  -4.561  1.00 45.21 ? 136 GLU A CD  1 
ATOM   982  O OE1 . GLU A 1 135 ? -0.342  11.275  -4.469  1.00 48.49 ? 136 GLU A OE1 1 
ATOM   983  O OE2 . GLU A 1 135 ? 0.590   9.398   -3.649  1.00 47.63 ? 136 GLU A OE2 1 
ATOM   984  N N   . GLN A 1 142 ? 1.523   2.135   -6.773  1.00 31.99 ? 143 GLN A N   1 
ATOM   985  C CA  . GLN A 1 142 ? 2.914   2.066   -7.237  1.00 30.10 ? 143 GLN A CA  1 
ATOM   986  C C   . GLN A 1 142 ? 3.932   2.557   -6.173  1.00 29.49 ? 143 GLN A C   1 
ATOM   987  O O   . GLN A 1 142 ? 4.492   3.641   -6.273  1.00 28.63 ? 143 GLN A O   1 
ATOM   988  C CB  . GLN A 1 142 ? 3.117   2.761   -8.569  1.00 31.31 ? 143 GLN A CB  1 
ATOM   989  N N   . CYS A 1 143 ? 4.164   1.730   -5.171  1.00 28.93 ? 144 CYS A N   1 
ATOM   990  C CA  . CYS A 1 143 ? 5.025   2.146   -4.037  1.00 27.81 ? 144 CYS A CA  1 
ATOM   991  C C   . CYS A 1 143 ? 6.280   1.283   -3.938  1.00 28.05 ? 144 CYS A C   1 
ATOM   992  O O   . CYS A 1 143 ? 6.257   0.084   -4.341  1.00 28.73 ? 144 CYS A O   1 
ATOM   993  C CB  . CYS A 1 143 ? 4.215   2.066   -2.754  1.00 28.87 ? 144 CYS A CB  1 
ATOM   994  S SG  . CYS A 1 143 ? 2.745   3.006   -2.707  1.00 29.34 ? 144 CYS A SG  1 
ATOM   995  N N   . LEU A 1 144 ? 7.367   1.872   -3.430  1.00 25.70 ? 145 LEU A N   1 
ATOM   996  C CA  . LEU A 1 144 ? 8.652   1.191   -3.259  1.00 26.77 ? 145 LEU A CA  1 
ATOM   997  C C   . LEU A 1 144 ? 9.077   1.410   -1.807  1.00 26.46 ? 145 LEU A C   1 
ATOM   998  O O   . LEU A 1 144 ? 8.911   2.529   -1.306  1.00 25.84 ? 145 LEU A O   1 
ATOM   999  C CB  . LEU A 1 144 ? 9.707   1.816   -4.144  1.00 28.37 ? 145 LEU A CB  1 
ATOM   1000 C CG  . LEU A 1 144 ? 9.624   1.615   -5.636  1.00 35.17 ? 145 LEU A CG  1 
ATOM   1001 C CD1 . LEU A 1 144 ? 10.859  2.271   -6.299  1.00 39.96 ? 145 LEU A CD1 1 
ATOM   1002 C CD2 . LEU A 1 144 ? 9.514   0.112   -5.928  1.00 36.34 ? 145 LEU A CD2 1 
ATOM   1003 N N   . ASN A 1 145 ? 9.580   0.375   -1.116  1.00 25.45 ? 146 ASN A N   1 
ATOM   1004 C CA  . ASN A 1 145 ? 10.184  0.656   0.197   1.00 24.78 ? 146 ASN A CA  1 
ATOM   1005 C C   . ASN A 1 145 ? 11.669  0.769   0.127   1.00 25.81 ? 146 ASN A C   1 
ATOM   1006 O O   . ASN A 1 145 ? 12.330  0.217   -0.780  1.00 25.00 ? 146 ASN A O   1 
ATOM   1007 C CB  . ASN A 1 145 ? 9.749   -0.313  1.299   1.00 27.32 ? 146 ASN A CB  1 
ATOM   1008 C CG  . ASN A 1 145 ? 9.550   -1.660  0.786   1.00 31.46 ? 146 ASN A CG  1 
ATOM   1009 O OD1 . ASN A 1 145 ? 10.495  -2.293  0.461   1.00 33.87 ? 146 ASN A OD1 1 
ATOM   1010 N ND2 . ASN A 1 145 ? 8.297   -2.070  0.583   1.00 40.73 ? 146 ASN A ND2 1 
ATOM   1011 N N   . SER A 1 146 ? 12.231  1.457   1.130   1.00 24.79 ? 147 SER A N   1 
ATOM   1012 C CA  . SER A 1 146 ? 13.648  1.689   1.233   1.00 28.46 ? 147 SER A CA  1 
ATOM   1013 C C   . SER A 1 146 ? 14.332  0.503   2.010   1.00 29.48 ? 147 SER A C   1 
ATOM   1014 O O   . SER A 1 146 ? 13.613  -0.377  2.539   1.00 28.89 ? 147 SER A O   1 
ATOM   1015 C CB  . SER A 1 146 ? 13.850  3.035   1.907   1.00 27.73 ? 147 SER A CB  1 
ATOM   1016 O OG  . SER A 1 146 ? 13.356  2.992   3.232   1.00 29.75 ? 147 SER A OG  1 
ATOM   1017 N N   . GLN A 1 147 ? 15.672  0.411   2.040   1.00 31.16 ? 148 GLN A N   1 
ATOM   1018 C CA  . GLN A 1 147 ? 16.331  -0.527  3.039   1.00 31.30 ? 148 GLN A CA  1 
ATOM   1019 C C   . GLN A 1 147 ? 15.913  -0.398  4.542   1.00 33.66 ? 148 GLN A C   1 
ATOM   1020 O O   . GLN A 1 147 ? 15.938  0.702   5.143   1.00 34.02 ? 148 GLN A O   1 
ATOM   1021 C CB  . GLN A 1 147 ? 17.855  -0.402  2.973   1.00 33.93 ? 148 GLN A CB  1 
ATOM   1022 N N   . PRO A 1 148 ? 15.596  -1.524  5.197   1.00 33.23 ? 149 PRO A N   1 
ATOM   1023 C CA  . PRO A 1 148 ? 15.215  -1.481  6.606   1.00 34.26 ? 149 PRO A CA  1 
ATOM   1024 C C   . PRO A 1 148 ? 16.425  -1.131  7.483   1.00 35.00 ? 149 PRO A C   1 
ATOM   1025 O O   . PRO A 1 148 ? 17.528  -1.582  7.203   1.00 34.52 ? 149 PRO A O   1 
ATOM   1026 C CB  . PRO A 1 148 ? 14.790  -2.936  6.893   1.00 35.18 ? 149 PRO A CB  1 
ATOM   1027 C CG  . PRO A 1 148 ? 14.522  -3.522  5.505   1.00 35.17 ? 149 PRO A CG  1 
ATOM   1028 C CD  . PRO A 1 148 ? 15.557  -2.897  4.669   1.00 34.39 ? 149 PRO A CD  1 
ATOM   1029 N N   . HIS A 1 149 ? 16.198  -0.332  8.535   1.00 36.37 ? 150 HIS A N   1 
ATOM   1030 C CA  . HIS A 1 149 ? 17.183  -0.087  9.586   1.00 37.02 ? 150 HIS A CA  1 
ATOM   1031 C C   . HIS A 1 149 ? 16.601  -0.499  10.924  1.00 37.15 ? 150 HIS A C   1 
ATOM   1032 O O   . HIS A 1 149 ? 15.639  0.065   11.388  1.00 33.97 ? 150 HIS A O   1 
ATOM   1033 C CB  . HIS A 1 149 ? 17.589  1.399   9.594   1.00 38.02 ? 150 HIS A CB  1 
ATOM   1034 C CG  . HIS A 1 149 ? 18.243  1.831   8.321   1.00 41.15 ? 150 HIS A CG  1 
ATOM   1035 N ND1 . HIS A 1 149 ? 19.518  1.443   7.977   1.00 46.15 ? 150 HIS A ND1 1 
ATOM   1036 C CD2 . HIS A 1 149 ? 17.767  2.534   7.266   1.00 45.40 ? 150 HIS A CD2 1 
ATOM   1037 C CE1 . HIS A 1 149 ? 19.807  1.909   6.773   1.00 46.86 ? 150 HIS A CE1 1 
ATOM   1038 N NE2 . HIS A 1 149 ? 18.765  2.583   6.324   1.00 46.21 ? 150 HIS A NE2 1 
ATOM   1039 N N   . ALA A 1 150 ? 17.191  -1.520  11.545  1.00 38.47 ? 151 ALA A N   1 
ATOM   1040 C CA  . ALA A 1 150 ? 16.621  -2.069  12.771  1.00 38.65 ? 151 ALA A CA  1 
ATOM   1041 C C   . ALA A 1 150 ? 16.695  -1.083  13.927  1.00 39.23 ? 151 ALA A C   1 
ATOM   1042 O O   . ALA A 1 150 ? 15.773  -1.046  14.765  1.00 39.26 ? 151 ALA A O   1 
ATOM   1043 C CB  . ALA A 1 150 ? 17.289  -3.388  13.122  1.00 40.12 ? 151 ALA A CB  1 
ATOM   1044 N N   . ARG A 1 151 ? 17.760  -0.265  13.967  1.00 38.39 ? 152 ARG A N   1 
ATOM   1045 C CA  . ARG A 1 151 ? 17.788  0.834   14.926  1.00 37.90 ? 152 ARG A CA  1 
ATOM   1046 C C   . ARG A 1 151 ? 17.025  2.088   14.408  1.00 37.38 ? 152 ARG A C   1 
ATOM   1047 O O   . ARG A 1 151 ? 16.758  3.029   15.188  1.00 37.80 ? 152 ARG A O   1 
ATOM   1048 C CB  . ARG A 1 151 ? 19.236  1.185   15.351  1.00 39.18 ? 152 ARG A CB  1 
ATOM   1049 N N   . GLY A 1 152 ? 16.648  2.081   13.130  1.00 34.86 ? 153 GLY A N   1 
ATOM   1050 C CA  . GLY A 1 152 ? 15.835  3.201   12.568  1.00 33.30 ? 153 GLY A CA  1 
ATOM   1051 C C   . GLY A 1 152 ? 16.732  4.267   11.923  1.00 31.98 ? 153 GLY A C   1 
ATOM   1052 O O   . GLY A 1 152 ? 17.918  4.375   12.253  1.00 30.21 ? 153 GLY A O   1 
ATOM   1053 N N   . SER A 1 153 ? 16.180  5.017   10.955  1.00 29.15 ? 154 SER A N   1 
ATOM   1054 C CA  . SER A 1 153 ? 16.912  6.161   10.348  1.00 27.46 ? 154 SER A CA  1 
ATOM   1055 C C   . SER A 1 153 ? 15.973  7.334   10.088  1.00 25.01 ? 154 SER A C   1 
ATOM   1056 O O   . SER A 1 153 ? 14.770  7.182   10.102  1.00 25.72 ? 154 SER A O   1 
ATOM   1057 C CB  . SER A 1 153 ? 17.664  5.799   9.075   1.00 29.45 ? 154 SER A CB  1 
ATOM   1058 O OG  . SER A 1 153 ? 16.852  5.951   7.941   1.00 32.48 ? 154 SER A OG  1 
ATOM   1059 N N   . SER A 1 154 ? 16.540  8.524   9.972   1.00 23.40 ? 155 SER A N   1 
ATOM   1060 C CA  . SER A 1 154 ? 15.716  9.699   9.794   1.00 22.34 ? 155 SER A CA  1 
ATOM   1061 C C   . SER A 1 154 ? 15.576  10.063  8.301   1.00 21.18 ? 155 SER A C   1 
ATOM   1062 O O   . SER A 1 154 ? 14.927  11.066  8.001   1.00 19.92 ? 155 SER A O   1 
ATOM   1063 C CB  . SER A 1 154 ? 16.229  10.873  10.648  1.00 25.45 ? 155 SER A CB  1 
ATOM   1064 O OG  . SER A 1 154 ? 17.539  11.238  10.248  1.00 31.40 ? 155 SER A OG  1 
ATOM   1065 N N   . ARG A 1 155 ? 16.214  9.309   7.413   1.00 20.86 ? 156 ARG A N   1 
ATOM   1066 C CA  . ARG A 1 155 ? 16.031  9.564   5.969   1.00 22.53 ? 156 ARG A CA  1 
ATOM   1067 C C   . ARG A 1 155 ? 16.241  8.338   5.036   1.00 20.99 ? 156 ARG A C   1 
ATOM   1068 O O   . ARG A 1 155 ? 16.836  7.287   5.415   1.00 20.59 ? 156 ARG A O   1 
ATOM   1069 C CB  . ARG A 1 155 ? 16.868  10.772  5.607   1.00 21.06 ? 156 ARG A CB  1 
ATOM   1070 C CG  . ARG A 1 155 ? 18.047  10.567  4.639   1.00 28.31 ? 156 ARG A CG  1 
ATOM   1071 C CD  . ARG A 1 155 ? 18.898  11.835  4.564   1.00 29.04 ? 156 ARG A CD  1 
ATOM   1072 N NE  . ARG A 1 155 ? 19.586  11.961  5.840   1.00 41.11 ? 156 ARG A NE  1 
ATOM   1073 C CZ  . ARG A 1 155 ? 20.718  11.308  6.112   1.00 40.21 ? 156 ARG A CZ  1 
ATOM   1074 N NH1 . ARG A 1 155 ? 21.311  10.564  5.163   1.00 42.81 ? 156 ARG A NH1 1 
ATOM   1075 N NH2 . ARG A 1 155 ? 21.255  11.408  7.305   1.00 41.24 ? 156 ARG A NH2 1 
ATOM   1076 N N   . ALA A 1 156 ? 15.634  8.407   3.851   1.00 18.62 ? 157 ALA A N   1 
ATOM   1077 C CA  . ALA A 1 156 ? 15.826  7.379   2.851   1.00 19.97 ? 157 ALA A CA  1 
ATOM   1078 C C   . ALA A 1 156 ? 15.931  8.103   1.552   1.00 20.01 ? 157 ALA A C   1 
ATOM   1079 O O   . ALA A 1 156 ? 15.452  9.249   1.453   1.00 18.71 ? 157 ALA A O   1 
ATOM   1080 C CB  . ALA A 1 156 ? 14.621  6.422   2.815   1.00 19.82 ? 157 ALA A CB  1 
ATOM   1081 N N   . ILE A 1 157 ? 16.623  7.499   0.587   1.00 21.27 ? 158 ILE A N   1 
ATOM   1082 C CA  . ILE A 1 157 ? 16.662  8.079   -0.791  1.00 22.74 ? 158 ILE A CA  1 
ATOM   1083 C C   . ILE A 1 157 ? 16.251  7.061   -1.827  1.00 22.90 ? 158 ILE A C   1 
ATOM   1084 O O   . ILE A 1 157 ? 16.461  5.857   -1.653  1.00 24.04 ? 158 ILE A O   1 
ATOM   1085 C CB  . ILE A 1 157 ? 18.056  8.609   -1.155  1.00 23.76 ? 158 ILE A CB  1 
ATOM   1086 C CG1 . ILE A 1 157 ? 18.266  9.957   -0.504  1.00 25.02 ? 158 ILE A CG1 1 
ATOM   1087 C CG2 . ILE A 1 157 ? 18.107  8.877   -2.607  1.00 31.40 ? 158 ILE A CG2 1 
ATOM   1088 C CD1 . ILE A 1 157 ? 18.976  9.906   0.715   1.00 32.45 ? 158 ILE A CD1 1 
ATOM   1089 N N   . PHE A 1 158 ? 15.655  7.543   -2.907  1.00 21.41 ? 159 PHE A N   1 
ATOM   1090 C CA  . PHE A 1 158 ? 15.077  6.695   -3.964  1.00 22.60 ? 159 PHE A CA  1 
ATOM   1091 C C   . PHE A 1 158 ? 15.446  7.306   -5.290  1.00 23.87 ? 159 PHE A C   1 
ATOM   1092 O O   . PHE A 1 158 ? 15.463  8.518   -5.417  1.00 24.02 ? 159 PHE A O   1 
ATOM   1093 C CB  . PHE A 1 158 ? 13.571  6.678   -3.922  1.00 21.02 ? 159 PHE A CB  1 
ATOM   1094 C CG  . PHE A 1 158 ? 12.991  6.237   -2.654  1.00 20.67 ? 159 PHE A CG  1 
ATOM   1095 C CD1 . PHE A 1 158 ? 12.925  7.124   -1.593  1.00 19.71 ? 159 PHE A CD1 1 
ATOM   1096 C CD2 . PHE A 1 158 ? 12.573  4.896   -2.473  1.00 25.74 ? 159 PHE A CD2 1 
ATOM   1097 C CE1 . PHE A 1 158 ? 12.368  6.705   -0.372  1.00 21.35 ? 159 PHE A CE1 1 
ATOM   1098 C CE2 . PHE A 1 158 ? 12.025  4.483   -1.242  1.00 22.18 ? 159 PHE A CE2 1 
ATOM   1099 C CZ  . PHE A 1 158 ? 11.973  5.393   -0.219  1.00 21.28 ? 159 PHE A CZ  1 
ATOM   1100 N N   . SER A 1 159 ? 15.798  6.459   -6.249  1.00 26.19 ? 160 SER A N   1 
ATOM   1101 C CA  . SER A 1 159 ? 16.153  6.938   -7.574  1.00 27.18 ? 160 SER A CA  1 
ATOM   1102 C C   . SER A 1 159 ? 14.880  6.832   -8.458  1.00 28.23 ? 160 SER A C   1 
ATOM   1103 O O   . SER A 1 159 ? 14.143  5.802   -8.409  1.00 27.36 ? 160 SER A O   1 
ATOM   1104 C CB  . SER A 1 159 ? 17.365  6.118   -8.141  1.00 29.49 ? 160 SER A CB  1 
ATOM   1105 O OG  . SER A 1 159 ? 17.701  6.653   -9.444  1.00 35.15 ? 160 SER A OG  1 
ATOM   1106 N N   . VAL A 1 160 ? 14.569  7.907   -9.201  1.00 27.02 ? 161 VAL A N   1 
ATOM   1107 C CA  . VAL A 1 160 ? 13.345  7.933   -10.064 1.00 28.55 ? 161 VAL A CA  1 
ATOM   1108 C C   . VAL A 1 160 ? 13.800  8.287   -11.484 1.00 28.36 ? 161 VAL A C   1 
ATOM   1109 O O   . VAL A 1 160 ? 14.734  9.065   -11.654 1.00 27.60 ? 161 VAL A O   1 
ATOM   1110 C CB  . VAL A 1 160 ? 12.185  8.925   -9.581  1.00 29.03 ? 161 VAL A CB  1 
ATOM   1111 C CG1 . VAL A 1 160 ? 12.659  10.245  -9.435  1.00 34.32 ? 161 VAL A CG1 1 
ATOM   1112 C CG2 . VAL A 1 160 ? 11.037  9.002   -10.583 1.00 28.74 ? 161 VAL A CG2 1 
ATOM   1113 N N   . GLY A 1 161 ? 13.180  7.623   -12.457 1.00 29.48 ? 162 GLY A N   1 
ATOM   1114 C CA  . GLY A 1 161 ? 13.388  7.926   -13.846 1.00 30.25 ? 162 GLY A CA  1 
ATOM   1115 C C   . GLY A 1 161 ? 13.837  6.691   -14.554 1.00 31.71 ? 162 GLY A C   1 
ATOM   1116 O O   . GLY A 1 161 ? 13.847  5.632   -13.944 1.00 32.74 ? 162 GLY A O   1 
ATOM   1117 N N   . PRO A 1 162 ? 14.193  6.809   -15.852 1.00 30.49 ? 163 PRO A N   1 
ATOM   1118 C CA  . PRO A 1 162 ? 14.224  8.037   -16.652 1.00 30.60 ? 163 PRO A CA  1 
ATOM   1119 C C   . PRO A 1 162 ? 12.868  8.727   -16.753 1.00 29.86 ? 163 PRO A C   1 
ATOM   1120 O O   . PRO A 1 162 ? 11.843  8.073   -16.937 1.00 28.62 ? 163 PRO A O   1 
ATOM   1121 C CB  . PRO A 1 162 ? 14.680  7.536   -18.048 1.00 30.43 ? 163 PRO A CB  1 
ATOM   1122 C CG  . PRO A 1 162 ? 14.427  6.074   -18.039 1.00 32.18 ? 163 PRO A CG  1 
ATOM   1123 C CD  . PRO A 1 162 ? 14.567  5.615   -16.651 1.00 32.08 ? 163 PRO A CD  1 
ATOM   1124 N N   . VAL A 1 163 ? 12.851  10.050  -16.630 1.00 29.33 ? 164 VAL A N   1 
ATOM   1125 C CA  . VAL A 1 163 ? 11.605  10.742  -16.640 1.00 30.92 ? 164 VAL A CA  1 
ATOM   1126 C C   . VAL A 1 163 ? 11.283  11.139  -18.073 1.00 32.22 ? 164 VAL A C   1 
ATOM   1127 O O   . VAL A 1 163 ? 12.159  11.510  -18.818 1.00 33.18 ? 164 VAL A O   1 
ATOM   1128 C CB  . VAL A 1 163 ? 11.655  11.997  -15.717 1.00 30.29 ? 164 VAL A CB  1 
ATOM   1129 C CG1 . VAL A 1 163 ? 12.159  11.519  -14.303 1.00 28.07 ? 164 VAL A CG1 1 
ATOM   1130 C CG2 . VAL A 1 163 ? 12.597  13.035  -16.317 1.00 31.47 ? 164 VAL A CG2 1 
ATOM   1131 N N   . SER A 1 164 ? 10.013  11.043  -18.434 1.00 36.50 ? 165 SER A N   1 
ATOM   1132 C CA  . SER A 1 164 ? 9.577   11.440  -19.780 1.00 39.51 ? 165 SER A CA  1 
ATOM   1133 C C   . SER A 1 164 ? 8.736   12.675  -19.689 1.00 40.25 ? 165 SER A C   1 
ATOM   1134 O O   . SER A 1 164 ? 8.090   12.914  -18.657 1.00 41.18 ? 165 SER A O   1 
ATOM   1135 C CB  . SER A 1 164 ? 8.789   10.318  -20.440 1.00 39.40 ? 165 SER A CB  1 
ATOM   1136 O OG  . SER A 1 164 ? 7.866   9.795   -19.509 1.00 43.04 ? 165 SER A OG  1 
ATOM   1137 N N   . PRO A 1 165 ? 8.700   13.473  -20.782 1.00 41.19 ? 166 PRO A N   1 
ATOM   1138 C CA  . PRO A 1 165 ? 7.892   14.689  -20.774 1.00 41.94 ? 166 PRO A CA  1 
ATOM   1139 C C   . PRO A 1 165 ? 6.391   14.427  -20.961 1.00 42.54 ? 166 PRO A C   1 
ATOM   1140 O O   . PRO A 1 165 ? 5.573   15.293  -20.650 1.00 42.87 ? 166 PRO A O   1 
ATOM   1141 C CB  . PRO A 1 165 ? 8.415   15.467  -21.983 1.00 42.16 ? 166 PRO A CB  1 
ATOM   1142 C CG  . PRO A 1 165 ? 9.520   14.725  -22.511 1.00 40.87 ? 166 PRO A CG  1 
ATOM   1143 C CD  . PRO A 1 165 ? 9.385   13.310  -22.066 1.00 41.26 ? 166 PRO A CD  1 
ATOM   1144 N N   . ASN A 1 166 ? 6.060   13.240  -21.460 1.00 43.23 ? 167 ASN A N   1 
ATOM   1145 C CA  . ASN A 1 166 ? 4.694   12.854  -21.788 1.00 43.48 ? 167 ASN A CA  1 
ATOM   1146 C C   . ASN A 1 166 ? 3.885   12.260  -20.632 1.00 43.08 ? 167 ASN A C   1 
ATOM   1147 O O   . ASN A 1 166 ? 2.703   11.919  -20.816 1.00 42.81 ? 167 ASN A O   1 
ATOM   1148 C CB  . ASN A 1 166 ? 4.749   11.839  -22.933 1.00 44.39 ? 167 ASN A CB  1 
ATOM   1149 N N   . ARG A 1 167 ? 4.517   12.095  -19.460 1.00 42.12 ? 168 ARG A N   1 
ATOM   1150 C CA  . ARG A 1 167 ? 3.867   11.550  -18.245 1.00 40.63 ? 168 ARG A CA  1 
ATOM   1151 C C   . ARG A 1 167 ? 4.018   12.488  -17.019 1.00 39.28 ? 168 ARG A C   1 
ATOM   1152 O O   . ARG A 1 167 ? 4.925   13.300  -16.966 1.00 38.43 ? 168 ARG A O   1 
ATOM   1153 C CB  . ARG A 1 167 ? 4.409   10.146  -17.927 1.00 40.44 ? 168 ARG A CB  1 
ATOM   1154 N N   . ARG A 1 168 ? 3.092   12.397  -16.060 1.00 37.94 ? 169 ARG A N   1 
ATOM   1155 C CA  . ARG A 1 168 ? 3.207   13.152  -14.804 1.00 38.27 ? 169 ARG A CA  1 
ATOM   1156 C C   . ARG A 1 168 ? 3.913   12.317  -13.740 1.00 35.10 ? 169 ARG A C   1 
ATOM   1157 O O   . ARG A 1 168 ? 3.764   11.123  -13.710 1.00 35.33 ? 169 ARG A O   1 
ATOM   1158 C CB  . ARG A 1 168 ? 1.855   13.708  -14.311 1.00 38.60 ? 169 ARG A CB  1 
ATOM   1159 C CG  . ARG A 1 168 ? 1.871   15.257  -14.363 1.00 43.62 ? 169 ARG A CG  1 
ATOM   1160 C CD  . ARG A 1 168 ? 0.522   15.935  -14.294 1.00 41.78 ? 169 ARG A CD  1 
ATOM   1161 N NE  . ARG A 1 168 ? 0.246   16.354  -12.927 1.00 47.15 ? 169 ARG A NE  1 
ATOM   1162 C CZ  . ARG A 1 168 ? -0.496  17.402  -12.583 1.00 45.02 ? 169 ARG A CZ  1 
ATOM   1163 N NH1 . ARG A 1 168 ? -1.055  18.181  -13.515 1.00 47.61 ? 169 ARG A NH1 1 
ATOM   1164 N NH2 . ARG A 1 168 ? -0.649  17.687  -11.296 1.00 38.57 ? 169 ARG A NH2 1 
ATOM   1165 N N   . TRP A 1 169 ? 4.725   12.981  -12.922 1.00 31.45 ? 170 TRP A N   1 
ATOM   1166 C CA  . TRP A 1 169 ? 5.664   12.345  -12.011 1.00 29.08 ? 170 TRP A CA  1 
ATOM   1167 C C   . TRP A 1 169 ? 5.399   12.921  -10.629 1.00 28.05 ? 170 TRP A C   1 
ATOM   1168 O O   . TRP A 1 169 ? 6.034   13.896  -10.251 1.00 28.63 ? 170 TRP A O   1 
ATOM   1169 C CB  . TRP A 1 169 ? 7.113   12.637  -12.469 1.00 31.78 ? 170 TRP A CB  1 
ATOM   1170 C CG  . TRP A 1 169 ? 7.435   11.873  -13.735 1.00 30.26 ? 170 TRP A CG  1 
ATOM   1171 C CD1 . TRP A 1 169 ? 7.175   12.267  -15.042 1.00 34.03 ? 170 TRP A CD1 1 
ATOM   1172 C CD2 . TRP A 1 169 ? 7.947   10.548  -13.817 1.00 30.47 ? 170 TRP A CD2 1 
ATOM   1173 N NE1 . TRP A 1 169 ? 7.544   11.265  -15.907 1.00 31.26 ? 170 TRP A NE1 1 
ATOM   1174 C CE2 . TRP A 1 169 ? 8.022   10.204  -15.196 1.00 32.62 ? 170 TRP A CE2 1 
ATOM   1175 C CE3 . TRP A 1 169 ? 8.403   9.638   -12.870 1.00 27.40 ? 170 TRP A CE3 1 
ATOM   1176 C CZ2 . TRP A 1 169 ? 8.498   8.970   -15.641 1.00 31.76 ? 170 TRP A CZ2 1 
ATOM   1177 C CZ3 . TRP A 1 169 ? 8.886   8.414   -13.303 1.00 32.07 ? 170 TRP A CZ3 1 
ATOM   1178 C CH2 . TRP A 1 169 ? 8.957   8.102   -14.695 1.00 34.12 ? 170 TRP A CH2 1 
ATOM   1179 N N   . SER A 1 170 ? 4.394   12.383  -9.932  1.00 23.87 ? 171 SER A N   1 
ATOM   1180 C CA  . SER A 1 170 ? 3.886   12.935  -8.696  1.00 23.57 ? 171 SER A CA  1 
ATOM   1181 C C   . SER A 1 170 ? 4.173   11.851  -7.684  1.00 23.80 ? 171 SER A C   1 
ATOM   1182 O O   . SER A 1 170 ? 3.893   10.675  -7.958  1.00 22.71 ? 171 SER A O   1 
ATOM   1183 C CB  . SER A 1 170 ? 2.370   13.106  -8.723  1.00 25.65 ? 171 SER A CB  1 
ATOM   1184 O OG  . SER A 1 170 ? 2.002   14.020  -9.745  1.00 31.09 ? 171 SER A OG  1 
ATOM   1185 N N   . HIS A 1 171 ? 4.757   12.263  -6.565  1.00 23.19 ? 172 HIS A N   1 
ATOM   1186 C CA  . HIS A 1 171 ? 5.170   11.284  -5.556  1.00 20.79 ? 172 HIS A CA  1 
ATOM   1187 C C   . HIS A 1 171 ? 4.797   11.781  -4.176  1.00 20.70 ? 172 HIS A C   1 
ATOM   1188 O O   . HIS A 1 171 ? 4.803   12.996  -3.888  1.00 19.02 ? 172 HIS A O   1 
ATOM   1189 C CB  . HIS A 1 171 ? 6.711   11.057  -5.607  1.00 21.67 ? 172 HIS A CB  1 
ATOM   1190 C CG  . HIS A 1 171 ? 7.196   10.293  -6.825  1.00 24.23 ? 172 HIS A CG  1 
ATOM   1191 N ND1 . HIS A 1 171 ? 7.616   10.917  -7.970  1.00 26.83 ? 172 HIS A ND1 1 
ATOM   1192 C CD2 . HIS A 1 171 ? 7.284   8.964   -7.073  1.00 27.03 ? 172 HIS A CD2 1 
ATOM   1193 C CE1 . HIS A 1 171 ? 7.989   10.015  -8.857  1.00 28.09 ? 172 HIS A CE1 1 
ATOM   1194 N NE2 . HIS A 1 171 ? 7.807   8.822   -8.341  1.00 28.47 ? 172 HIS A NE2 1 
ATOM   1195 N N   . ARG A 1 172 ? 4.544   10.823  -3.290  1.00 18.72 ? 173 ARG A N   1 
ATOM   1196 C CA  . ARG A 1 172 ? 4.505   11.150  -1.886  1.00 19.03 ? 173 ARG A CA  1 
ATOM   1197 C C   . ARG A 1 172 ? 5.325   10.085  -1.158  1.00 18.22 ? 173 ARG A C   1 
ATOM   1198 O O   . ARG A 1 172 ? 5.530   9.001   -1.703  1.00 16.89 ? 173 ARG A O   1 
ATOM   1199 C CB  . ARG A 1 172 ? 3.060   11.156  -1.310  1.00 19.80 ? 173 ARG A CB  1 
ATOM   1200 C CG  . ARG A 1 172 ? 2.106   12.211  -1.921  1.00 20.20 ? 173 ARG A CG  1 
ATOM   1201 C CD  . ARG A 1 172 ? 0.636   11.958  -1.331  1.00 23.56 ? 173 ARG A CD  1 
ATOM   1202 N NE  . ARG A 1 172 ? -0.075  13.179  -0.912  1.00 38.80 ? 173 ARG A NE  1 
ATOM   1203 C CZ  . ARG A 1 172 ? -1.295  13.134  -0.333  1.00 43.00 ? 173 ARG A CZ  1 
ATOM   1204 N NH1 . ARG A 1 172 ? -1.911  11.949  -0.149  1.00 40.05 ? 173 ARG A NH1 1 
ATOM   1205 N NH2 . ARG A 1 172 ? -1.917  14.260  0.059   1.00 47.77 ? 173 ARG A NH2 1 
ATOM   1206 N N   . CYS A 1 173 ? 5.777   10.404  0.066   1.00 18.21 ? 174 CYS A N   1 
ATOM   1207 C CA  A CYS A 1 173 ? 6.510   9.420   0.879   0.50 16.13 ? 174 CYS A CA  1 
ATOM   1208 C CA  B CYS A 1 173 ? 6.477   9.396   0.842   0.50 17.71 ? 174 CYS A CA  1 
ATOM   1209 C C   . CYS A 1 173 ? 5.929   9.262   2.280   1.00 16.56 ? 174 CYS A C   1 
ATOM   1210 O O   . CYS A 1 173 ? 5.248   10.126  2.769   1.00 16.16 ? 174 CYS A O   1 
ATOM   1211 C CB  A CYS A 1 173 ? 8.045   9.700   0.891   0.50 16.89 ? 174 CYS A CB  1 
ATOM   1212 C CB  B CYS A 1 173 ? 8.002   9.665   0.708   0.50 18.98 ? 174 CYS A CB  1 
ATOM   1213 S SG  A CYS A 1 173 ? 8.612   11.067  1.901   0.60 14.59 ? 174 CYS A SG  1 
ATOM   1214 S SG  B CYS A 1 173 ? 9.122   8.918   1.858   0.40 24.99 ? 174 CYS A SG  1 
ATOM   1215 N N   . TYR A 1 174 ? 6.239   8.131   2.911   1.00 17.39 ? 175 TYR A N   1 
ATOM   1216 C CA  . TYR A 1 174 ? 5.756   7.766   4.227   1.00 16.95 ? 175 TYR A CA  1 
ATOM   1217 C C   . TYR A 1 174 ? 6.890   7.121   5.041   1.00 15.84 ? 175 TYR A C   1 
ATOM   1218 O O   . TYR A 1 174 ? 7.824   6.475   4.472   1.00 15.63 ? 175 TYR A O   1 
ATOM   1219 C CB  . TYR A 1 174 ? 4.654   6.680   4.106   1.00 16.01 ? 175 TYR A CB  1 
ATOM   1220 C CG  . TYR A 1 174 ? 3.488   7.042   3.219   1.00 16.59 ? 175 TYR A CG  1 
ATOM   1221 C CD1 . TYR A 1 174 ? 3.584   6.893   1.834   1.00 20.15 ? 175 TYR A CD1 1 
ATOM   1222 C CD2 . TYR A 1 174 ? 2.336   7.578   3.764   1.00 16.00 ? 175 TYR A CD2 1 
ATOM   1223 C CE1 . TYR A 1 174 ? 2.502   7.232   0.982   1.00 20.56 ? 175 TYR A CE1 1 
ATOM   1224 C CE2 . TYR A 1 174 ? 1.227   7.911   2.956   1.00 18.70 ? 175 TYR A CE2 1 
ATOM   1225 C CZ  . TYR A 1 174 ? 1.321   7.722   1.597   1.00 22.52 ? 175 TYR A CZ  1 
ATOM   1226 O OH  . TYR A 1 174 ? 0.280   8.012   0.786   1.00 22.75 ? 175 TYR A OH  1 
ATOM   1227 N N   . GLY A 1 175 ? 6.730   7.186   6.365   1.00 14.72 ? 176 GLY A N   1 
ATOM   1228 C CA  . GLY A 1 175 ? 7.606   6.365   7.263   1.00 17.41 ? 176 GLY A CA  1 
ATOM   1229 C C   . GLY A 1 175 ? 6.756   5.211   7.805   1.00 17.62 ? 176 GLY A C   1 
ATOM   1230 O O   . GLY A 1 175 ? 5.533   5.331   7.814   1.00 15.71 ? 176 GLY A O   1 
ATOM   1231 N N   . TYR A 1 176 ? 7.413   4.103   8.181   1.00 17.94 ? 177 TYR A N   1 
ATOM   1232 C CA  . TYR A 1 176 ? 6.717   3.067   8.957   1.00 19.44 ? 177 TYR A CA  1 
ATOM   1233 C C   . TYR A 1 176 ? 7.704   2.367   9.919   1.00 19.42 ? 177 TYR A C   1 
ATOM   1234 O O   . TYR A 1 176 ? 8.924   2.525   9.824   1.00 17.88 ? 177 TYR A O   1 
ATOM   1235 C CB  . TYR A 1 176 ? 6.092   2.065   7.951   1.00 18.55 ? 177 TYR A CB  1 
ATOM   1236 C CG  . TYR A 1 176 ? 7.116   1.235   7.164   1.00 20.23 ? 177 TYR A CG  1 
ATOM   1237 C CD1 . TYR A 1 176 ? 7.579   -0.019  7.670   1.00 23.94 ? 177 TYR A CD1 1 
ATOM   1238 C CD2 . TYR A 1 176 ? 7.626   1.665   5.934   1.00 20.46 ? 177 TYR A CD2 1 
ATOM   1239 C CE1 . TYR A 1 176 ? 8.513   -0.750  6.997   1.00 25.36 ? 177 TYR A CE1 1 
ATOM   1240 C CE2 . TYR A 1 176 ? 8.566   0.889   5.224   1.00 24.37 ? 177 TYR A CE2 1 
ATOM   1241 C CZ  . TYR A 1 176 ? 8.987   -0.318  5.762   1.00 24.66 ? 177 TYR A CZ  1 
ATOM   1242 O OH  . TYR A 1 176 ? 9.907   -1.106  5.100   1.00 27.02 ? 177 TYR A OH  1 
ATOM   1243 N N   . ASP A 1 177 ? 7.121   1.632   10.878  1.00 19.80 ? 178 ASP A N   1 
ATOM   1244 C CA  . ASP A 1 177 ? 7.851   0.820   11.876  1.00 22.77 ? 178 ASP A CA  1 
ATOM   1245 C C   . ASP A 1 177 ? 7.958   -0.626  11.351  1.00 22.66 ? 178 ASP A C   1 
ATOM   1246 O O   . ASP A 1 177 ? 6.999   -1.139  10.806  1.00 22.83 ? 178 ASP A O   1 
ATOM   1247 C CB  . ASP A 1 177 ? 7.009   0.857   13.154  1.00 22.88 ? 178 ASP A CB  1 
ATOM   1248 C CG  . ASP A 1 177 ? 7.731   0.189   14.368  1.00 29.98 ? 178 ASP A CG  1 
ATOM   1249 O OD1 . ASP A 1 177 ? 8.045   -1.030  14.343  1.00 32.64 ? 178 ASP A OD1 1 
ATOM   1250 O OD2 . ASP A 1 177 ? 7.920   0.918   15.335  1.00 36.28 ? 178 ASP A OD2 1 
ATOM   1251 N N   . LEU A 1 178 ? 9.118   -1.265  11.489  1.00 24.15 ? 179 LEU A N   1 
ATOM   1252 C CA  . LEU A 1 178 ? 9.351   -2.576  10.865  1.00 27.34 ? 179 LEU A CA  1 
ATOM   1253 C C   . LEU A 1 178 ? 8.410   -3.651  11.405  1.00 27.96 ? 179 LEU A C   1 
ATOM   1254 O O   . LEU A 1 178 ? 8.046   -4.553  10.690  1.00 28.54 ? 179 LEU A O   1 
ATOM   1255 C CB  . LEU A 1 178 ? 10.781  -3.039  11.121  1.00 27.07 ? 179 LEU A CB  1 
ATOM   1256 C CG  . LEU A 1 178 ? 11.817  -2.826  10.028  1.00 30.54 ? 179 LEU A CG  1 
ATOM   1257 C CD1 . LEU A 1 178 ? 11.541  -1.602  9.155   1.00 32.76 ? 179 LEU A CD1 1 
ATOM   1258 C CD2 . LEU A 1 178 ? 13.204  -2.914  10.521  1.00 29.68 ? 179 LEU A CD2 1 
ATOM   1259 N N   . ASN A 1 179 ? 8.000   -3.503  12.639  1.00 29.48 ? 180 ASN A N   1 
ATOM   1260 C CA  . ASN A 1 179 ? 7.098   -4.433  13.316  1.00 29.95 ? 180 ASN A CA  1 
ATOM   1261 C C   . ASN A 1 179 ? 5.620   -4.264  12.942  1.00 29.84 ? 180 ASN A C   1 
ATOM   1262 O O   . ASN A 1 179 ? 4.755   -5.038  13.384  1.00 29.92 ? 180 ASN A O   1 
ATOM   1263 C CB  . ASN A 1 179 ? 7.318   -4.300  14.830  1.00 31.12 ? 180 ASN A CB  1 
ATOM   1264 C CG  . ASN A 1 179 ? 8.663   -4.932  15.293  1.00 35.91 ? 180 ASN A CG  1 
ATOM   1265 O OD1 . ASN A 1 179 ? 9.289   -5.748  14.586  1.00 40.50 ? 180 ASN A OD1 1 
ATOM   1266 N ND2 . ASN A 1 179 ? 9.098   -4.558  16.472  1.00 41.47 ? 180 ASN A ND2 1 
ATOM   1267 N N   . SER A 1 180 ? 5.306   -3.232  12.157  1.00 27.00 ? 181 SER A N   1 
ATOM   1268 C CA  . SER A 1 180 ? 3.966   -3.025  11.642  1.00 26.34 ? 181 SER A CA  1 
ATOM   1269 C C   . SER A 1 180 ? 4.012   -2.384  10.236  1.00 25.06 ? 181 SER A C   1 
ATOM   1270 O O   . SER A 1 180 ? 3.632   -1.221  10.039  1.00 23.43 ? 181 SER A O   1 
ATOM   1271 C CB  . SER A 1 180 ? 3.125   -2.217  12.559  1.00 26.40 ? 181 SER A CB  1 
ATOM   1272 O OG  . SER A 1 180 ? 3.879   -1.059  12.926  1.00 30.55 ? 181 SER A OG  1 
ATOM   1273 N N   . PRO A 1 181 ? 4.505   -3.142  9.280   1.00 24.17 ? 182 PRO A N   1 
ATOM   1274 C CA  . PRO A 1 181 ? 4.848   -2.497  7.995   1.00 22.46 ? 182 PRO A CA  1 
ATOM   1275 C C   . PRO A 1 181 ? 3.656   -2.040  7.132   1.00 20.23 ? 182 PRO A C   1 
ATOM   1276 O O   . PRO A 1 181 ? 3.884   -1.383  6.128   1.00 20.79 ? 182 PRO A O   1 
ATOM   1277 C CB  . PRO A 1 181 ? 5.643   -3.565  7.291   1.00 23.03 ? 182 PRO A CB  1 
ATOM   1278 C CG  . PRO A 1 181 ? 5.088   -4.878  7.868   1.00 24.97 ? 182 PRO A CG  1 
ATOM   1279 C CD  . PRO A 1 181 ? 4.831   -4.593  9.286   1.00 24.65 ? 182 PRO A CD  1 
ATOM   1280 N N   . TYR A 1 182 ? 2.432   -2.410  7.492   1.00 21.26 ? 183 TYR A N   1 
ATOM   1281 C CA  . TYR A 1 182 ? 1.211   -2.059  6.745   1.00 23.54 ? 183 TYR A CA  1 
ATOM   1282 C C   . TYR A 1 182 ? 0.523   -0.886  7.364   1.00 21.63 ? 183 TYR A C   1 
ATOM   1283 O O   . TYR A 1 182 ? -0.577  -0.475  6.931   1.00 21.76 ? 183 TYR A O   1 
ATOM   1284 C CB  . TYR A 1 182 ? 0.217   -3.263  6.683   1.00 26.27 ? 183 TYR A CB  1 
ATOM   1285 C CG  . TYR A 1 182 ? 0.928   -4.544  6.304   1.00 30.72 ? 183 TYR A CG  1 
ATOM   1286 C CD1 . TYR A 1 182 ? 1.122   -5.564  7.240   1.00 31.92 ? 183 TYR A CD1 1 
ATOM   1287 C CD2 . TYR A 1 182 ? 1.463   -4.703  5.039   1.00 33.47 ? 183 TYR A CD2 1 
ATOM   1288 C CE1 . TYR A 1 182 ? 1.826   -6.729  6.909   1.00 34.47 ? 183 TYR A CE1 1 
ATOM   1289 C CE2 . TYR A 1 182 ? 2.184   -5.862  4.695   1.00 34.74 ? 183 TYR A CE2 1 
ATOM   1290 C CZ  . TYR A 1 182 ? 2.328   -6.874  5.634   1.00 35.98 ? 183 TYR A CZ  1 
ATOM   1291 O OH  . TYR A 1 182 ? 3.008   -8.022  5.277   1.00 38.94 ? 183 TYR A OH  1 
ATOM   1292 N N   . VAL A 1 183 ? 1.174   -0.306  8.378   1.00 19.91 ? 184 VAL A N   1 
ATOM   1293 C CA  . VAL A 1 183 ? 0.719   0.935   8.971   1.00 17.15 ? 184 VAL A CA  1 
ATOM   1294 C C   . VAL A 1 183 ? 1.793   2.074   8.708   1.00 16.21 ? 184 VAL A C   1 
ATOM   1295 O O   . VAL A 1 183 ? 2.976   1.959   9.072   1.00 16.39 ? 184 VAL A O   1 
ATOM   1296 C CB  . VAL A 1 183 ? 0.564   0.803   10.520  1.00 18.83 ? 184 VAL A CB  1 
ATOM   1297 C CG1 . VAL A 1 183 ? 0.214   2.219   11.124  1.00 18.86 ? 184 VAL A CG1 1 
ATOM   1298 C CG2 . VAL A 1 183 ? -0.570  -0.266  10.841  1.00 19.96 ? 184 VAL A CG2 1 
ATOM   1299 N N   . TRP A 1 184 ? 1.355   3.112   7.993   1.00 17.00 ? 185 TRP A N   1 
ATOM   1300 C CA  . TRP A 1 184 ? 2.315   4.104   7.493   1.00 16.59 ? 185 TRP A CA  1 
ATOM   1301 C C   . TRP A 1 184 ? 1.972   5.461   8.114   1.00 16.00 ? 185 TRP A C   1 
ATOM   1302 O O   . TRP A 1 184 ? 0.873   5.696   8.588   1.00 18.24 ? 185 TRP A O   1 
ATOM   1303 C CB  . TRP A 1 184 ? 2.167   4.265   5.972   1.00 16.43 ? 185 TRP A CB  1 
ATOM   1304 C CG  . TRP A 1 184 ? 2.546   3.035   5.169   1.00 17.24 ? 185 TRP A CG  1 
ATOM   1305 C CD1 . TRP A 1 184 ? 3.083   1.864   5.641   1.00 18.17 ? 185 TRP A CD1 1 
ATOM   1306 C CD2 . TRP A 1 184 ? 2.395   2.906   3.763   1.00 18.52 ? 185 TRP A CD2 1 
ATOM   1307 N NE1 . TRP A 1 184 ? 3.198   0.981   4.604   1.00 18.22 ? 185 TRP A NE1 1 
ATOM   1308 C CE2 . TRP A 1 184 ? 2.793   1.589   3.430   1.00 17.22 ? 185 TRP A CE2 1 
ATOM   1309 C CE3 . TRP A 1 184 ? 1.920   3.784   2.732   1.00 17.09 ? 185 TRP A CE3 1 
ATOM   1310 C CZ2 . TRP A 1 184 ? 2.825   1.138   2.139   1.00 15.96 ? 185 TRP A CZ2 1 
ATOM   1311 C CZ3 . TRP A 1 184 ? 1.921   3.306   1.393   1.00 18.63 ? 185 TRP A CZ3 1 
ATOM   1312 C CH2 . TRP A 1 184 ? 2.357   1.960   1.127   1.00 15.86 ? 185 TRP A CH2 1 
ATOM   1313 N N   . SER A 1 185 ? 2.958   6.338   8.069   1.00 16.26 ? 186 SER A N   1 
ATOM   1314 C CA  . SER A 1 185 ? 2.719   7.731   8.472   1.00 16.41 ? 186 SER A CA  1 
ATOM   1315 C C   . SER A 1 185 ? 1.614   8.452   7.690   1.00 15.72 ? 186 SER A C   1 
ATOM   1316 O O   . SER A 1 185 ? 1.138   7.976   6.682   1.00 18.08 ? 186 SER A O   1 
ATOM   1317 C CB  . SER A 1 185 ? 4.058   8.467   8.370   1.00 16.02 ? 186 SER A CB  1 
ATOM   1318 O OG  . SER A 1 185 ? 4.319   8.737   6.989   1.00 15.88 ? 186 SER A OG  1 
ATOM   1319 N N   . SER A 1 186 ? 1.245   9.666   8.126   1.00 15.89 ? 187 SER A N   1 
ATOM   1320 C CA  . SER A 1 186 ? 0.561   10.569  7.200   1.00 16.49 ? 187 SER A CA  1 
ATOM   1321 C C   . SER A 1 186 ? 1.489   10.790  5.957   1.00 17.16 ? 187 SER A C   1 
ATOM   1322 O O   . SER A 1 186 ? 2.672   10.765  6.105   1.00 16.75 ? 187 SER A O   1 
ATOM   1323 C CB  . SER A 1 186 ? 0.371   11.924  7.917   1.00 16.47 ? 187 SER A CB  1 
ATOM   1324 O OG  . SER A 1 186 ? -0.672  11.753  8.896   1.00 17.17 ? 187 SER A OG  1 
ATOM   1325 N N   . PRO A 1 187 ? 0.917   10.990  4.764   1.00 17.20 ? 188 PRO A N   1 
ATOM   1326 C CA  . PRO A 1 187 ? 1.763   11.199  3.593   1.00 17.34 ? 188 PRO A CA  1 
ATOM   1327 C C   . PRO A 1 187 ? 2.529   12.523  3.648   1.00 16.50 ? 188 PRO A C   1 
ATOM   1328 O O   . PRO A 1 187 ? 1.953   13.570  4.154   1.00 17.73 ? 188 PRO A O   1 
ATOM   1329 C CB  . PRO A 1 187 ? 0.766   11.309  2.456   1.00 18.11 ? 188 PRO A CB  1 
ATOM   1330 C CG  . PRO A 1 187 ? -0.536  11.644  3.084   1.00 18.99 ? 188 PRO A CG  1 
ATOM   1331 C CD  . PRO A 1 187 ? -0.529  11.040  4.442   1.00 18.88 ? 188 PRO A CD  1 
ATOM   1332 N N   . SER A 1 188 ? 3.761   12.513  3.116   1.00 16.16 ? 189 SER A N   1 
ATOM   1333 C CA  . SER A 1 188 ? 4.418   13.827  2.847   1.00 18.53 ? 189 SER A CA  1 
ATOM   1334 C C   . SER A 1 188 ? 3.521   14.658  1.901   1.00 19.25 ? 189 SER A C   1 
ATOM   1335 O O   . SER A 1 188 ? 2.692   14.127  1.121   1.00 18.05 ? 189 SER A O   1 
ATOM   1336 C CB  . SER A 1 188 ? 5.789   13.671  2.203   1.00 16.98 ? 189 SER A CB  1 
ATOM   1337 O OG  . SER A 1 188 ? 5.605   13.199  0.848   1.00 17.88 ? 189 SER A OG  1 
ATOM   1338 N N   . ASP A 1 189 ? 3.772   15.989  1.892   1.00 19.16 ? 190 ASP A N   1 
ATOM   1339 C CA  . ASP A 1 189 ? 3.234   16.780  0.808   1.00 22.33 ? 190 ASP A CA  1 
ATOM   1340 C C   . ASP A 1 189 ? 3.646   16.208  -0.532  1.00 22.03 ? 190 ASP A C   1 
ATOM   1341 O O   . ASP A 1 189 ? 4.725   15.623  -0.722  1.00 21.26 ? 190 ASP A O   1 
ATOM   1342 C CB  . ASP A 1 189 ? 3.667   18.247  0.932   1.00 21.69 ? 190 ASP A CB  1 
ATOM   1343 C CG  . ASP A 1 189 ? 3.305   18.852  2.256   1.00 25.65 ? 190 ASP A CG  1 
ATOM   1344 O OD1 . ASP A 1 189 ? 2.424   18.303  2.953   1.00 26.31 ? 190 ASP A OD1 1 
ATOM   1345 O OD2 . ASP A 1 189 ? 3.871   19.888  2.600   1.00 22.47 ? 190 ASP A OD2 1 
ATOM   1346 N N   . LEU A 1 190 ? 2.794   16.444  -1.524  1.00 20.73 ? 191 LEU A N   1 
ATOM   1347 C CA  . LEU A 1 190 ? 3.092   15.941  -2.864  1.00 19.83 ? 191 LEU A CA  1 
ATOM   1348 C C   . LEU A 1 190 ? 4.308   16.619  -3.471  1.00 19.79 ? 191 LEU A C   1 
ATOM   1349 O O   . LEU A 1 190 ? 4.516   17.823  -3.314  1.00 22.13 ? 191 LEU A O   1 
ATOM   1350 C CB  . LEU A 1 190 ? 1.862   16.216  -3.788  1.00 20.22 ? 191 LEU A CB  1 
ATOM   1351 C CG  . LEU A 1 190 ? 1.838   15.584  -5.165  1.00 22.79 ? 191 LEU A CG  1 
ATOM   1352 C CD1 . LEU A 1 190 ? 1.703   14.037  -5.029  1.00 26.29 ? 191 LEU A CD1 1 
ATOM   1353 C CD2 . LEU A 1 190 ? 0.713   16.121  -5.955  1.00 28.37 ? 191 LEU A CD2 1 
ATOM   1354 N N   . LEU A 1 191 ? 5.107   15.861  -4.185  1.00 19.40 ? 192 LEU A N   1 
ATOM   1355 C CA  . LEU A 1 191 ? 6.179   16.460  -4.944  1.00 19.13 ? 192 LEU A CA  1 
ATOM   1356 C C   . LEU A 1 191 ? 6.001   16.061  -6.361  1.00 21.20 ? 192 LEU A C   1 
ATOM   1357 O O   . LEU A 1 191 ? 5.928   14.840  -6.685  1.00 19.20 ? 192 LEU A O   1 
ATOM   1358 C CB  . LEU A 1 191 ? 7.561   16.026  -4.418  1.00 19.09 ? 192 LEU A CB  1 
ATOM   1359 C CG  . LEU A 1 191 ? 8.734   16.688  -5.117  1.00 23.68 ? 192 LEU A CG  1 
ATOM   1360 C CD1 . LEU A 1 191 ? 9.835   16.865  -4.095  1.00 24.97 ? 192 LEU A CD1 1 
ATOM   1361 C CD2 . LEU A 1 191 ? 9.150   15.824  -6.275  1.00 26.95 ? 192 LEU A CD2 1 
ATOM   1362 N N   . GLU A 1 192 ? 5.978   17.078  -7.260  1.00 19.21 ? 193 GLU A N   1 
ATOM   1363 C CA  . GLU A 1 192 ? 5.903   16.789  -8.687  1.00 19.84 ? 193 GLU A CA  1 
ATOM   1364 C C   . GLU A 1 192 ? 7.162   17.199  -9.458  1.00 20.25 ? 193 GLU A C   1 
ATOM   1365 O O   . GLU A 1 192 ? 7.764   18.242  -9.135  1.00 22.38 ? 193 GLU A O   1 
ATOM   1366 C CB  . GLU A 1 192 ? 4.667   17.532  -9.290  1.00 21.33 ? 193 GLU A CB  1 
ATOM   1367 C CG  . GLU A 1 192 ? 3.359   17.302  -8.473  1.00 24.76 ? 193 GLU A CG  1 
ATOM   1368 C CD  . GLU A 1 192 ? 2.170   18.060  -9.090  1.00 22.69 ? 193 GLU A CD  1 
ATOM   1369 O OE1 . GLU A 1 192 ? 1.762   17.626  -10.116 1.00 26.69 ? 193 GLU A OE1 1 
ATOM   1370 O OE2 . GLU A 1 192 ? 1.719   19.067  -8.547  1.00 25.80 ? 193 GLU A OE2 1 
ATOM   1371 N N   . LEU A 1 193 ? 7.555   16.407  -10.460 1.00 20.29 ? 194 LEU A N   1 
ATOM   1372 C CA  . LEU A 1 193 ? 8.754   16.773  -11.199 1.00 21.54 ? 194 LEU A CA  1 
ATOM   1373 C C   . LEU A 1 193 ? 8.333   17.626  -12.399 1.00 22.55 ? 194 LEU A C   1 
ATOM   1374 O O   . LEU A 1 193 ? 7.186   17.468  -12.879 1.00 22.98 ? 194 LEU A O   1 
ATOM   1375 C CB  . LEU A 1 193 ? 9.522   15.562  -11.736 1.00 22.12 ? 194 LEU A CB  1 
ATOM   1376 C CG  . LEU A 1 193 ? 9.991   14.589  -10.620 1.00 21.94 ? 194 LEU A CG  1 
ATOM   1377 C CD1 . LEU A 1 193 ? 10.710  13.419  -11.282 1.00 22.42 ? 194 LEU A CD1 1 
ATOM   1378 C CD2 . LEU A 1 193 ? 10.894  15.279  -9.622  1.00 21.97 ? 194 LEU A CD2 1 
ATOM   1379 N N   . LEU A 1 194 ? 9.212   18.564  -12.765 1.00 22.35 ? 195 LEU A N   1 
ATOM   1380 C CA  . LEU A 1 194 ? 9.056   19.284  -14.070 1.00 20.90 ? 195 LEU A CA  1 
ATOM   1381 C C   . LEU A 1 194 ? 10.051  18.757  -15.005 1.00 21.67 ? 195 LEU A C   1 
ATOM   1382 O O   . LEU A 1 194 ? 11.283  18.837  -14.752 1.00 20.56 ? 195 LEU A O   1 
ATOM   1383 C CB  . LEU A 1 194 ? 9.305   20.761  -13.868 1.00 19.23 ? 195 LEU A CB  1 
ATOM   1384 C CG  . LEU A 1 194 ? 9.391   21.611  -15.169 1.00 18.60 ? 195 LEU A CG  1 
ATOM   1385 C CD1 . LEU A 1 194 ? 8.032   21.589  -15.870 1.00 21.62 ? 195 LEU A CD1 1 
ATOM   1386 C CD2 . LEU A 1 194 ? 9.736   23.019  -14.773 1.00 19.54 ? 195 LEU A CD2 1 
ATOM   1387 N N   . VAL A 1 195 ? 9.552   18.255  -16.137 1.00 24.53 ? 196 VAL A N   1 
ATOM   1388 C CA  . VAL A 1 195 ? 10.401  17.964  -17.252 1.00 27.19 ? 196 VAL A CA  1 
ATOM   1389 C C   . VAL A 1 195 ? 10.160  19.081  -18.306 1.00 27.53 ? 196 VAL A C   1 
ATOM   1390 O O   . VAL A 1 195 ? 9.108   19.070  -18.909 1.00 26.26 ? 196 VAL A O   1 
ATOM   1391 C CB  . VAL A 1 195 ? 10.079  16.589  -17.799 1.00 28.66 ? 196 VAL A CB  1 
ATOM   1392 C CG1 . VAL A 1 195 ? 10.998  16.246  -18.949 1.00 29.20 ? 196 VAL A CG1 1 
ATOM   1393 C CG2 . VAL A 1 195 ? 10.171  15.535  -16.661 1.00 31.62 ? 196 VAL A CG2 1 
ATOM   1394 N N   . PRO A 1 196 ? 11.098  20.046  -18.428 1.00 27.21 ? 197 PRO A N   1 
ATOM   1395 C CA  . PRO A 1 196 ? 10.939  21.275  -19.220 1.00 29.89 ? 197 PRO A CA  1 
ATOM   1396 C C   . PRO A 1 196 ? 10.661  20.925  -20.702 1.00 32.17 ? 197 PRO A C   1 
ATOM   1397 O O   . PRO A 1 196 ? 11.240  19.968  -21.239 1.00 32.21 ? 197 PRO A O   1 
ATOM   1398 C CB  . PRO A 1 196 ? 12.264  22.001  -19.044 1.00 29.13 ? 197 PRO A CB  1 
ATOM   1399 C CG  . PRO A 1 196 ? 12.820  21.497  -17.765 1.00 29.30 ? 197 PRO A CG  1 
ATOM   1400 C CD  . PRO A 1 196 ? 12.401  20.038  -17.709 1.00 26.83 ? 197 PRO A CD  1 
ATOM   1401 N N   . GLY A 1 197 ? 9.722   21.632  -21.332 1.00 34.23 ? 198 GLY A N   1 
ATOM   1402 C CA  . GLY A 1 197 ? 9.503   21.386  -22.780 1.00 36.96 ? 198 GLY A CA  1 
ATOM   1403 C C   . GLY A 1 197 ? 9.377   22.721  -23.466 1.00 38.87 ? 198 GLY A C   1 
ATOM   1404 O O   . GLY A 1 197 ? 9.129   23.708  -22.759 1.00 40.65 ? 198 GLY A O   1 
HETATM 1405 C C1  . IPA B 2 .   ? -3.423  -16.329 2.316   1.00 41.57 ? 501 IPA A C1  1 
HETATM 1406 C C2  . IPA B 2 .   ? -3.402  -14.887 2.763   1.00 41.96 ? 501 IPA A C2  1 
HETATM 1407 C C3  . IPA B 2 .   ? -3.208  -14.713 4.260   1.00 41.29 ? 501 IPA A C3  1 
HETATM 1408 O O2  . IPA B 2 .   ? -2.396  -14.181 2.037   1.00 42.25 ? 501 IPA A O2  1 
HETATM 1409 O O   . HOH C 3 .   ? 13.642  15.548  2.349   1.00 22.59 ? 502 HOH A O   1 
HETATM 1410 O O   . HOH C 3 .   ? 0.287   5.876   15.918  1.00 21.68 ? 503 HOH A O   1 
HETATM 1411 O O   . HOH C 3 .   ? 5.417   16.369  10.266  1.00 19.99 ? 504 HOH A O   1 
HETATM 1412 O O   . HOH C 3 .   ? 4.240   1.201   11.205  1.00 19.97 ? 505 HOH A O   1 
HETATM 1413 O O   . HOH C 3 .   ? 5.642   16.855  3.951   1.00 20.59 ? 506 HOH A O   1 
HETATM 1414 O O   . HOH C 3 .   ? 11.111  -0.054  12.999  1.00 29.76 ? 507 HOH A O   1 
HETATM 1415 O O   . HOH C 3 .   ? -20.340 -28.422 -4.462  1.00 25.86 ? 508 HOH A O   1 
HETATM 1416 O O   . HOH C 3 .   ? 7.424   17.370  1.709   1.00 23.19 ? 509 HOH A O   1 
HETATM 1417 O O   . HOH C 3 .   ? -2.473  8.395   2.287   1.00 33.06 ? 510 HOH A O   1 
HETATM 1418 O O   . HOH C 3 .   ? 10.206  3.029   13.542  1.00 30.26 ? 511 HOH A O   1 
HETATM 1419 O O   . HOH C 3 .   ? 12.558  19.306  -3.956  1.00 31.84 ? 512 HOH A O   1 
HETATM 1420 O O   . HOH C 3 .   ? -14.726 5.137   9.567   1.00 34.41 ? 513 HOH A O   1 
HETATM 1421 O O   . HOH C 3 .   ? -3.264  9.642   6.066   1.00 23.75 ? 514 HOH A O   1 
HETATM 1422 O O   . HOH C 3 .   ? 0.990   -3.695  9.934   1.00 28.87 ? 515 HOH A O   1 
HETATM 1423 O O   . HOH C 3 .   ? -5.722  -14.150 -7.166  1.00 29.66 ? 516 HOH A O   1 
HETATM 1424 O O   . HOH C 3 .   ? 18.123  5.243   1.707   1.00 28.54 ? 517 HOH A O   1 
HETATM 1425 O O   . HOH C 3 .   ? 0.339   7.449   -1.720  1.00 35.09 ? 518 HOH A O   1 
HETATM 1426 O O   . HOH C 3 .   ? 0.389   18.142  -0.772  1.00 35.98 ? 519 HOH A O   1 
HETATM 1427 O O   . HOH C 3 .   ? -0.062  12.733  11.517  1.00 29.28 ? 520 HOH A O   1 
HETATM 1428 O O   . HOH C 3 .   ? -16.549 -16.736 5.489   1.00 26.14 ? 521 HOH A O   1 
HETATM 1429 O O   . HOH C 3 .   ? -4.093  11.735  4.284   1.00 30.90 ? 522 HOH A O   1 
HETATM 1430 O O   . HOH C 3 .   ? 7.816   12.318  10.122  1.00 29.37 ? 523 HOH A O   1 
HETATM 1431 O O   . HOH C 3 .   ? -0.364  14.537  5.465   1.00 26.29 ? 524 HOH A O   1 
HETATM 1432 O O   . HOH C 3 .   ? 1.432   14.866  9.849   1.00 23.60 ? 525 HOH A O   1 
HETATM 1433 O O   . HOH C 3 .   ? -14.292 -4.148  -3.214  1.00 38.24 ? 526 HOH A O   1 
HETATM 1434 O O   . HOH C 3 .   ? -14.152 -15.492 6.242   1.00 26.68 ? 527 HOH A O   1 
HETATM 1435 O O   . HOH C 3 .   ? -4.296  10.615  10.811  1.00 33.37 ? 528 HOH A O   1 
HETATM 1436 O O   . HOH C 3 .   ? 5.657   21.219  1.210   1.00 29.65 ? 529 HOH A O   1 
HETATM 1437 O O   . HOH C 3 .   ? 15.325  3.030   5.011   1.00 33.31 ? 530 HOH A O   1 
HETATM 1438 O O   . HOH C 3 .   ? 15.950  3.699   -5.576  1.00 32.47 ? 531 HOH A O   1 
HETATM 1439 O O   . HOH C 3 .   ? 10.419  19.501  0.078   1.00 27.64 ? 532 HOH A O   1 
HETATM 1440 O O   . HOH C 3 .   ? -13.681 -0.887  12.329  1.00 31.22 ? 533 HOH A O   1 
HETATM 1441 O O   . HOH C 3 .   ? 13.930  17.319  4.254   1.00 30.15 ? 534 HOH A O   1 
HETATM 1442 O O   . HOH C 3 .   ? 0.633   16.172  3.095   1.00 33.47 ? 535 HOH A O   1 
HETATM 1443 O O   . HOH C 3 .   ? 2.975   10.114  -11.153 1.00 35.43 ? 536 HOH A O   1 
HETATM 1444 O O   . HOH C 3 .   ? -8.039  -22.742 -7.307  1.00 35.10 ? 537 HOH A O   1 
HETATM 1445 O O   . HOH C 3 .   ? 5.492   -14.346 2.288   1.00 42.63 ? 538 HOH A O   1 
HETATM 1446 O O   . HOH C 3 .   ? 6.593   17.795  -16.856 1.00 34.57 ? 539 HOH A O   1 
HETATM 1447 O O   . HOH C 3 .   ? 8.009   19.994  2.022   1.00 36.05 ? 540 HOH A O   1 
HETATM 1448 O O   . HOH C 3 .   ? -0.465  15.603  7.798   1.00 29.90 ? 541 HOH A O   1 
HETATM 1449 O O   . HOH C 3 .   ? -0.443  -10.047 -4.944  1.00 30.32 ? 542 HOH A O   1 
HETATM 1450 O O   . HOH C 3 .   ? -2.825  13.832  4.729   1.00 36.36 ? 543 HOH A O   1 
HETATM 1451 O O   . HOH C 3 .   ? 17.443  4.869   4.600   1.00 32.41 ? 544 HOH A O   1 
HETATM 1452 O O   . HOH C 3 .   ? -1.658  -6.021  -2.780  1.00 36.70 ? 545 HOH A O   1 
HETATM 1453 O O   . HOH C 3 .   ? 13.538  18.549  -20.681 1.00 33.39 ? 546 HOH A O   1 
HETATM 1454 O O   . HOH C 3 .   ? 7.556   4.537   -6.785  1.00 48.31 ? 547 HOH A O   1 
HETATM 1455 O O   . HOH C 3 .   ? 8.860   6.368   -9.248  1.00 41.52 ? 548 HOH A O   1 
HETATM 1456 O O   . HOH C 3 .   ? -1.208  -16.518 -5.243  1.00 42.08 ? 549 HOH A O   1 
HETATM 1457 O O   . HOH C 3 .   ? -5.214  -9.838  -4.711  1.00 36.45 ? 550 HOH A O   1 
HETATM 1458 O O   . HOH C 3 .   ? -13.156 -24.135 -6.435  1.00 34.40 ? 551 HOH A O   1 
HETATM 1459 O O   . HOH C 3 .   ? 15.559  4.810   -11.492 1.00 40.69 ? 552 HOH A O   1 
HETATM 1460 O O   . HOH C 3 .   ? 2.500   15.985  -11.631 1.00 34.26 ? 553 HOH A O   1 
HETATM 1461 O O   . HOH C 3 .   ? 7.610   16.266  12.098  1.00 35.00 ? 554 HOH A O   1 
HETATM 1462 O O   . HOH C 3 .   ? 0.366   11.908  13.715  1.00 34.35 ? 555 HOH A O   1 
HETATM 1463 O O   . HOH C 3 .   ? -17.787 -23.281 -10.232 1.00 37.49 ? 556 HOH A O   1 
HETATM 1464 O O   . HOH C 3 .   ? -5.890  -6.879  -6.073  1.00 39.53 ? 557 HOH A O   1 
HETATM 1465 O O   . HOH C 3 .   ? -24.077 -24.438 0.054   1.00 35.37 ? 558 HOH A O   1 
HETATM 1466 O O   . HOH C 3 .   ? -19.410 -14.635 1.979   1.00 40.60 ? 559 HOH A O   1 
HETATM 1467 O O   . HOH C 3 .   ? 18.223  16.814  -15.078 1.00 36.25 ? 560 HOH A O   1 
HETATM 1468 O O   . HOH C 3 .   ? -7.031  -3.999  -5.170  1.00 42.10 ? 561 HOH A O   1 
HETATM 1469 O O   . HOH C 3 .   ? -18.526 -1.852  6.841   1.00 45.24 ? 562 HOH A O   1 
HETATM 1470 O O   . HOH C 3 .   ? 5.406   21.385  -2.586  1.00 59.17 ? 563 HOH A O   1 
HETATM 1471 O O   . HOH C 3 .   ? 20.121  12.127  -14.836 1.00 37.91 ? 564 HOH A O   1 
HETATM 1472 O O   . HOH C 3 .   ? -6.027  -11.404 -6.393  1.00 31.05 ? 565 HOH A O   1 
HETATM 1473 O O   . HOH C 3 .   ? -19.695 -17.021 2.123   1.00 29.05 ? 566 HOH A O   1 
HETATM 1474 O O   . HOH C 3 .   ? 2.697   -0.791  -4.480  1.00 47.61 ? 567 HOH A O   1 
HETATM 1475 O O   . HOH C 3 .   ? -4.898  10.308  8.268   1.00 33.64 ? 568 HOH A O   1 
HETATM 1476 O O   . HOH C 3 .   ? 19.625  16.553  6.993   1.00 43.45 ? 569 HOH A O   1 
HETATM 1477 O O   . HOH C 3 .   ? -8.879  -26.382 -6.116  1.00 44.02 ? 570 HOH A O   1 
HETATM 1478 O O   . HOH C 3 .   ? -19.238 -15.434 5.014   1.00 38.41 ? 571 HOH A O   1 
HETATM 1479 O O   . HOH C 3 .   ? -9.253  -3.254  18.816  1.00 34.94 ? 572 HOH A O   1 
HETATM 1480 O O   . HOH C 3 .   ? 6.446   15.090  -17.811 1.00 50.59 ? 573 HOH A O   1 
HETATM 1481 O O   . HOH C 3 .   ? 9.444   -2.277  -2.737  1.00 40.02 ? 574 HOH A O   1 
HETATM 1482 O O   . HOH C 3 .   ? 10.769  5.768   -11.138 1.00 39.17 ? 575 HOH A O   1 
HETATM 1483 O O   . HOH C 3 .   ? 6.100   18.977  5.711   1.00 46.63 ? 576 HOH A O   1 
HETATM 1484 O O   . HOH C 3 .   ? -7.334  -25.452 -1.646  1.00 42.07 ? 577 HOH A O   1 
HETATM 1485 O O   . HOH C 3 .   ? 18.773  13.002  8.019   1.00 40.77 ? 578 HOH A O   1 
HETATM 1486 O O   . HOH C 3 .   ? -4.752  -14.780 -9.607  1.00 35.47 ? 579 HOH A O   1 
HETATM 1487 O O   . HOH C 3 .   ? 6.140   18.415  8.591   1.00 38.19 ? 580 HOH A O   1 
HETATM 1488 O O   . HOH C 3 .   ? 8.903   -5.231  8.195   1.00 42.72 ? 581 HOH A O   1 
HETATM 1489 O O   . HOH C 3 .   ? -12.114 -11.657 12.415  1.00 41.74 ? 582 HOH A O   1 
HETATM 1490 O O   . HOH C 3 .   ? 7.078   17.134  -0.825  1.00 34.82 ? 583 HOH A O   1 
HETATM 1491 O O   . HOH C 3 .   ? -20.835 -25.435 -6.403  1.00 31.99 ? 584 HOH A O   1 
HETATM 1492 O O   . HOH C 3 .   ? 0.716   -0.289  -6.889  1.00 46.13 ? 585 HOH A O   1 
HETATM 1493 O O   . HOH C 3 .   ? 5.016   15.987  -13.304 1.00 36.00 ? 586 HOH A O   1 
HETATM 1494 O O   . HOH C 3 .   ? -14.996 -4.825  10.318  1.00 43.96 ? 587 HOH A O   1 
HETATM 1495 O O   . HOH C 3 .   ? 8.905   14.689  10.336  1.00 33.09 ? 588 HOH A O   1 
HETATM 1496 O O   . HOH C 3 .   ? 1.269   -6.337  11.174  1.00 35.88 ? 589 HOH A O   1 
HETATM 1497 O O   . HOH C 3 .   ? 19.628  12.281  12.547  1.00 59.00 ? 590 HOH A O   1 
HETATM 1498 O O   . HOH C 3 .   ? 0.843   19.011  -15.854 1.00 50.53 ? 591 HOH A O   1 
HETATM 1499 O O   . HOH C 3 .   ? 19.295  8.554   10.318  1.00 38.29 ? 592 HOH A O   1 
HETATM 1500 O O   . HOH C 3 .   ? -22.496 -14.408 6.351   1.00 42.47 ? 593 HOH A O   1 
HETATM 1501 O O   . HOH C 3 .   ? -0.801  19.280  -8.647  1.00 38.86 ? 594 HOH A O   1 
HETATM 1502 O O   . HOH C 3 .   ? 13.997  1.175   -2.722  1.00 38.49 ? 595 HOH A O   1 
HETATM 1503 O O   . HOH C 3 .   ? 18.614  15.246  -11.654 1.00 46.13 ? 596 HOH A O   1 
HETATM 1504 O O   . HOH C 3 .   ? 15.653  3.339   -2.037  1.00 40.45 ? 597 HOH A O   1 
HETATM 1505 O O   . HOH C 3 .   ? -2.202  -18.964 -4.245  1.00 40.00 ? 598 HOH A O   1 
HETATM 1506 O O   . HOH C 3 .   ? 6.077   -11.883 4.366   1.00 46.29 ? 599 HOH A O   1 
HETATM 1507 O O   . HOH C 3 .   ? 8.596   16.274  8.203   1.00 37.50 ? 600 HOH A O   1 
HETATM 1508 O O   . HOH C 3 .   ? 17.278  17.235  -10.654 1.00 32.35 ? 601 HOH A O   1 
HETATM 1509 O O   . HOH C 3 .   ? -3.036  -12.175 12.519  1.00 45.08 ? 602 HOH A O   1 
HETATM 1510 O O   . HOH C 3 .   ? -2.947  12.787  8.142   1.00 43.54 ? 603 HOH A O   1 
HETATM 1511 O O   . HOH C 3 .   ? 11.907  -6.253  12.530  1.00 48.27 ? 604 HOH A O   1 
HETATM 1512 O O   . HOH C 3 .   ? 7.902   3.859   14.821  1.00 60.90 ? 605 HOH A O   1 
HETATM 1513 O O   . HOH C 3 .   ? 6.990   21.691  -22.064 1.00 40.37 ? 606 HOH A O   1 
HETATM 1514 O O   . HOH C 3 .   ? -19.653 -15.566 -6.336  1.00 36.08 ? 607 HOH A O   1 
HETATM 1515 O O   . HOH C 3 .   ? 6.783   17.351  -20.007 1.00 49.10 ? 608 HOH A O   1 
HETATM 1516 O O   . HOH C 3 .   ? -0.528  14.196  -9.290  1.00 47.50 ? 609 HOH A O   1 
HETATM 1517 O O   . HOH C 3 .   ? 6.350   -1.955  -0.745  1.00 51.28 ? 610 HOH A O   1 
HETATM 1518 O O   . HOH C 3 .   ? 7.182   19.349  -2.388  1.00 41.35 ? 611 HOH A O   1 
HETATM 1519 O O   . HOH C 3 .   ? -8.233  7.103   1.453   1.00 39.90 ? 612 HOH A O   1 
HETATM 1520 O O   . HOH C 3 .   ? 3.109   19.992  -2.086  1.00 35.04 ? 613 HOH A O   1 
HETATM 1521 O O   . HOH C 3 .   ? 15.260  3.941   8.110   1.00 41.48 ? 614 HOH A O   1 
HETATM 1522 O O   . HOH C 3 .   ? -22.375 -21.129 2.986   1.00 34.93 ? 615 HOH A O   1 
HETATM 1523 O O   . HOH C 3 .   ? -6.514  12.550  5.184   1.00 38.83 ? 616 HOH A O   1 
HETATM 1524 O O   . HOH C 3 .   ? -0.410  18.548  7.155   1.00 50.11 ? 617 HOH A O   1 
HETATM 1525 O O   . HOH C 3 .   ? 9.585   4.687   -13.469 1.00 45.57 ? 618 HOH A O   1 
HETATM 1526 O O   . HOH C 3 .   ? 8.055   6.226   14.856  1.00 44.47 ? 619 HOH A O   1 
HETATM 1527 O O   . HOH C 3 .   ? -2.503  7.713   -2.802  1.00 42.91 ? 620 HOH A O   1 
HETATM 1528 O O   . HOH C 3 .   ? -4.828  -16.670 -10.902 1.00 34.16 ? 621 HOH A O   1 
HETATM 1529 O O   . HOH C 3 .   ? -3.766  -22.001 -2.178  1.00 33.69 ? 622 HOH A O   1 
HETATM 1530 O O   . HOH C 3 .   ? 19.397  8.711   -9.059  1.00 50.66 ? 623 HOH A O   1 
HETATM 1531 O O   . HOH C 3 .   ? -3.373  -7.634  -5.045  1.00 35.16 ? 624 HOH A O   1 
HETATM 1532 O O   . HOH C 3 .   ? 17.529  6.014   15.215  1.00 38.84 ? 625 HOH A O   1 
HETATM 1533 O O   . HOH C 3 .   ? -14.325 -29.565 -9.135  1.00 37.98 ? 626 HOH A O   1 
HETATM 1534 O O   . HOH C 3 .   ? 3.043   16.699  11.155  1.00 35.16 ? 627 HOH A O   1 
HETATM 1535 O O   . HOH C 3 .   ? -2.575  0.702   -7.614  1.00 44.70 ? 628 HOH A O   1 
HETATM 1536 O O   . HOH C 3 .   ? 10.792  5.331   -15.669 1.00 56.26 ? 629 HOH A O   1 
HETATM 1537 O O   . HOH C 3 .   ? -1.848  3.671   -7.695  1.00 45.72 ? 630 HOH A O   1 
HETATM 1538 O O   . HOH C 3 .   ? 8.476   20.109  5.952   1.00 41.89 ? 631 HOH A O   1 
HETATM 1539 O O   . HOH C 3 .   ? 2.073   21.139  7.264   1.00 46.09 ? 632 HOH A O   1 
HETATM 1540 O O   . HOH C 3 .   ? -17.737 -5.018  12.421  1.00 39.46 ? 633 HOH A O   1 
HETATM 1541 O O   . HOH C 3 .   ? 16.231  7.084   17.556  1.00 43.79 ? 634 HOH A O   1 
HETATM 1542 O O   . HOH C 3 .   ? 0.879   -8.734  -2.489  1.00 41.47 ? 635 HOH A O   1 
HETATM 1543 O O   . HOH C 3 .   ? 19.819  0.301   12.325  1.00 50.56 ? 636 HOH A O   1 
HETATM 1544 O O   . HOH C 3 .   ? 19.092  -3.307  9.788   1.00 35.49 ? 637 HOH A O   1 
HETATM 1545 O O   . HOH C 3 .   ? 15.934  14.570  10.995  1.00 46.56 ? 638 HOH A O   1 
HETATM 1546 O O   . HOH C 3 .   ? 15.186  9.629   16.536  1.00 37.26 ? 639 HOH A O   1 
HETATM 1547 O O   . HOH C 3 .   ? -1.688  13.273  -7.481  1.00 72.57 ? 640 HOH A O   1 
HETATM 1548 O O   . HOH C 3 .   ? 4.032   21.200  4.875   1.00 41.73 ? 641 HOH A O   1 
HETATM 1549 O O   . HOH C 3 .   ? 11.969  14.642  -24.834 1.00 48.71 ? 642 HOH A O   1 
HETATM 1550 O O   . HOH C 3 .   ? -20.397 -5.624  2.124   1.00 48.00 ? 643 HOH A O   1 
HETATM 1551 O O   . HOH C 3 .   ? -16.229 -4.437  7.710   1.00 32.44 ? 644 HOH A O   1 
HETATM 1552 O O   . HOH C 3 .   ? -4.098  5.965   13.454  1.00 46.79 ? 645 HOH A O   1 
HETATM 1553 O O   . HOH C 3 .   ? -16.023 3.324   6.714   1.00 30.42 ? 646 HOH A O   1 
# 
